data_8VDR
#
_entry.id   8VDR
#
_cell.length_a   1.00
_cell.length_b   1.00
_cell.length_c   1.00
_cell.angle_alpha   90.00
_cell.angle_beta   90.00
_cell.angle_gamma   90.00
#
_symmetry.space_group_name_H-M   'P 1'
#
_entity_poly.entity_id   1
_entity_poly.type   'polypeptide(L)'
_entity_poly.pdbx_seq_one_letter_code
;MHHHHHHHHHHMVSKGEELFTGVVPILVELDGDVNGHKFSVSGEGEGDATYGKLTLKFICTTGKLPVPWPTLVTTLTYGV
QCFSRYPDHMKQHDFFKSAMPEGYVQERTIFFKDDGNYKTRAEVKFEGDTLVNRIELKGIDFKEDGNILGHKLEYNYNSH
NVYIMADKQKNGIKVNFKIRHNIEDGSVQLADHYQQNTPIGDGPVLLPDNHYLSTQSALSKDPNEKRDHMVLLEFVTAAG
ITLGMDELYKGSLEVLFQGPAAAMVALSLKISIGNVVKTMQFEPSTMVYDACRMIRERIPEALAGPPNDFGLFLSDDDPK
KGIWLEAGKALDYYMLRNGDTMEYRKKQRPLKIRMLDGTVKTIMVDDSKTVTDMLMTICARIGITNHDEYSLVRELMEEK
KDEGTGTLRKDKTLLRDEKKMEKLKQKLHTDDELNWLDHGRTLREQGVEEHETLLLRRKFFYSDQNVDSRDPVQLNLLYV
QARDDILNGSHPVSFDKACEFAGFQCQIQFGPHNEQKHKAGFLDLKDFLPKEYVKQKGERKIFQAHKNCGQMSEIEAKVR
YVKLARSLKTYGVSFFLVKEKMKGKNKLVPRLLGITKECVMRVDEKTKEVIQEWSLTNIKRWAASPKSFTLDFGDYQDGY
YSVQTTEGEQIAQLIAGYIDIILKKKKSKDHFGLEGDEESTMLEDSVSPKKSTVLQQQYNRVGKVEHGSVALPAIMRSGA
SGPENFQVGSMPPAQQQITSGQMHRGHMPPLTSAQQALTGTINSSMQAVQAAQATLDDFETLPPLGQDAASKAWRKNKMD
ESKHEIHSQVDAITAGTASVVNLTAGDPAETDYTAVGCAVTTISSNLTEMSRGVKLLAALLEDEGGNGRPLLQAAKGLAG
AVSELLRSAQPASAEPRQNLLLAAGNVGQASGELLQQIGESDTDPHFQDVLMQLANAVASAAAALVLKAKSVAQRTEDSG
LQTQVIAAATQCALSTSQLVACTKVVAPTISSPVCQEQLVEAGRLVAKAVEGCVSASQAATEDGQLLRGVGAAATAVTQA
LNELLQHVKAHATGAGPAGRYDQATDTILTVTENIFSSMGDAGEMVRQARILAQATSDLVNAIKADAEGESDLENSRKLL
SAAKILADATAKMVEAAKGAAAHPDSEEQQQRLREAAEGLRMATNAAAQNAIKKKLVQRLEHAAKQAAASATQTIAAAQH
AASAPKASAGPQPLLVQSCKAVAEQIPLLVQGVRGSQAQPDSPSAQLALIAASQSFLQPGGKMVAAAKASVPTIQDQASA
MQLSQCAKNLGTALAELRTAAQKAQEACGPLEMDSALSVVQNLEKDLQEIKAAARDGKLKPLPGETMEKCTQDLGNSTKA
VSSAIAKLLGEIAQGNENYAGIAARDVAGGLRSLAQAARGVAALTSDPAVQAIVLDTASDVLDKASSLIEEAKKASGHPG
DPESQQRLAQVAKAVTQALNRCVSCLPGQRDVDNALRAVGDASKRLLSDLLPPSTGTFQEAQSRLNEAAAGLNQAATELV
QASRGTPQDLARASGRFGQDFSTFLEAGVEMAGQAPSQEDRAQVVSNLKGISMSSSKLLLAAKALSTDPASPNLKSQLAA
AARAVTDSINQLITMCTQQAPGQKECDNALRQLETVRELLENPVQPINDMSYFGCLDSVMENSKVLGEAMTGISQNAKNG
NLPEFGDAIATASKALCGFTEAAAQAAYLVGVSDPNSQAGQQGLVEPTQFARANQAIQMACQSLGEPGCTQAQVLSAATI
VAKHTSALCNSCRLASARTANPTAKRQFVQSAKEVANSTANLVKTIKALDGDFTEENRAQCRAATAPLLEAVDNLSAFAS
NPEFSSVPAQISPEGRAAMEPIVISAKTMLESAGGLIQTARALAVNPRDPPRWSVLAGHSRTVSDSIKKLITSMRDKAPG
QLECETAIAALNSCLRDLDQASLAAVSQQLAPREGISQEALHTQMLTAVQEISHLIEPLASAARAEASQLGHKVSQMAQY
FEPLTLAAVGAASKTLSHPQQMALLDQTKTLAESALQLLYTAKEAGGNPKQAAHTQEALEEAVQMMTEAVEDLTTTLNEA
ASAAGVVGGMVDSITQAINQLDEGPMGDPEGSFVDYQTTMVRTAKAIAVTVQEMVTKSNTSPEELGPLANQLTSDYGRLA
SQAKPAAVAAENEEIGAHIKHRVQELGHGCSALVTKAGALQCSPSDVYTKKELIECARRVSEKVSHVLAALQAGNRGTQA
CITAASAVSGIIADLDTTIMFATAGTLNREGAETFADHREGILKTAKVLVEDTKVLVQNAAGSQEKLAQAAQSSVATITR
LADVVKLGAASLGAEDPETQVVLINAVKDVAKALGDLISATKAAAGKVGDDPAVWQLKNSAKVMVTNVTSLLKTVKAVED
EATKGTRALEATTEHIRQELAVFCSPEPPAKTSTPEDFIRMTKGITMATAKAVAAGNSCRQEDVIATANLSRRAIADMLR
ACKEAAFHPEVAPDVRLRALHYGRECANGYLELLDHVLLTLQKPNPDLKQQLTGHSKRVAGSVTELIQAAEAMKGTEWVD
PEDPTVIAENELLGAAAAIEAAAKKLEQLKPRAKPKEADESLNFEEQILEAVKSIAAATSALVKAASAAQRELVAQGKVG
AIPANALDDGQWSQGLISAARMVAAATNNLCEAANAAVQGHASQEKLISSAKQVAASTAQLLVACKVKADQDSEAMKRLQ
AAGNAVKRASDNLVKAAQKAAAFEDQENETVVVKEKMVGGIAQIIAAQEEMLRKERELEEARKKLAQIRQQQYKFLPSEL
RDEH
;
_entity_poly.pdbx_strand_id   A
#
# COMPACT_ATOMS: atom_id res chain seq x y z
N ASP A 471 -15.48 69.90 38.22
CA ASP A 471 -14.10 70.15 37.85
C ASP A 471 -13.88 69.86 36.37
N PRO A 472 -14.02 70.89 35.52
CA PRO A 472 -13.94 70.68 34.08
C PRO A 472 -12.53 70.61 33.53
N VAL A 473 -11.52 71.15 34.23
CA VAL A 473 -10.16 71.15 33.68
C VAL A 473 -9.61 69.74 33.60
N GLN A 474 -9.68 68.98 34.69
CA GLN A 474 -9.20 67.61 34.67
C GLN A 474 -10.03 66.76 33.73
N LEU A 475 -11.34 67.00 33.65
CA LEU A 475 -12.18 66.25 32.73
C LEU A 475 -11.76 66.50 31.29
N ASN A 476 -11.46 67.75 30.95
CA ASN A 476 -11.02 68.07 29.59
C ASN A 476 -9.65 67.47 29.30
N LEU A 477 -8.75 67.46 30.29
CA LEU A 477 -7.45 66.82 30.09
C LEU A 477 -7.60 65.32 29.89
N LEU A 478 -8.47 64.67 30.66
CA LEU A 478 -8.76 63.26 30.46
C LEU A 478 -9.32 63.04 29.06
N TYR A 479 -10.24 63.91 28.64
CA TYR A 479 -10.77 63.89 27.28
C TYR A 479 -9.65 63.90 26.24
N VAL A 480 -8.72 64.85 26.36
CA VAL A 480 -7.69 65.01 25.34
C VAL A 480 -6.76 63.81 25.33
N GLN A 481 -6.34 63.35 26.51
CA GLN A 481 -5.39 62.24 26.54
C GLN A 481 -6.04 60.94 26.10
N ALA A 482 -7.34 60.78 26.35
CA ALA A 482 -8.04 59.61 25.84
C ALA A 482 -8.17 59.67 24.33
N ARG A 483 -8.43 60.86 23.78
CA ARG A 483 -8.40 61.02 22.32
C ARG A 483 -7.04 60.63 21.76
N ASP A 484 -5.96 61.06 22.42
CA ASP A 484 -4.63 60.63 21.99
C ASP A 484 -4.50 59.11 22.03
N ASP A 485 -4.86 58.50 23.16
CA ASP A 485 -4.69 57.06 23.35
C ASP A 485 -5.49 56.26 22.32
N ILE A 486 -6.66 56.77 21.92
CA ILE A 486 -7.53 55.97 21.06
C ILE A 486 -7.20 56.21 19.59
N LEU A 487 -7.00 57.47 19.19
CA LEU A 487 -6.93 57.77 17.77
C LEU A 487 -5.62 57.28 17.16
N ASN A 488 -4.55 57.27 17.95
CA ASN A 488 -3.29 56.73 17.45
C ASN A 488 -3.30 55.21 17.33
N GLY A 489 -4.33 54.54 17.85
CA GLY A 489 -4.36 53.10 17.87
C GLY A 489 -3.75 52.45 19.10
N SER A 490 -3.31 53.24 20.07
CA SER A 490 -2.75 52.72 21.30
C SER A 490 -3.79 52.09 22.22
N HIS A 491 -5.07 52.23 21.90
CA HIS A 491 -6.13 51.67 22.73
C HIS A 491 -7.09 50.90 21.83
N PRO A 492 -7.30 49.60 22.08
CA PRO A 492 -8.16 48.79 21.21
C PRO A 492 -9.64 49.10 21.45
N VAL A 493 -10.28 49.65 20.43
CA VAL A 493 -11.69 50.02 20.50
C VAL A 493 -12.37 49.56 19.22
N SER A 494 -13.48 48.84 19.36
CA SER A 494 -14.17 48.31 18.21
C SER A 494 -14.74 49.45 17.38
N PHE A 495 -15.09 49.14 16.13
CA PHE A 495 -15.50 50.19 15.19
C PHE A 495 -16.76 50.88 15.68
N ASP A 496 -17.71 50.12 16.22
CA ASP A 496 -18.94 50.72 16.74
C ASP A 496 -18.64 51.62 17.93
N LYS A 497 -17.84 51.12 18.87
CA LYS A 497 -17.46 51.93 20.02
C LYS A 497 -16.67 53.16 19.57
N ALA A 498 -15.80 53.00 18.57
CA ALA A 498 -15.11 54.14 18.00
C ALA A 498 -16.09 55.09 17.32
N CYS A 499 -17.24 54.58 16.88
CA CYS A 499 -18.25 55.45 16.28
C CYS A 499 -18.92 56.30 17.34
N GLU A 500 -19.20 55.72 18.51
CA GLU A 500 -19.65 56.58 19.61
C GLU A 500 -18.56 57.58 20.01
N PHE A 501 -17.29 57.15 19.99
CA PHE A 501 -16.20 58.08 20.26
C PHE A 501 -16.20 59.24 19.26
N ALA A 502 -16.38 58.94 17.98
CA ALA A 502 -16.44 59.98 16.96
C ALA A 502 -17.66 60.86 17.14
N GLY A 503 -18.76 60.28 17.63
CA GLY A 503 -19.91 61.08 17.99
C GLY A 503 -19.58 62.11 19.06
N PHE A 504 -18.84 61.69 20.09
CA PHE A 504 -18.36 62.65 21.08
C PHE A 504 -17.45 63.68 20.43
N GLN A 505 -16.60 63.23 19.52
CA GLN A 505 -15.70 64.14 18.81
C GLN A 505 -16.47 65.26 18.15
N CYS A 506 -17.47 64.90 17.36
CA CYS A 506 -18.28 65.92 16.67
C CYS A 506 -19.10 66.73 17.66
N GLN A 507 -19.56 66.10 18.74
CA GLN A 507 -20.32 66.84 19.74
C GLN A 507 -19.48 67.94 20.38
N ILE A 508 -18.18 67.75 20.49
CA ILE A 508 -17.34 68.76 21.13
C ILE A 508 -16.75 69.73 20.11
N GLN A 509 -15.94 69.24 19.18
CA GLN A 509 -15.21 70.13 18.28
C GLN A 509 -16.00 70.56 17.06
N PHE A 510 -16.93 69.74 16.59
CA PHE A 510 -17.93 70.21 15.63
C PHE A 510 -19.19 70.71 16.33
N GLY A 511 -19.25 70.62 17.65
CA GLY A 511 -20.37 71.12 18.41
C GLY A 511 -21.65 70.36 18.12
N PRO A 512 -22.79 70.96 18.46
CA PRO A 512 -24.07 70.34 18.10
C PRO A 512 -24.20 70.28 16.58
N HIS A 513 -24.15 69.07 16.05
CA HIS A 513 -24.11 68.88 14.61
C HIS A 513 -25.48 69.14 13.99
N ASN A 514 -25.47 69.73 12.80
CA ASN A 514 -26.68 69.99 12.04
C ASN A 514 -26.95 68.81 11.13
N GLU A 515 -28.20 68.32 11.16
CA GLU A 515 -28.56 67.18 10.33
C GLU A 515 -28.39 67.49 8.85
N GLN A 516 -28.80 68.69 8.44
CA GLN A 516 -28.66 69.11 7.05
C GLN A 516 -27.23 69.29 6.60
N LYS A 517 -26.36 69.86 7.45
CA LYS A 517 -25.07 70.33 6.96
C LYS A 517 -23.95 69.32 7.24
N HIS A 518 -24.11 68.46 8.23
CA HIS A 518 -23.05 67.52 8.61
C HIS A 518 -23.22 66.22 7.82
N LYS A 519 -22.85 66.29 6.54
CA LYS A 519 -22.82 65.13 5.66
C LYS A 519 -21.36 64.80 5.34
N ALA A 520 -21.16 63.80 4.48
CA ALA A 520 -19.82 63.39 4.10
C ALA A 520 -19.23 64.39 3.09
N GLY A 521 -17.91 64.54 3.15
CA GLY A 521 -17.18 65.44 2.31
C GLY A 521 -16.31 66.44 3.05
N PHE A 522 -16.70 66.81 4.28
CA PHE A 522 -15.90 67.72 5.08
C PHE A 522 -15.39 67.11 6.37
N LEU A 523 -15.82 65.90 6.70
CA LEU A 523 -15.33 65.19 7.88
C LEU A 523 -14.10 64.38 7.49
N ASP A 524 -12.96 64.70 8.09
CA ASP A 524 -11.72 63.99 7.79
C ASP A 524 -11.55 62.81 8.72
N LEU A 525 -11.78 61.61 8.19
CA LEU A 525 -11.76 60.37 8.98
C LEU A 525 -10.41 60.10 9.63
N LYS A 526 -9.30 60.37 8.94
CA LYS A 526 -7.99 59.96 9.44
C LYS A 526 -7.69 60.60 10.79
N ASP A 527 -8.01 61.89 10.94
CA ASP A 527 -7.83 62.60 12.20
C ASP A 527 -9.08 62.57 13.06
N PHE A 528 -10.07 61.75 12.70
CA PHE A 528 -11.33 61.67 13.42
C PHE A 528 -11.61 60.28 13.98
N LEU A 529 -10.89 59.26 13.52
CA LEU A 529 -11.03 57.89 13.97
C LEU A 529 -9.65 57.26 14.07
N PRO A 530 -9.50 56.19 14.84
CA PRO A 530 -8.22 55.48 14.85
C PRO A 530 -7.86 55.02 13.44
N LYS A 531 -6.58 55.18 13.10
CA LYS A 531 -6.13 54.97 11.72
C LYS A 531 -6.35 53.55 11.24
N GLU A 532 -6.52 52.59 12.15
CA GLU A 532 -6.86 51.24 11.73
C GLU A 532 -8.31 51.14 11.25
N TYR A 533 -9.21 51.90 11.84
CA TYR A 533 -10.63 51.86 11.48
C TYR A 533 -11.08 53.03 10.62
N VAL A 534 -10.18 53.91 10.19
CA VAL A 534 -10.58 54.97 9.27
C VAL A 534 -10.92 54.39 7.90
N LYS A 535 -10.19 53.35 7.49
CA LYS A 535 -10.41 52.71 6.20
C LYS A 535 -11.65 51.82 6.19
N GLN A 536 -12.23 51.51 7.36
CA GLN A 536 -13.49 50.77 7.39
C GLN A 536 -14.63 51.60 6.83
N LYS A 537 -14.45 52.91 6.70
CA LYS A 537 -15.30 53.80 5.90
C LYS A 537 -16.79 53.58 6.14
N GLY A 538 -17.18 53.43 7.40
CA GLY A 538 -18.60 53.43 7.73
C GLY A 538 -19.10 54.84 7.98
N GLU A 539 -18.85 55.74 7.01
CA GLU A 539 -19.04 57.16 7.26
C GLU A 539 -20.48 57.49 7.63
N ARG A 540 -21.45 57.01 6.84
CA ARG A 540 -22.85 57.29 7.16
C ARG A 540 -23.25 56.56 8.44
N LYS A 541 -22.65 55.39 8.69
CA LYS A 541 -22.87 54.71 9.95
C LYS A 541 -22.38 55.58 11.11
N ILE A 542 -21.19 56.16 10.96
CA ILE A 542 -20.69 57.10 11.96
C ILE A 542 -21.63 58.30 12.07
N PHE A 543 -22.35 58.61 10.98
CA PHE A 543 -23.27 59.73 11.01
C PHE A 543 -24.51 59.43 11.84
N GLN A 544 -25.10 58.24 11.67
CA GLN A 544 -26.19 57.94 12.59
C GLN A 544 -25.67 57.71 14.00
N ALA A 545 -24.38 57.41 14.16
CA ALA A 545 -23.79 57.48 15.49
C ALA A 545 -23.79 58.91 16.02
N HIS A 546 -23.57 59.88 15.13
CA HIS A 546 -23.67 61.28 15.53
C HIS A 546 -25.08 61.62 16.00
N LYS A 547 -26.09 61.17 15.23
CA LYS A 547 -27.46 61.36 15.71
C LYS A 547 -27.72 60.59 16.99
N ASN A 548 -27.05 59.44 17.18
CA ASN A 548 -27.15 58.73 18.44
C ASN A 548 -26.68 59.59 19.60
N CYS A 549 -25.49 60.19 19.48
CA CYS A 549 -25.09 61.15 20.50
C CYS A 549 -25.86 62.46 20.39
N GLY A 550 -26.43 62.74 19.22
CA GLY A 550 -27.28 63.91 19.05
C GLY A 550 -26.51 65.20 19.22
N GLN A 551 -27.24 66.22 19.66
CA GLN A 551 -26.68 67.52 19.99
C GLN A 551 -26.66 67.77 21.49
N MET A 552 -26.67 66.72 22.30
CA MET A 552 -26.79 66.85 23.75
C MET A 552 -25.56 67.55 24.34
N SER A 553 -25.68 67.92 25.61
CA SER A 553 -24.76 68.87 26.24
C SER A 553 -23.31 68.40 26.15
N GLU A 554 -22.42 69.37 25.91
CA GLU A 554 -21.01 69.09 25.70
C GLU A 554 -20.31 68.55 26.94
N ILE A 555 -20.60 69.08 28.12
CA ILE A 555 -19.94 68.58 29.33
C ILE A 555 -20.43 67.20 29.68
N GLU A 556 -21.73 66.94 29.50
CA GLU A 556 -22.22 65.57 29.67
C GLU A 556 -21.76 64.68 28.54
N ALA A 557 -21.57 65.23 27.34
CA ALA A 557 -20.88 64.47 26.29
C ALA A 557 -19.47 64.12 26.74
N LYS A 558 -18.79 65.06 27.39
CA LYS A 558 -17.45 64.80 27.90
C LYS A 558 -17.45 63.66 28.92
N VAL A 559 -18.42 63.69 29.84
CA VAL A 559 -18.45 62.66 30.88
C VAL A 559 -18.83 61.30 30.30
N ARG A 560 -19.74 61.28 29.32
CA ARG A 560 -20.05 60.00 28.69
C ARG A 560 -18.85 59.47 27.92
N TYR A 561 -18.13 60.35 27.21
CA TYR A 561 -16.87 59.96 26.58
C TYR A 561 -15.92 59.31 27.58
N VAL A 562 -15.66 60.01 28.69
CA VAL A 562 -14.65 59.53 29.61
C VAL A 562 -15.09 58.22 30.24
N LYS A 563 -16.36 58.09 30.61
CA LYS A 563 -16.80 56.88 31.29
C LYS A 563 -16.93 55.70 30.34
N LEU A 564 -17.28 55.95 29.08
CA LEU A 564 -17.28 54.86 28.11
C LEU A 564 -15.87 54.38 27.81
N ALA A 565 -14.90 55.30 27.78
CA ALA A 565 -13.51 54.89 27.65
C ALA A 565 -13.07 54.11 28.90
N ARG A 566 -13.49 54.56 30.08
CA ARG A 566 -13.03 53.96 31.32
C ARG A 566 -13.58 52.56 31.52
N SER A 567 -14.89 52.39 31.35
CA SER A 567 -15.54 51.12 31.65
C SER A 567 -14.99 49.99 30.77
N LEU A 568 -14.53 50.33 29.56
CA LEU A 568 -13.94 49.33 28.69
C LEU A 568 -12.75 48.67 29.38
N LYS A 569 -12.75 47.33 29.38
CA LYS A 569 -11.78 46.56 30.15
C LYS A 569 -10.35 46.79 29.69
N THR A 570 -10.15 47.36 28.52
CA THR A 570 -8.82 47.63 27.99
C THR A 570 -8.28 48.99 28.41
N TYR A 571 -8.72 49.52 29.55
CA TYR A 571 -8.18 50.78 30.07
C TYR A 571 -6.97 50.46 30.94
N GLY A 572 -6.07 51.44 31.07
CA GLY A 572 -5.03 51.39 32.06
C GLY A 572 -3.97 50.37 31.75
N VAL A 573 -3.86 49.97 30.49
CA VAL A 573 -3.06 48.84 30.07
C VAL A 573 -2.49 49.10 28.69
N SER A 574 -1.19 48.85 28.55
CA SER A 574 -0.54 49.00 27.27
C SER A 574 -0.94 47.86 26.34
N PHE A 575 -0.79 48.10 25.04
CA PHE A 575 -1.14 47.09 24.05
C PHE A 575 -0.10 46.99 22.95
N PHE A 576 0.04 45.77 22.45
CA PHE A 576 1.08 45.40 21.50
C PHE A 576 0.46 44.50 20.45
N LEU A 577 0.86 44.68 19.20
CA LEU A 577 0.48 43.75 18.15
C LEU A 577 1.48 42.60 18.14
N VAL A 578 1.04 41.42 18.55
CA VAL A 578 1.90 40.24 18.61
C VAL A 578 1.23 39.13 17.81
N LYS A 579 1.99 38.52 16.92
CA LYS A 579 1.44 37.44 16.10
C LYS A 579 1.29 36.19 16.95
N GLU A 580 0.08 35.66 17.02
CA GLU A 580 -0.20 34.47 17.81
C GLU A 580 -0.50 33.30 16.89
N LYS A 581 -0.10 32.11 17.31
CA LYS A 581 -0.26 30.89 16.53
C LYS A 581 -1.58 30.23 16.90
N MET A 582 -2.45 30.05 15.91
CA MET A 582 -3.67 29.30 16.12
C MET A 582 -3.34 27.86 16.47
N LYS A 583 -4.17 27.25 17.28
CA LYS A 583 -3.98 25.85 17.62
C LYS A 583 -4.55 24.99 16.51
N GLY A 584 -3.70 24.24 15.82
CA GLY A 584 -4.16 23.32 14.81
C GLY A 584 -3.59 23.54 13.43
N LYS A 585 -2.98 24.70 13.22
CA LYS A 585 -2.40 25.06 11.92
C LYS A 585 -1.08 25.76 12.14
N ASN A 586 -0.21 25.67 11.15
CA ASN A 586 1.03 26.44 11.15
C ASN A 586 0.79 27.86 10.63
N LYS A 587 -0.22 28.52 11.22
CA LYS A 587 -0.65 29.85 10.81
C LYS A 587 -0.42 30.81 11.96
N LEU A 588 -0.60 32.10 11.69
CA LEU A 588 -0.41 33.14 12.69
C LEU A 588 -1.50 34.18 12.56
N VAL A 589 -2.05 34.61 13.68
CA VAL A 589 -3.10 35.63 13.68
C VAL A 589 -2.78 36.71 14.71
N PRO A 590 -3.21 37.95 14.48
CA PRO A 590 -2.95 39.01 15.44
C PRO A 590 -3.73 38.80 16.73
N ARG A 591 -3.14 39.22 17.84
CA ARG A 591 -3.80 39.30 19.13
C ARG A 591 -3.24 40.51 19.87
N LEU A 592 -4.10 41.48 20.18
CA LEU A 592 -3.66 42.66 20.93
C LEU A 592 -3.55 42.27 22.40
N LEU A 593 -2.39 41.72 22.75
CA LEU A 593 -2.18 41.25 24.11
C LEU A 593 -2.18 42.44 25.07
N GLY A 594 -2.85 42.26 26.20
CA GLY A 594 -3.00 43.31 27.18
C GLY A 594 -2.19 43.03 28.42
N ILE A 595 -1.48 44.06 28.89
CA ILE A 595 -0.62 43.97 30.07
C ILE A 595 -1.16 44.91 31.13
N THR A 596 -1.44 44.37 32.31
CA THR A 596 -2.09 45.11 33.38
C THR A 596 -1.20 45.10 34.61
N LYS A 597 -1.46 46.05 35.52
CA LYS A 597 -0.81 46.04 36.81
C LYS A 597 -1.12 44.77 37.60
N GLU A 598 -2.21 44.08 37.25
CA GLU A 598 -2.60 42.84 37.90
C GLU A 598 -2.95 41.70 36.96
N CYS A 599 -3.06 41.95 35.65
CA CYS A 599 -3.68 41.01 34.74
C CYS A 599 -2.80 40.72 33.53
N VAL A 600 -2.94 39.49 33.02
CA VAL A 600 -2.49 39.10 31.70
C VAL A 600 -3.73 38.68 30.91
N MET A 601 -4.03 39.40 29.84
CA MET A 601 -5.26 39.14 29.10
C MET A 601 -4.98 39.03 27.61
N ARG A 602 -5.49 37.97 27.00
CA ARG A 602 -5.55 37.87 25.55
C ARG A 602 -6.81 38.54 25.04
N VAL A 603 -6.63 39.44 24.07
CA VAL A 603 -7.73 40.25 23.53
C VAL A 603 -7.73 40.09 22.02
N ASP A 604 -8.91 39.83 21.45
CA ASP A 604 -8.99 39.62 20.02
C ASP A 604 -8.69 40.90 19.25
N GLU A 605 -8.12 40.73 18.06
CA GLU A 605 -7.76 41.87 17.22
C GLU A 605 -9.00 42.63 16.75
N LYS A 606 -10.05 41.92 16.35
CA LYS A 606 -11.20 42.58 15.77
C LYS A 606 -12.15 43.16 16.80
N THR A 607 -12.63 42.33 17.73
CA THR A 607 -13.57 42.77 18.75
C THR A 607 -13.00 43.83 19.67
N LYS A 608 -11.67 43.87 19.84
CA LYS A 608 -11.03 44.73 20.83
C LYS A 608 -11.61 44.43 22.21
N GLU A 609 -11.97 43.17 22.44
CA GLU A 609 -12.63 42.74 23.66
C GLU A 609 -11.93 41.50 24.20
N VAL A 610 -11.92 41.37 25.52
CA VAL A 610 -11.14 40.32 26.17
C VAL A 610 -11.74 38.95 25.83
N ILE A 611 -10.88 38.05 25.34
CA ILE A 611 -11.30 36.66 25.17
C ILE A 611 -10.87 35.79 26.35
N GLN A 612 -9.80 36.16 27.05
CA GLN A 612 -9.35 35.37 28.18
C GLN A 612 -8.54 36.28 29.09
N GLU A 613 -8.52 35.92 30.38
CA GLU A 613 -7.91 36.75 31.41
C GLU A 613 -7.04 35.89 32.33
N TRP A 614 -5.90 36.43 32.72
CA TRP A 614 -5.02 35.80 33.70
C TRP A 614 -4.54 36.85 34.68
N SER A 615 -4.34 36.45 35.93
CA SER A 615 -3.70 37.32 36.91
C SER A 615 -2.19 37.15 36.83
N LEU A 616 -1.47 38.22 37.21
CA LEU A 616 -0.01 38.17 37.16
C LEU A 616 0.56 37.13 38.11
N THR A 617 -0.01 37.04 39.32
CA THR A 617 0.56 36.21 40.38
C THR A 617 0.81 34.77 39.97
N ASN A 618 0.24 34.31 38.85
CA ASN A 618 0.40 32.93 38.44
C ASN A 618 1.59 32.69 37.52
N ILE A 619 2.20 33.75 36.97
CA ILE A 619 3.39 33.56 36.16
C ILE A 619 4.50 32.98 37.04
N LYS A 620 5.37 32.17 36.43
CA LYS A 620 6.48 31.58 37.16
C LYS A 620 7.82 31.82 36.50
N ARG A 621 7.88 31.81 35.17
CA ARG A 621 9.13 32.14 34.48
C ARG A 621 8.81 32.59 33.07
N TRP A 622 9.06 33.87 32.79
CA TRP A 622 8.95 34.42 31.45
C TRP A 622 10.29 34.25 30.75
N ALA A 623 10.42 34.86 29.57
CA ALA A 623 11.67 34.75 28.81
C ALA A 623 11.69 35.83 27.75
N ALA A 624 12.89 36.20 27.29
CA ALA A 624 13.07 37.17 26.24
C ALA A 624 13.82 36.54 25.08
N SER A 625 13.34 36.81 23.87
CA SER A 625 13.95 36.32 22.64
C SER A 625 14.05 37.49 21.68
N PRO A 626 14.98 37.45 20.73
CA PRO A 626 15.08 38.54 19.75
C PRO A 626 13.79 38.74 18.98
N LYS A 627 12.98 37.69 18.91
CA LYS A 627 11.71 37.74 18.20
C LYS A 627 10.55 37.11 18.94
N SER A 628 10.75 36.58 20.15
CA SER A 628 9.70 35.82 20.82
C SER A 628 9.53 36.30 22.26
N PHE A 629 8.34 36.06 22.79
CA PHE A 629 8.02 36.29 24.20
C PHE A 629 7.22 35.11 24.69
N THR A 630 7.89 34.15 25.32
CA THR A 630 7.23 32.96 25.84
C THR A 630 6.78 33.22 27.27
N LEU A 631 5.54 32.84 27.56
CA LEU A 631 4.94 33.05 28.87
C LEU A 631 4.31 31.73 29.31
N ASP A 632 4.34 31.48 30.61
CA ASP A 632 3.88 30.19 31.12
C ASP A 632 3.00 30.39 32.34
N PHE A 633 2.16 29.41 32.61
CA PHE A 633 1.39 29.39 33.84
C PHE A 633 1.56 28.10 34.61
N GLY A 634 1.55 26.95 33.93
CA GLY A 634 1.76 25.67 34.58
C GLY A 634 0.58 25.20 35.40
N ASP A 635 0.03 26.10 36.22
CA ASP A 635 -0.96 25.74 37.23
C ASP A 635 -2.35 25.55 36.63
N TYR A 636 -2.89 26.61 36.01
CA TYR A 636 -4.30 26.61 35.65
C TYR A 636 -4.56 25.74 34.43
N GLN A 637 -3.90 26.06 33.31
CA GLN A 637 -4.00 25.25 32.10
C GLN A 637 -2.69 24.51 31.91
N ASP A 638 -2.77 23.21 31.68
CA ASP A 638 -1.57 22.42 31.42
C ASP A 638 -1.06 22.78 30.04
N GLY A 639 -0.14 23.74 29.99
CA GLY A 639 0.30 24.32 28.74
C GLY A 639 0.59 25.79 28.97
N TYR A 640 1.47 26.34 28.15
CA TYR A 640 1.94 27.70 28.33
C TYR A 640 1.48 28.59 27.18
N TYR A 641 1.95 29.82 27.21
CA TYR A 641 1.53 30.85 26.26
C TYR A 641 2.77 31.36 25.53
N SER A 642 3.00 30.83 24.33
CA SER A 642 4.16 31.20 23.53
C SER A 642 3.71 32.09 22.39
N VAL A 643 4.19 33.32 22.37
CA VAL A 643 3.86 34.27 21.30
C VAL A 643 5.13 35.01 20.90
N GLN A 644 5.33 35.16 19.60
CA GLN A 644 6.52 35.82 19.08
C GLN A 644 6.24 37.29 18.85
N THR A 645 7.29 38.10 18.99
CA THR A 645 7.20 39.53 18.73
C THR A 645 8.59 40.13 18.74
N THR A 646 8.79 41.11 17.86
CA THR A 646 10.07 41.81 17.80
C THR A 646 10.37 42.56 19.09
N GLU A 647 9.36 42.92 19.86
CA GLU A 647 9.52 43.63 21.11
C GLU A 647 9.41 42.72 22.33
N GLY A 648 9.90 41.49 22.20
CA GLY A 648 9.88 40.57 23.32
C GLY A 648 10.75 41.03 24.48
N GLU A 649 11.84 41.75 24.17
CA GLU A 649 12.74 42.20 25.22
C GLU A 649 12.06 43.20 26.16
N GLN A 650 11.44 44.23 25.59
CA GLN A 650 10.78 45.24 26.42
C GLN A 650 9.60 44.65 27.18
N ILE A 651 8.84 43.76 26.54
CA ILE A 651 7.74 43.10 27.22
C ILE A 651 8.26 42.27 28.39
N ALA A 652 9.38 41.57 28.17
CA ALA A 652 9.95 40.73 29.21
C ALA A 652 10.41 41.57 30.41
N GLN A 653 11.13 42.65 30.15
CA GLN A 653 11.57 43.48 31.27
C GLN A 653 10.41 44.14 31.98
N LEU A 654 9.39 44.58 31.22
CA LEU A 654 8.23 45.20 31.82
C LEU A 654 7.48 44.22 32.71
N ILE A 655 7.26 43.00 32.23
CA ILE A 655 6.55 42.02 33.03
C ILE A 655 7.40 41.59 34.21
N ALA A 656 8.73 41.59 34.07
CA ALA A 656 9.59 41.32 35.21
C ALA A 656 9.39 42.36 36.31
N GLY A 657 9.38 43.64 35.94
CA GLY A 657 9.11 44.67 36.93
C GLY A 657 7.73 44.55 37.54
N TYR A 658 6.73 44.25 36.71
CA TYR A 658 5.36 44.11 37.21
C TYR A 658 5.26 42.99 38.23
N ILE A 659 5.82 41.82 37.91
CA ILE A 659 5.75 40.70 38.85
C ILE A 659 6.61 40.95 40.07
N ASP A 660 7.70 41.70 39.94
CA ASP A 660 8.48 42.07 41.10
C ASP A 660 7.66 42.93 42.05
N ILE A 661 6.90 43.88 41.51
CA ILE A 661 6.01 44.69 42.33
C ILE A 661 4.94 43.82 42.98
N ILE A 662 4.39 42.88 42.21
CA ILE A 662 3.35 42.00 42.74
C ILE A 662 3.88 41.16 43.90
N LEU A 663 5.12 40.67 43.79
CA LEU A 663 5.71 39.89 44.87
C LEU A 663 6.08 40.77 46.06
N LYS A 664 6.53 42.00 45.80
CA LYS A 664 6.89 42.91 46.88
C LYS A 664 5.66 43.41 47.65
N LYS A 665 4.48 43.38 47.03
CA LYS A 665 3.27 43.74 47.76
C LYS A 665 3.02 42.76 48.90
N LYS A 666 3.13 41.46 48.62
CA LYS A 666 3.00 40.42 49.64
C LYS A 666 4.39 39.97 50.09
N LYS A 667 5.11 40.90 50.72
CA LYS A 667 6.47 40.66 51.17
C LYS A 667 6.53 40.67 52.69
N SER A 668 7.36 39.77 53.23
CA SER A 668 7.52 39.65 54.68
C SER A 668 8.73 40.43 55.16
N MET A 748 40.41 11.63 29.53
CA MET A 748 39.35 11.80 30.50
C MET A 748 38.71 10.47 30.88
N PRO A 749 39.10 9.92 32.03
CA PRO A 749 38.51 8.66 32.49
C PRO A 749 36.99 8.72 32.58
N PRO A 750 36.39 9.84 33.05
CA PRO A 750 34.91 9.88 33.04
C PRO A 750 34.36 9.86 31.62
N LEU A 751 33.47 8.92 31.35
CA LEU A 751 32.94 8.74 30.02
C LEU A 751 31.80 9.71 29.74
N THR A 752 31.74 10.18 28.50
CA THR A 752 30.56 10.91 28.05
C THR A 752 29.32 10.06 28.23
N SER A 753 28.23 10.70 28.65
CA SER A 753 27.04 9.96 29.08
C SER A 753 26.56 8.99 28.01
N ALA A 754 26.82 9.30 26.74
CA ALA A 754 26.47 8.39 25.67
C ALA A 754 27.26 7.09 25.77
N GLN A 755 28.56 7.18 26.01
CA GLN A 755 29.41 6.01 25.93
C GLN A 755 28.94 4.90 26.85
N GLN A 756 28.29 5.24 27.95
CA GLN A 756 27.67 4.22 28.79
C GLN A 756 26.72 3.37 27.98
N ALA A 757 25.88 3.99 27.15
CA ALA A 757 24.93 3.24 26.36
C ALA A 757 25.63 2.28 25.41
N LEU A 758 26.63 2.76 24.68
CA LEU A 758 27.37 1.86 23.81
C LEU A 758 28.05 0.76 24.62
N THR A 759 28.60 1.11 25.78
CA THR A 759 29.31 0.14 26.59
C THR A 759 28.41 -1.04 26.93
N GLY A 760 27.16 -0.75 27.32
CA GLY A 760 26.24 -1.83 27.63
C GLY A 760 25.89 -2.66 26.41
N THR A 761 25.64 -1.99 25.28
CA THR A 761 25.18 -2.70 24.10
C THR A 761 26.19 -3.74 23.64
N ILE A 762 27.48 -3.37 23.61
CA ILE A 762 28.49 -4.35 23.26
C ILE A 762 28.62 -5.39 24.37
N ASN A 763 28.50 -4.96 25.63
CA ASN A 763 28.49 -5.91 26.74
C ASN A 763 27.32 -6.87 26.60
N SER A 764 26.13 -6.34 26.33
CA SER A 764 24.99 -7.21 26.08
C SER A 764 25.27 -8.12 24.89
N SER A 765 25.84 -7.57 23.82
CA SER A 765 26.15 -8.40 22.66
C SER A 765 27.17 -9.47 23.00
N MET A 766 28.28 -9.08 23.63
CA MET A 766 29.33 -10.03 23.95
C MET A 766 28.77 -11.23 24.69
N GLN A 767 27.85 -10.99 25.64
CA GLN A 767 27.25 -12.10 26.37
C GLN A 767 26.49 -13.01 25.43
N ALA A 768 25.77 -12.42 24.47
CA ALA A 768 25.08 -13.24 23.47
C ALA A 768 26.08 -13.95 22.58
N VAL A 769 27.27 -13.37 22.40
CA VAL A 769 28.25 -13.97 21.50
C VAL A 769 28.68 -15.33 22.00
N GLN A 770 29.28 -15.37 23.20
CA GLN A 770 29.85 -16.62 23.71
C GLN A 770 28.78 -17.68 23.86
N ALA A 771 27.60 -17.30 24.34
CA ALA A 771 26.48 -18.23 24.39
C ALA A 771 26.23 -18.86 23.03
N ALA A 772 26.15 -18.05 21.98
CA ALA A 772 26.09 -18.60 20.63
C ALA A 772 27.30 -19.46 20.32
N GLN A 773 28.48 -19.05 20.80
CA GLN A 773 29.69 -19.83 20.52
C GLN A 773 29.65 -21.20 21.15
N ALA A 774 29.19 -21.30 22.40
CA ALA A 774 29.19 -22.58 23.08
C ALA A 774 28.29 -23.59 22.40
N THR A 775 27.12 -23.14 21.94
CA THR A 775 26.18 -24.03 21.27
C THR A 775 26.76 -24.63 20.00
N LEU A 776 27.81 -24.04 19.46
CA LEU A 776 28.36 -24.50 18.18
C LEU A 776 28.89 -25.92 18.28
N ASP A 777 29.63 -26.22 19.35
CA ASP A 777 30.45 -27.43 19.37
C ASP A 777 29.61 -28.70 19.33
N ASP A 778 28.37 -28.65 19.80
CA ASP A 778 27.55 -29.84 19.94
C ASP A 778 26.65 -30.03 18.73
N PHE A 779 26.76 -31.20 18.11
CA PHE A 779 25.81 -31.58 17.08
C PHE A 779 24.51 -32.04 17.74
N GLU A 780 23.51 -31.16 17.76
CA GLU A 780 22.33 -31.42 18.56
C GLU A 780 21.56 -32.66 18.11
N THR A 781 20.92 -32.63 16.95
CA THR A 781 20.08 -33.69 16.40
C THR A 781 19.70 -33.39 14.97
N LEU A 782 18.84 -34.24 14.41
CA LEU A 782 18.05 -33.92 13.22
C LEU A 782 16.96 -34.97 13.12
N PRO A 783 15.78 -34.61 12.60
CA PRO A 783 14.71 -35.60 12.51
C PRO A 783 15.11 -36.74 11.59
N PRO A 784 14.59 -37.94 11.83
CA PRO A 784 14.89 -39.05 10.92
C PRO A 784 13.99 -39.00 9.70
N LEU A 785 14.60 -39.10 8.54
CA LEU A 785 13.84 -38.98 7.30
C LEU A 785 14.02 -40.17 6.37
N GLY A 786 15.21 -40.74 6.28
CA GLY A 786 15.42 -41.95 5.51
C GLY A 786 15.68 -41.69 4.04
N GLN A 787 15.32 -42.69 3.24
CA GLN A 787 15.71 -42.81 1.84
C GLN A 787 14.67 -42.29 0.87
N ASP A 788 13.55 -41.74 1.35
CA ASP A 788 12.50 -41.30 0.44
C ASP A 788 13.01 -40.19 -0.46
N ALA A 789 12.77 -40.34 -1.77
CA ALA A 789 13.26 -39.38 -2.74
C ALA A 789 12.67 -38.00 -2.49
N ALA A 790 11.36 -37.93 -2.25
CA ALA A 790 10.76 -36.66 -1.86
C ALA A 790 11.36 -36.16 -0.56
N SER A 791 11.55 -37.04 0.41
CA SER A 791 12.27 -36.66 1.62
C SER A 791 13.67 -36.20 1.32
N LYS A 792 14.41 -36.97 0.52
CA LYS A 792 15.79 -36.61 0.18
C LYS A 792 15.84 -35.21 -0.41
N ALA A 793 14.80 -34.83 -1.17
CA ALA A 793 14.73 -33.46 -1.67
C ALA A 793 14.71 -32.46 -0.52
N TRP A 794 13.90 -32.73 0.52
CA TRP A 794 13.89 -31.84 1.67
C TRP A 794 15.26 -31.83 2.35
N ARG A 795 15.90 -33.00 2.43
CA ARG A 795 17.27 -33.05 2.94
C ARG A 795 18.18 -32.16 2.10
N LYS A 796 18.03 -32.23 0.78
CA LYS A 796 18.84 -31.39 -0.09
C LYS A 796 18.50 -29.91 0.10
N ASN A 797 17.21 -29.59 0.22
CA ASN A 797 16.82 -28.19 0.25
C ASN A 797 17.31 -27.49 1.51
N LYS A 798 17.15 -28.11 2.67
CA LYS A 798 17.53 -27.44 3.91
C LYS A 798 19.01 -27.13 3.93
N MET A 799 19.83 -28.07 3.46
CA MET A 799 21.24 -27.78 3.25
C MET A 799 21.41 -26.54 2.40
N ASP A 800 20.88 -26.55 1.18
CA ASP A 800 21.04 -25.41 0.29
C ASP A 800 20.43 -24.15 0.90
N GLU A 801 19.23 -24.26 1.46
CA GLU A 801 18.65 -23.11 2.12
C GLU A 801 19.59 -22.55 3.17
N SER A 802 20.19 -23.44 3.97
CA SER A 802 21.14 -22.98 4.97
C SER A 802 22.33 -22.31 4.31
N LYS A 803 22.81 -22.86 3.19
CA LYS A 803 23.94 -22.28 2.50
C LYS A 803 23.68 -20.82 2.16
N HIS A 804 22.46 -20.50 1.74
CA HIS A 804 22.12 -19.10 1.58
C HIS A 804 21.90 -18.44 2.93
N GLU A 805 21.30 -19.17 3.87
CA GLU A 805 21.06 -18.58 5.18
C GLU A 805 22.38 -18.23 5.87
N ILE A 806 23.36 -19.13 5.78
CA ILE A 806 24.66 -18.87 6.40
C ILE A 806 25.34 -17.68 5.73
N HIS A 807 25.23 -17.58 4.41
CA HIS A 807 25.98 -16.57 3.69
C HIS A 807 25.50 -15.17 4.06
N SER A 808 24.20 -14.99 4.19
CA SER A 808 23.66 -13.64 4.39
C SER A 808 24.21 -13.01 5.66
N GLN A 809 24.31 -13.78 6.75
CA GLN A 809 24.86 -13.19 7.96
C GLN A 809 26.36 -12.93 7.84
N VAL A 810 27.14 -13.90 7.33
CA VAL A 810 28.56 -13.61 7.16
C VAL A 810 28.73 -12.44 6.22
N ASP A 811 27.76 -12.24 5.33
CA ASP A 811 27.70 -11.01 4.57
C ASP A 811 27.41 -9.83 5.48
N ALA A 812 26.51 -10.03 6.45
CA ALA A 812 26.18 -8.94 7.37
C ALA A 812 27.33 -8.66 8.34
N ILE A 813 27.93 -9.73 8.89
CA ILE A 813 28.99 -9.54 9.89
C ILE A 813 30.11 -8.71 9.31
N THR A 814 30.60 -9.08 8.14
CA THR A 814 31.64 -8.30 7.49
C THR A 814 31.22 -6.86 7.30
N ALA A 815 30.02 -6.65 6.75
CA ALA A 815 29.56 -5.30 6.49
C ALA A 815 29.50 -4.48 7.77
N GLY A 816 28.99 -5.07 8.85
CA GLY A 816 28.91 -4.34 10.10
C GLY A 816 30.28 -3.95 10.61
N THR A 817 31.22 -4.89 10.62
CA THR A 817 32.56 -4.60 11.10
C THR A 817 33.14 -3.37 10.44
N ALA A 818 32.95 -3.25 9.13
CA ALA A 818 33.44 -2.06 8.44
C ALA A 818 32.78 -0.80 8.98
N SER A 819 31.48 -0.86 9.24
CA SER A 819 30.79 0.31 9.77
C SER A 819 31.39 0.75 11.09
N VAL A 820 31.79 -0.21 11.93
CA VAL A 820 32.51 0.13 13.15
C VAL A 820 33.82 0.80 12.81
N VAL A 821 34.57 0.21 11.89
CA VAL A 821 35.89 0.72 11.55
C VAL A 821 35.78 2.13 10.99
N ASN A 822 34.84 2.34 10.07
CA ASN A 822 34.66 3.68 9.53
C ASN A 822 34.23 4.65 10.60
N LEU A 823 33.17 4.32 11.35
CA LEU A 823 32.58 5.30 12.23
C LEU A 823 33.46 5.59 13.45
N THR A 824 34.17 4.60 13.95
CA THR A 824 35.07 4.83 15.07
C THR A 824 36.24 5.74 14.69
N ALA A 825 36.61 5.80 13.42
CA ALA A 825 37.80 6.55 13.03
C ALA A 825 37.65 8.04 13.31
N GLY A 826 36.43 8.51 13.46
CA GLY A 826 36.24 9.91 13.76
C GLY A 826 36.81 10.28 15.11
N ASP A 827 36.89 11.58 15.34
CA ASP A 827 37.34 12.06 16.63
C ASP A 827 36.32 11.71 17.70
N PRO A 828 36.75 11.11 18.82
CA PRO A 828 35.82 10.89 19.93
C PRO A 828 35.23 12.21 20.39
N ALA A 829 33.97 12.14 20.85
CA ALA A 829 33.06 13.26 21.07
C ALA A 829 32.44 13.76 19.79
N GLU A 830 32.67 13.08 18.67
CA GLU A 830 31.99 13.40 17.41
C GLU A 830 31.27 12.21 16.79
N THR A 831 31.63 10.98 17.14
CA THR A 831 31.08 9.84 16.44
C THR A 831 29.63 9.59 16.80
N ASP A 832 28.98 8.72 16.04
CA ASP A 832 27.61 8.29 16.27
C ASP A 832 27.67 6.93 16.95
N TYR A 833 27.67 6.93 18.28
CA TYR A 833 27.76 5.68 19.01
C TYR A 833 26.55 4.80 18.73
N THR A 834 25.36 5.40 18.65
CA THR A 834 24.19 4.62 18.27
C THR A 834 24.44 3.87 16.97
N ALA A 835 25.04 4.53 16.00
CA ALA A 835 25.40 3.83 14.78
C ALA A 835 26.34 2.67 15.08
N VAL A 836 27.34 2.90 15.93
CA VAL A 836 28.19 1.80 16.37
C VAL A 836 27.35 0.74 17.04
N GLY A 837 26.42 1.16 17.90
CA GLY A 837 25.43 0.24 18.42
C GLY A 837 24.63 -0.40 17.31
N CYS A 838 24.19 0.41 16.34
CA CYS A 838 23.52 -0.15 15.17
C CYS A 838 24.45 -1.09 14.42
N ALA A 839 25.76 -0.93 14.60
CA ALA A 839 26.69 -1.84 13.97
C ALA A 839 26.93 -3.07 14.85
N VAL A 840 27.25 -2.86 16.12
CA VAL A 840 27.62 -3.98 16.97
C VAL A 840 26.44 -4.94 17.15
N THR A 841 25.24 -4.40 17.37
CA THR A 841 24.07 -5.27 17.42
C THR A 841 23.91 -6.03 16.11
N THR A 842 24.11 -5.34 14.99
CA THR A 842 24.11 -6.03 13.71
C THR A 842 25.16 -7.12 13.70
N ILE A 843 26.34 -6.82 14.23
CA ILE A 843 27.39 -7.83 14.31
C ILE A 843 26.93 -8.99 15.18
N SER A 844 26.32 -8.68 16.33
CA SER A 844 25.98 -9.73 17.27
C SER A 844 24.71 -10.44 16.88
N SER A 845 23.65 -9.70 16.57
CA SER A 845 22.38 -10.33 16.22
C SER A 845 22.56 -11.28 15.06
N ASN A 846 23.26 -10.86 14.02
CA ASN A 846 23.53 -11.77 12.92
C ASN A 846 24.61 -12.77 13.25
N LEU A 847 25.36 -12.55 14.33
CA LEU A 847 26.32 -13.56 14.76
C LEU A 847 25.61 -14.83 15.19
N THR A 848 24.47 -14.69 15.87
CA THR A 848 23.85 -15.86 16.49
C THR A 848 23.03 -16.67 15.50
N GLU A 849 22.30 -16.00 14.60
CA GLU A 849 21.59 -16.77 13.59
C GLU A 849 22.54 -17.56 12.72
N MET A 850 23.79 -17.13 12.64
CA MET A 850 24.80 -17.98 12.03
C MET A 850 24.96 -19.27 12.82
N SER A 851 24.98 -19.17 14.14
CA SER A 851 25.17 -20.34 14.98
C SER A 851 24.04 -21.34 14.78
N ARG A 852 22.81 -20.87 14.70
CA ARG A 852 21.71 -21.78 14.39
C ARG A 852 21.91 -22.41 13.02
N GLY A 853 22.34 -21.62 12.05
CA GLY A 853 22.48 -22.15 10.70
C GLY A 853 23.52 -23.23 10.58
N VAL A 854 24.71 -22.99 11.15
CA VAL A 854 25.80 -23.93 10.93
C VAL A 854 25.46 -25.31 11.48
N LYS A 855 24.89 -25.36 12.70
CA LYS A 855 24.59 -26.65 13.30
C LYS A 855 23.62 -27.43 12.43
N LEU A 856 22.58 -26.77 11.92
CA LEU A 856 21.64 -27.44 11.05
C LEU A 856 22.33 -27.94 9.79
N LEU A 857 23.18 -27.10 9.20
CA LEU A 857 23.95 -27.54 8.04
C LEU A 857 24.87 -28.69 8.39
N ALA A 858 25.59 -28.57 9.50
CA ALA A 858 26.59 -29.57 9.85
C ALA A 858 25.97 -30.94 10.04
N ALA A 859 24.82 -30.99 10.73
CA ALA A 859 24.14 -32.27 10.90
C ALA A 859 23.75 -32.86 9.55
N LEU A 860 23.23 -32.02 8.66
CA LEU A 860 22.92 -32.48 7.30
C LEU A 860 24.16 -33.00 6.59
N LEU A 861 25.31 -32.39 6.84
CA LEU A 861 26.54 -32.88 6.22
C LEU A 861 26.89 -34.27 6.73
N GLU A 862 26.55 -34.58 7.97
CA GLU A 862 27.00 -35.83 8.57
C GLU A 862 26.26 -37.05 8.05
N ASP A 863 24.99 -36.91 7.68
CA ASP A 863 24.31 -38.03 7.03
C ASP A 863 24.95 -38.34 5.68
N GLU A 864 25.59 -37.35 5.08
CA GLU A 864 26.47 -37.58 3.94
C GLU A 864 27.87 -37.90 4.45
N GLY A 865 28.70 -38.42 3.55
CA GLY A 865 30.05 -38.81 3.93
C GLY A 865 30.87 -37.65 4.44
N GLY A 866 30.56 -36.43 3.98
CA GLY A 866 31.32 -35.27 4.42
C GLY A 866 31.26 -35.09 5.92
N ASN A 867 32.42 -34.81 6.50
CA ASN A 867 32.52 -34.57 7.94
C ASN A 867 32.31 -33.10 8.26
N GLY A 868 31.39 -32.83 9.19
CA GLY A 868 31.11 -31.47 9.58
C GLY A 868 32.13 -30.83 10.47
N ARG A 869 33.11 -31.60 10.95
CA ARG A 869 34.08 -31.05 11.90
C ARG A 869 34.82 -29.83 11.38
N PRO A 870 35.36 -29.80 10.15
CA PRO A 870 36.03 -28.56 9.72
C PRO A 870 35.10 -27.37 9.70
N LEU A 871 33.82 -27.58 9.37
CA LEU A 871 32.87 -26.49 9.35
C LEU A 871 32.79 -25.80 10.70
N LEU A 872 32.58 -26.58 11.77
CA LEU A 872 32.47 -25.98 13.10
C LEU A 872 33.77 -25.28 13.47
N GLN A 873 34.90 -25.91 13.17
CA GLN A 873 36.19 -25.27 13.42
C GLN A 873 36.25 -23.92 12.73
N ALA A 874 35.69 -23.83 11.53
CA ALA A 874 35.58 -22.53 10.88
C ALA A 874 34.69 -21.60 11.68
N ALA A 875 33.54 -22.11 12.16
CA ALA A 875 32.61 -21.26 12.87
C ALA A 875 33.24 -20.71 14.15
N LYS A 876 33.83 -21.57 14.96
CA LYS A 876 34.41 -21.11 16.22
C LYS A 876 35.56 -20.14 15.96
N GLY A 877 36.36 -20.40 14.94
CA GLY A 877 37.40 -19.46 14.57
C GLY A 877 36.84 -18.09 14.23
N LEU A 878 35.76 -18.06 13.47
CA LEU A 878 35.09 -16.79 13.22
C LEU A 878 34.55 -16.19 14.50
N ALA A 879 33.93 -17.02 15.34
CA ALA A 879 33.24 -16.51 16.52
C ALA A 879 34.17 -15.67 17.38
N GLY A 880 35.33 -16.22 17.74
CA GLY A 880 36.25 -15.47 18.57
C GLY A 880 36.74 -14.19 17.90
N ALA A 881 37.02 -14.28 16.60
CA ALA A 881 37.48 -13.09 15.87
C ALA A 881 36.47 -11.97 15.97
N VAL A 882 35.19 -12.30 15.86
CA VAL A 882 34.15 -11.30 16.10
C VAL A 882 34.29 -10.74 17.51
N SER A 883 34.44 -11.63 18.50
CA SER A 883 34.49 -11.19 19.88
C SER A 883 35.71 -10.31 20.13
N GLU A 884 36.87 -10.73 19.63
CA GLU A 884 38.10 -10.00 19.92
C GLU A 884 38.03 -8.58 19.36
N LEU A 885 37.25 -8.38 18.29
CA LEU A 885 37.02 -7.03 17.79
C LEU A 885 36.38 -6.15 18.85
N LEU A 886 35.26 -6.62 19.41
CA LEU A 886 34.50 -5.79 20.33
C LEU A 886 35.34 -5.34 21.52
N ARG A 887 36.35 -6.12 21.88
CA ARG A 887 37.24 -5.74 22.97
C ARG A 887 37.90 -4.40 22.69
N SER A 888 38.26 -4.15 21.43
CA SER A 888 38.81 -2.84 21.08
C SER A 888 37.72 -1.84 20.76
N ALA A 889 36.48 -2.29 20.62
CA ALA A 889 35.39 -1.37 20.34
C ALA A 889 35.01 -0.53 21.55
N GLN A 890 35.13 -1.08 22.75
CA GLN A 890 34.68 -0.39 23.95
C GLN A 890 35.42 0.94 24.09
N PRO A 891 34.70 2.05 24.29
CA PRO A 891 35.39 3.35 24.38
C PRO A 891 36.29 3.48 25.59
N ALA A 892 36.10 2.65 26.60
CA ALA A 892 36.94 2.74 27.79
C ALA A 892 38.37 2.29 27.52
N SER A 893 38.54 1.17 26.81
CA SER A 893 39.87 0.66 26.55
C SER A 893 40.66 1.65 25.69
N ALA A 894 41.89 1.90 26.11
CA ALA A 894 42.74 2.90 25.46
C ALA A 894 43.91 2.26 24.71
N GLU A 895 43.66 1.13 24.06
CA GLU A 895 44.69 0.49 23.26
C GLU A 895 45.04 1.37 22.07
N PRO A 896 46.23 1.19 21.50
CA PRO A 896 46.57 1.94 20.28
C PRO A 896 45.61 1.59 19.14
N ARG A 897 45.40 2.58 18.27
CA ARG A 897 44.38 2.44 17.22
C ARG A 897 44.65 1.23 16.34
N GLN A 898 45.92 0.83 16.21
CA GLN A 898 46.24 -0.31 15.36
C GLN A 898 45.51 -1.57 15.79
N ASN A 899 45.26 -1.74 17.09
CA ASN A 899 44.60 -2.95 17.56
C ASN A 899 43.23 -3.10 16.93
N LEU A 900 42.46 -2.03 16.89
CA LEU A 900 41.14 -2.08 16.27
C LEU A 900 41.25 -2.45 14.80
N LEU A 901 42.15 -1.78 14.07
CA LEU A 901 42.29 -2.05 12.66
C LEU A 901 42.76 -3.48 12.41
N LEU A 902 43.75 -3.93 13.17
CA LEU A 902 44.24 -5.30 12.99
C LEU A 902 43.17 -6.32 13.35
N ALA A 903 42.39 -6.04 14.39
CA ALA A 903 41.36 -6.98 14.81
C ALA A 903 40.35 -7.22 13.69
N ALA A 904 39.89 -6.15 13.06
CA ALA A 904 38.89 -6.28 12.02
C ALA A 904 39.41 -7.13 10.87
N GLY A 905 40.65 -6.90 10.45
CA GLY A 905 41.18 -7.64 9.32
C GLY A 905 41.11 -9.13 9.53
N ASN A 906 41.20 -9.57 10.78
CA ASN A 906 41.04 -10.99 11.06
C ASN A 906 39.65 -11.47 10.67
N VAL A 907 38.62 -10.66 10.97
CA VAL A 907 37.25 -11.07 10.70
C VAL A 907 37.08 -11.39 9.23
N GLY A 908 37.51 -10.48 8.35
CA GLY A 908 37.48 -10.77 6.93
C GLY A 908 38.33 -11.95 6.58
N GLN A 909 39.53 -12.03 7.16
CA GLN A 909 40.36 -13.20 6.95
C GLN A 909 39.67 -14.46 7.44
N ALA A 910 39.08 -14.40 8.64
CA ALA A 910 38.44 -15.58 9.20
C ALA A 910 37.18 -15.94 8.44
N SER A 911 36.33 -14.96 8.16
CA SER A 911 35.08 -15.26 7.48
C SER A 911 35.33 -15.78 6.07
N GLY A 912 36.55 -15.61 5.58
CA GLY A 912 36.86 -16.08 4.24
C GLY A 912 36.74 -17.59 4.12
N GLU A 913 37.52 -18.33 4.91
CA GLU A 913 37.57 -19.77 4.73
C GLU A 913 36.24 -20.42 5.10
N LEU A 914 35.48 -19.80 6.00
CA LEU A 914 34.17 -20.35 6.34
C LEU A 914 33.32 -20.47 5.10
N LEU A 915 33.24 -19.40 4.31
CA LEU A 915 32.58 -19.50 3.01
C LEU A 915 33.29 -20.51 2.12
N GLN A 916 34.61 -20.56 2.19
CA GLN A 916 35.34 -21.56 1.43
C GLN A 916 34.94 -22.97 1.83
N GLN A 917 34.53 -23.17 3.09
CA GLN A 917 34.00 -24.52 3.46
C GLN A 917 32.64 -24.70 2.79
N ILE A 918 31.78 -23.69 2.88
CA ILE A 918 30.42 -23.73 2.26
C ILE A 918 30.54 -23.85 0.74
N GLY A 919 31.49 -23.14 0.11
CA GLY A 919 31.59 -23.09 -1.36
C GLY A 919 30.65 -22.05 -1.92
N GLU A 920 30.07 -21.22 -1.05
CA GLU A 920 29.10 -20.18 -1.49
C GLU A 920 29.78 -18.81 -1.60
N SER A 921 30.96 -18.72 -2.24
CA SER A 921 31.53 -17.37 -2.45
C SER A 921 31.41 -17.02 -3.94
N ASP A 922 30.63 -15.99 -4.28
CA ASP A 922 30.48 -15.53 -5.69
C ASP A 922 31.80 -14.97 -6.24
N THR A 923 32.53 -14.20 -5.44
CA THR A 923 33.75 -13.50 -5.95
C THR A 923 34.85 -14.49 -6.34
N ASP A 924 35.57 -14.19 -7.42
CA ASP A 924 36.69 -15.06 -7.89
C ASP A 924 37.86 -14.98 -6.90
N PRO A 925 38.59 -16.08 -6.61
CA PRO A 925 39.77 -15.99 -5.74
C PRO A 925 40.81 -15.01 -6.31
N HIS A 926 41.01 -15.03 -7.63
CA HIS A 926 41.99 -14.14 -8.30
C HIS A 926 41.56 -12.67 -8.09
N PHE A 927 40.27 -12.39 -8.15
CA PHE A 927 39.77 -11.01 -7.98
C PHE A 927 40.12 -10.49 -6.59
N GLN A 928 40.00 -11.34 -5.56
CA GLN A 928 40.40 -10.93 -4.20
C GLN A 928 41.85 -10.40 -4.22
N ASP A 929 42.78 -11.09 -4.87
CA ASP A 929 44.19 -10.70 -4.93
C ASP A 929 44.32 -9.34 -5.60
N VAL A 930 43.53 -9.10 -6.65
CA VAL A 930 43.50 -7.79 -7.27
C VAL A 930 43.17 -6.73 -6.24
N LEU A 931 42.10 -6.97 -5.46
CA LEU A 931 41.78 -6.06 -4.36
C LEU A 931 42.93 -5.99 -3.37
N MET A 932 43.50 -7.15 -3.02
CA MET A 932 44.61 -7.18 -2.09
C MET A 932 45.75 -6.29 -2.56
N GLN A 933 46.19 -6.46 -3.81
CA GLN A 933 47.30 -5.65 -4.30
C GLN A 933 46.87 -4.22 -4.59
N LEU A 934 45.68 -4.03 -5.16
CA LEU A 934 45.23 -2.68 -5.47
C LEU A 934 45.11 -1.84 -4.20
N ALA A 935 44.55 -2.43 -3.15
CA ALA A 935 44.56 -1.76 -1.86
C ALA A 935 45.97 -1.37 -1.48
N ASN A 936 46.89 -2.34 -1.52
CA ASN A 936 48.30 -2.03 -1.31
C ASN A 936 48.80 -1.03 -2.33
N ALA A 937 48.38 -1.17 -3.59
CA ALA A 937 48.75 -0.19 -4.60
C ALA A 937 48.26 1.20 -4.20
N VAL A 938 47.01 1.29 -3.73
CA VAL A 938 46.55 2.55 -3.15
C VAL A 938 47.36 2.89 -1.92
N ALA A 939 47.64 1.89 -1.08
CA ALA A 939 48.52 2.11 0.06
C ALA A 939 49.90 2.55 -0.39
N SER A 940 50.37 2.00 -1.51
CA SER A 940 51.68 2.37 -2.02
C SER A 940 51.74 3.85 -2.35
N ALA A 941 50.77 4.35 -3.12
CA ALA A 941 50.76 5.77 -3.45
C ALA A 941 50.64 6.63 -2.21
N ALA A 942 49.96 6.10 -1.19
CA ALA A 942 49.85 6.82 0.07
C ALA A 942 51.22 7.12 0.67
N ALA A 943 52.09 6.11 0.75
CA ALA A 943 53.42 6.33 1.31
C ALA A 943 54.15 7.42 0.54
N ALA A 944 54.02 7.44 -0.79
CA ALA A 944 54.70 8.45 -1.58
C ALA A 944 54.28 9.85 -1.17
N LEU A 945 52.97 10.09 -1.06
CA LEU A 945 52.51 11.43 -0.69
C LEU A 945 52.90 11.75 0.74
N VAL A 946 52.99 10.73 1.59
CA VAL A 946 53.44 10.96 2.96
C VAL A 946 54.82 11.61 2.96
N LEU A 947 55.75 11.04 2.18
CA LEU A 947 57.10 11.57 2.15
C LEU A 947 57.13 12.98 1.60
N LYS A 948 56.48 13.19 0.45
CA LYS A 948 56.50 14.51 -0.17
C LYS A 948 55.86 15.56 0.73
N ALA A 949 54.73 15.22 1.35
CA ALA A 949 54.16 16.12 2.34
C ALA A 949 55.13 16.32 3.50
N LYS A 950 55.77 15.24 3.95
CA LYS A 950 56.80 15.37 4.97
C LYS A 950 57.97 16.18 4.45
N SER A 951 58.29 16.03 3.16
CA SER A 951 59.35 16.83 2.56
C SER A 951 59.02 18.32 2.65
N VAL A 952 57.74 18.66 2.55
CA VAL A 952 57.32 20.05 2.70
C VAL A 952 57.62 20.55 4.10
N ALA A 953 57.54 19.66 5.10
CA ALA A 953 57.79 20.06 6.48
C ALA A 953 59.13 20.75 6.63
N GLN A 954 60.17 20.25 5.96
CA GLN A 954 61.45 20.96 5.94
C GLN A 954 61.30 22.32 5.25
N ARG A 955 60.56 22.36 4.14
CA ARG A 955 60.33 23.62 3.46
C ARG A 955 59.54 24.58 4.33
N THR A 956 58.62 24.05 5.14
CA THR A 956 57.76 24.90 5.96
C THR A 956 58.61 25.72 6.93
N GLU A 957 58.15 26.94 7.18
CA GLU A 957 58.89 27.93 7.96
C GLU A 957 58.09 28.52 9.10
N ASP A 958 56.77 28.70 8.93
CA ASP A 958 55.98 29.33 9.98
C ASP A 958 55.60 28.32 11.06
N SER A 959 55.77 28.73 12.31
CA SER A 959 55.34 27.89 13.42
C SER A 959 53.83 27.66 13.37
N GLY A 960 53.42 26.46 13.71
CA GLY A 960 52.01 26.11 13.59
C GLY A 960 51.61 25.77 12.18
N LEU A 961 51.81 26.71 11.25
CA LEU A 961 51.59 26.40 9.85
C LEU A 961 52.56 25.31 9.39
N GLN A 962 53.65 25.13 10.14
CA GLN A 962 54.51 23.97 9.90
C GLN A 962 53.78 22.67 10.22
N THR A 963 53.13 22.59 11.38
CA THR A 963 52.53 21.32 11.79
C THR A 963 51.21 21.06 11.10
N GLN A 964 50.58 22.08 10.52
CA GLN A 964 49.33 21.85 9.80
C GLN A 964 49.56 20.89 8.64
N VAL A 965 50.63 21.09 7.88
CA VAL A 965 51.00 20.11 6.87
C VAL A 965 51.40 18.81 7.53
N ILE A 966 52.07 18.88 8.68
CA ILE A 966 52.37 17.68 9.44
C ILE A 966 51.08 16.97 9.84
N ALA A 967 50.09 17.73 10.30
CA ALA A 967 48.82 17.14 10.68
C ALA A 967 48.15 16.46 9.50
N ALA A 968 48.09 17.15 8.35
CA ALA A 968 47.37 16.62 7.20
C ALA A 968 47.95 15.30 6.73
N ALA A 969 49.28 15.23 6.62
CA ALA A 969 49.91 14.00 6.15
C ALA A 969 49.65 12.86 7.11
N THR A 970 49.70 13.13 8.41
CA THR A 970 49.45 12.08 9.40
C THR A 970 48.05 11.52 9.24
N GLN A 971 47.06 12.39 9.00
CA GLN A 971 45.69 11.94 8.86
C GLN A 971 45.55 10.98 7.68
N CYS A 972 46.21 11.27 6.57
CA CYS A 972 46.15 10.38 5.42
C CYS A 972 46.72 9.01 5.77
N ALA A 973 47.85 8.99 6.49
CA ALA A 973 48.54 7.74 6.75
C ALA A 973 47.63 6.75 7.46
N LEU A 974 46.95 7.20 8.53
CA LEU A 974 45.96 6.34 9.17
C LEU A 974 44.80 6.05 8.22
N SER A 975 44.38 7.06 7.45
CA SER A 975 43.22 6.89 6.58
C SER A 975 43.46 5.81 5.55
N THR A 976 44.58 5.87 4.84
CA THR A 976 44.85 4.82 3.85
C THR A 976 45.02 3.47 4.51
N SER A 977 45.75 3.40 5.63
CA SER A 977 45.81 2.16 6.39
C SER A 977 44.43 1.71 6.78
N GLN A 978 43.57 2.65 7.17
CA GLN A 978 42.17 2.34 7.40
C GLN A 978 41.53 1.75 6.15
N LEU A 979 41.83 2.33 4.99
CA LEU A 979 41.35 1.75 3.74
C LEU A 979 41.93 0.35 3.53
N VAL A 980 43.18 0.15 3.93
CA VAL A 980 43.78 -1.17 3.79
C VAL A 980 42.99 -2.19 4.60
N ALA A 981 42.67 -1.86 5.83
CA ALA A 981 41.95 -2.82 6.68
C ALA A 981 40.53 -3.02 6.19
N CYS A 982 39.80 -1.94 5.92
CA CYS A 982 38.43 -2.07 5.43
C CYS A 982 38.37 -2.97 4.21
N THR A 983 39.26 -2.74 3.26
CA THR A 983 39.29 -3.57 2.06
C THR A 983 39.54 -5.03 2.41
N LYS A 984 40.41 -5.28 3.38
CA LYS A 984 40.61 -6.64 3.84
C LYS A 984 39.33 -7.18 4.47
N VAL A 985 38.62 -6.35 5.23
CA VAL A 985 37.40 -6.78 5.89
C VAL A 985 36.34 -7.17 4.87
N VAL A 986 36.17 -6.34 3.85
CA VAL A 986 35.07 -6.52 2.90
C VAL A 986 35.42 -7.52 1.81
N ALA A 987 36.67 -7.97 1.74
CA ALA A 987 37.15 -8.81 0.65
C ALA A 987 36.25 -9.99 0.32
N PRO A 988 35.79 -10.81 1.28
CA PRO A 988 35.09 -12.04 0.88
C PRO A 988 33.65 -11.82 0.52
N THR A 989 33.05 -10.69 0.88
CA THR A 989 31.62 -10.51 0.64
C THR A 989 31.36 -9.29 -0.23
N ILE A 990 32.13 -9.13 -1.30
CA ILE A 990 31.96 -7.95 -2.14
C ILE A 990 30.65 -7.98 -2.92
N SER A 991 30.02 -9.14 -3.03
CA SER A 991 28.78 -9.27 -3.78
C SER A 991 27.66 -8.39 -3.24
N SER A 992 27.46 -8.38 -1.93
CA SER A 992 26.36 -7.64 -1.35
C SER A 992 26.54 -6.15 -1.61
N PRO A 993 25.47 -5.38 -1.72
CA PRO A 993 25.62 -3.93 -1.87
C PRO A 993 26.12 -3.25 -0.61
N VAL A 994 25.60 -3.61 0.56
CA VAL A 994 25.89 -2.85 1.76
C VAL A 994 27.38 -2.85 2.07
N CYS A 995 28.05 -3.97 1.82
CA CYS A 995 29.50 -4.00 1.94
C CYS A 995 30.13 -2.96 1.02
N GLN A 996 29.66 -2.91 -0.23
CA GLN A 996 30.21 -1.97 -1.19
C GLN A 996 29.96 -0.54 -0.76
N GLU A 997 28.80 -0.27 -0.16
CA GLU A 997 28.48 1.10 0.20
C GLU A 997 29.38 1.59 1.34
N GLN A 998 29.89 0.67 2.17
CA GLN A 998 30.89 1.07 3.15
C GLN A 998 32.23 1.35 2.50
N LEU A 999 32.63 0.49 1.56
CA LEU A 999 33.97 0.62 1.00
C LEU A 999 34.17 2.01 0.41
N VAL A 1000 33.19 2.50 -0.34
CA VAL A 1000 33.31 3.81 -0.93
C VAL A 1000 33.43 4.89 0.13
N GLU A 1001 32.72 4.77 1.25
CA GLU A 1001 32.83 5.78 2.30
C GLU A 1001 34.26 5.89 2.78
N ALA A 1002 34.90 4.76 3.08
CA ALA A 1002 36.32 4.78 3.39
C ALA A 1002 37.11 5.32 2.22
N GLY A 1003 36.73 4.92 1.00
CA GLY A 1003 37.37 5.49 -0.19
C GLY A 1003 37.12 6.98 -0.31
N ARG A 1004 35.92 7.43 0.07
CA ARG A 1004 35.67 8.87 0.13
C ARG A 1004 36.57 9.51 1.17
N LEU A 1005 36.77 8.84 2.31
CA LEU A 1005 37.48 9.44 3.42
C LEU A 1005 38.93 9.71 3.05
N VAL A 1006 39.58 8.76 2.37
CA VAL A 1006 40.95 8.99 1.94
C VAL A 1006 41.00 10.07 0.87
N ALA A 1007 39.99 10.13 0.02
CA ALA A 1007 39.97 11.16 -1.01
C ALA A 1007 39.92 12.55 -0.39
N LYS A 1008 39.06 12.75 0.60
CA LYS A 1008 38.99 14.05 1.25
C LYS A 1008 40.29 14.37 1.97
N ALA A 1009 40.90 13.37 2.61
CA ALA A 1009 42.18 13.59 3.28
C ALA A 1009 43.26 13.94 2.27
N VAL A 1010 43.27 13.28 1.12
CA VAL A 1010 44.22 13.64 0.08
C VAL A 1010 44.05 15.08 -0.34
N GLU A 1011 42.80 15.49 -0.59
CA GLU A 1011 42.54 16.87 -0.96
C GLU A 1011 43.00 17.82 0.14
N GLY A 1012 42.92 17.38 1.39
CA GLY A 1012 43.43 18.20 2.48
C GLY A 1012 44.93 18.41 2.39
N CYS A 1013 45.68 17.36 2.06
CA CYS A 1013 47.12 17.49 1.93
C CYS A 1013 47.49 18.47 0.83
N VAL A 1014 46.76 18.42 -0.28
CA VAL A 1014 47.00 19.38 -1.37
C VAL A 1014 46.72 20.80 -0.88
N SER A 1015 45.63 20.98 -0.13
CA SER A 1015 45.38 22.27 0.49
C SER A 1015 46.49 22.62 1.48
N ALA A 1016 46.97 21.62 2.22
CA ALA A 1016 48.08 21.87 3.13
C ALA A 1016 49.34 22.28 2.36
N SER A 1017 49.61 21.61 1.24
CA SER A 1017 50.76 22.00 0.42
C SER A 1017 50.66 23.44 -0.03
N GLN A 1018 49.44 23.93 -0.26
CA GLN A 1018 49.23 25.31 -0.63
C GLN A 1018 49.76 26.28 0.42
N ALA A 1019 49.80 25.87 1.68
CA ALA A 1019 50.35 26.74 2.72
C ALA A 1019 51.84 27.02 2.52
N ALA A 1020 52.50 26.26 1.65
CA ALA A 1020 53.88 26.53 1.31
C ALA A 1020 53.93 27.69 0.32
N THR A 1021 55.09 27.95 -0.29
CA THR A 1021 55.29 29.16 -1.08
C THR A 1021 55.83 28.85 -2.47
N GLU A 1022 54.91 28.72 -3.43
CA GLU A 1022 55.16 28.87 -4.87
C GLU A 1022 56.47 28.21 -5.31
N ASP A 1023 56.52 26.91 -5.14
CA ASP A 1023 57.69 26.12 -5.53
C ASP A 1023 57.21 24.87 -6.25
N GLY A 1024 58.16 24.18 -6.89
CA GLY A 1024 57.85 22.94 -7.57
C GLY A 1024 57.32 21.86 -6.66
N GLN A 1025 57.52 22.03 -5.34
CA GLN A 1025 56.96 21.08 -4.38
C GLN A 1025 55.47 20.87 -4.59
N LEU A 1026 54.74 21.96 -4.88
CA LEU A 1026 53.33 21.82 -5.22
C LEU A 1026 53.13 20.92 -6.42
N LEU A 1027 53.90 21.17 -7.49
CA LEU A 1027 53.75 20.37 -8.70
C LEU A 1027 54.12 18.92 -8.46
N ARG A 1028 55.20 18.68 -7.71
CA ARG A 1028 55.57 17.29 -7.43
C ARG A 1028 54.66 16.69 -6.36
N GLY A 1029 54.12 17.53 -5.48
CA GLY A 1029 53.11 17.05 -4.55
C GLY A 1029 51.85 16.60 -5.27
N VAL A 1030 51.36 17.43 -6.21
CA VAL A 1030 50.17 17.07 -6.96
C VAL A 1030 50.43 15.83 -7.81
N GLY A 1031 51.57 15.77 -8.47
CA GLY A 1031 51.90 14.56 -9.23
C GLY A 1031 51.90 13.32 -8.36
N ALA A 1032 52.21 13.48 -7.07
CA ALA A 1032 52.06 12.32 -6.15
C ALA A 1032 50.58 12.11 -5.84
N ALA A 1033 49.83 13.19 -5.58
CA ALA A 1033 48.39 13.11 -5.25
C ALA A 1033 47.58 12.54 -6.42
N ALA A 1034 47.90 12.94 -7.65
CA ALA A 1034 47.11 12.50 -8.83
C ALA A 1034 47.19 10.99 -8.94
N THR A 1035 48.37 10.41 -8.70
CA THR A 1035 48.45 8.93 -8.72
C THR A 1035 47.55 8.36 -7.62
N ALA A 1036 47.54 8.96 -6.43
CA ALA A 1036 46.74 8.37 -5.33
C ALA A 1036 45.25 8.38 -5.67
N VAL A 1037 44.74 9.49 -6.22
CA VAL A 1037 43.31 9.54 -6.65
C VAL A 1037 43.06 8.54 -7.80
N THR A 1038 44.01 8.43 -8.75
CA THR A 1038 43.86 7.49 -9.88
C THR A 1038 43.83 6.07 -9.33
N GLN A 1039 44.69 5.79 -8.35
CA GLN A 1039 44.73 4.43 -7.74
C GLN A 1039 43.40 4.16 -7.05
N ALA A 1040 42.84 5.17 -6.37
CA ALA A 1040 41.54 4.99 -5.70
C ALA A 1040 40.46 4.70 -6.75
N LEU A 1041 40.48 5.42 -7.88
CA LEU A 1041 39.48 5.17 -8.96
C LEU A 1041 39.68 3.74 -9.48
N ASN A 1042 40.94 3.32 -9.63
CA ASN A 1042 41.22 1.97 -10.17
C ASN A 1042 40.63 0.96 -9.19
N GLU A 1043 40.79 1.21 -7.89
CA GLU A 1043 40.29 0.27 -6.86
C GLU A 1043 38.76 0.23 -6.89
N LEU A 1044 38.08 1.34 -7.24
CA LEU A 1044 36.64 1.34 -7.12
C LEU A 1044 35.94 0.84 -8.38
N LEU A 1045 36.39 1.25 -9.56
CA LEU A 1045 35.80 0.68 -10.77
C LEU A 1045 36.07 -0.81 -10.84
N GLN A 1046 37.29 -1.22 -10.51
CA GLN A 1046 37.58 -2.64 -10.40
C GLN A 1046 36.68 -3.28 -9.35
N HIS A 1047 36.32 -2.51 -8.33
CA HIS A 1047 35.37 -2.97 -7.33
C HIS A 1047 34.00 -3.21 -7.92
N VAL A 1048 33.52 -2.28 -8.76
CA VAL A 1048 32.15 -2.35 -9.25
C VAL A 1048 31.99 -3.46 -10.29
N LYS A 1049 33.08 -3.88 -10.92
CA LYS A 1049 32.97 -4.90 -11.96
C LYS A 1049 32.39 -6.19 -11.42
N ALA A 1050 32.88 -6.64 -10.26
CA ALA A 1050 32.39 -7.88 -9.68
C ALA A 1050 30.98 -7.75 -9.10
N HIS A 1051 30.44 -6.53 -9.05
CA HIS A 1051 29.11 -6.33 -8.49
C HIS A 1051 28.05 -7.09 -9.27
N ALA A 1052 28.11 -7.02 -10.60
CA ALA A 1052 27.12 -7.65 -11.47
C ALA A 1052 27.84 -8.51 -12.50
N THR A 1053 28.15 -9.76 -12.11
CA THR A 1053 28.79 -10.72 -13.00
C THR A 1053 28.07 -12.05 -12.89
N GLY A 1054 27.27 -12.37 -13.91
CA GLY A 1054 26.55 -13.63 -13.90
C GLY A 1054 27.48 -14.82 -13.95
N ALA A 1055 28.50 -14.75 -14.79
CA ALA A 1055 29.47 -15.84 -14.96
C ALA A 1055 30.78 -15.21 -15.42
N GLY A 1056 31.88 -15.94 -15.22
CA GLY A 1056 33.18 -15.47 -15.62
C GLY A 1056 33.37 -15.43 -17.12
N PRO A 1057 33.41 -16.60 -17.76
CA PRO A 1057 33.54 -16.62 -19.22
C PRO A 1057 32.33 -16.03 -19.90
N ALA A 1058 32.58 -15.39 -21.05
CA ALA A 1058 31.54 -14.71 -21.80
C ALA A 1058 31.30 -15.31 -23.17
N GLY A 1059 32.20 -16.15 -23.67
CA GLY A 1059 32.09 -16.64 -25.02
C GLY A 1059 32.77 -15.70 -26.02
N ARG A 1060 32.31 -15.76 -27.26
CA ARG A 1060 32.92 -14.94 -28.30
C ARG A 1060 32.12 -13.67 -28.59
N TYR A 1061 30.82 -13.79 -28.83
CA TYR A 1061 30.01 -12.69 -29.34
C TYR A 1061 29.29 -11.95 -28.23
N ASP A 1062 29.76 -12.12 -26.99
CA ASP A 1062 29.06 -11.54 -25.86
C ASP A 1062 28.96 -10.02 -25.95
N GLN A 1063 30.09 -9.36 -26.14
CA GLN A 1063 30.12 -7.91 -26.21
C GLN A 1063 29.30 -7.38 -27.37
N ALA A 1064 29.17 -8.16 -28.44
CA ALA A 1064 28.22 -7.81 -29.50
C ALA A 1064 26.81 -8.09 -29.05
N THR A 1065 26.59 -9.24 -28.42
CA THR A 1065 25.24 -9.61 -28.00
C THR A 1065 24.64 -8.60 -27.04
N ASP A 1066 25.40 -8.19 -26.03
CA ASP A 1066 24.86 -7.28 -25.02
C ASP A 1066 24.45 -5.95 -25.65
N THR A 1067 25.19 -5.49 -26.65
CA THR A 1067 24.91 -4.18 -27.24
C THR A 1067 23.50 -4.15 -27.82
N ILE A 1068 23.12 -5.21 -28.54
CA ILE A 1068 21.79 -5.18 -29.14
C ILE A 1068 20.71 -5.18 -28.07
N LEU A 1069 20.93 -5.90 -26.97
CA LEU A 1069 19.92 -5.94 -25.92
C LEU A 1069 19.58 -4.54 -25.44
N THR A 1070 20.61 -3.78 -25.05
CA THR A 1070 20.37 -2.45 -24.50
C THR A 1070 19.64 -1.57 -25.50
N VAL A 1071 19.88 -1.77 -26.79
CA VAL A 1071 19.24 -0.91 -27.78
C VAL A 1071 17.91 -1.50 -28.23
N THR A 1072 17.83 -2.82 -28.40
CA THR A 1072 16.51 -3.41 -28.60
C THR A 1072 15.58 -3.05 -27.46
N GLU A 1073 16.10 -3.01 -26.24
CA GLU A 1073 15.28 -2.66 -25.09
C GLU A 1073 14.68 -1.27 -25.27
N ASN A 1074 15.46 -0.34 -25.81
CA ASN A 1074 14.90 0.96 -26.14
C ASN A 1074 13.77 0.82 -27.16
N ILE A 1075 13.96 -0.07 -28.14
CA ILE A 1075 12.97 -0.20 -29.20
C ILE A 1075 11.64 -0.67 -28.63
N PHE A 1076 11.64 -1.76 -27.85
CA PHE A 1076 10.40 -2.18 -27.20
C PHE A 1076 9.84 -1.08 -26.33
N SER A 1077 10.70 -0.41 -25.57
CA SER A 1077 10.25 0.59 -24.62
C SER A 1077 9.63 1.78 -25.34
N SER A 1078 10.33 2.33 -26.33
CA SER A 1078 9.98 3.64 -26.85
C SER A 1078 8.91 3.57 -27.94
N MET A 1079 7.80 2.93 -27.60
CA MET A 1079 6.65 2.96 -28.48
C MET A 1079 6.00 4.35 -28.47
N GLY A 1080 5.47 4.75 -29.61
CA GLY A 1080 4.73 5.99 -29.66
C GLY A 1080 5.54 7.22 -29.99
N ASP A 1081 6.86 7.08 -30.11
CA ASP A 1081 7.71 8.19 -30.56
C ASP A 1081 8.46 7.71 -31.78
N ALA A 1082 8.05 8.17 -32.96
CA ALA A 1082 8.64 7.69 -34.19
C ALA A 1082 10.13 7.97 -34.23
N GLY A 1083 10.53 9.19 -33.84
CA GLY A 1083 11.92 9.57 -33.95
C GLY A 1083 12.85 8.66 -33.17
N GLU A 1084 12.45 8.30 -31.95
CA GLU A 1084 13.32 7.46 -31.14
C GLU A 1084 13.51 6.08 -31.75
N MET A 1085 12.41 5.45 -32.18
CA MET A 1085 12.51 4.10 -32.69
C MET A 1085 13.49 4.01 -33.85
N VAL A 1086 13.31 4.86 -34.86
CA VAL A 1086 14.19 4.81 -36.02
C VAL A 1086 15.61 5.15 -35.61
N ARG A 1087 15.79 6.11 -34.71
CA ARG A 1087 17.12 6.51 -34.29
C ARG A 1087 17.87 5.32 -33.70
N GLN A 1088 17.22 4.57 -32.82
CA GLN A 1088 17.81 3.34 -32.35
C GLN A 1088 17.97 2.35 -33.48
N ALA A 1089 16.96 2.25 -34.36
CA ALA A 1089 17.04 1.32 -35.48
C ALA A 1089 18.31 1.54 -36.28
N ARG A 1090 18.75 2.79 -36.39
CA ARG A 1090 20.06 3.08 -36.96
C ARG A 1090 21.15 2.35 -36.19
N ILE A 1091 21.32 2.68 -34.91
CA ILE A 1091 22.45 2.18 -34.15
C ILE A 1091 22.37 0.67 -33.98
N LEU A 1092 21.16 0.13 -33.98
CA LEU A 1092 21.03 -1.32 -33.93
C LEU A 1092 21.54 -1.96 -35.21
N ALA A 1093 21.08 -1.46 -36.36
CA ALA A 1093 21.32 -2.14 -37.61
C ALA A 1093 22.80 -2.31 -37.88
N GLN A 1094 23.58 -1.26 -37.65
CA GLN A 1094 25.03 -1.39 -37.75
C GLN A 1094 25.54 -2.40 -36.74
N ALA A 1095 25.04 -2.31 -35.50
CA ALA A 1095 25.58 -3.15 -34.43
C ALA A 1095 25.38 -4.62 -34.72
N THR A 1096 24.17 -5.00 -35.12
CA THR A 1096 23.95 -6.40 -35.50
C THR A 1096 24.69 -6.75 -36.78
N SER A 1097 24.87 -5.79 -37.69
CA SER A 1097 25.68 -6.03 -38.87
C SER A 1097 27.09 -6.42 -38.47
N ASP A 1098 27.62 -5.78 -37.43
CA ASP A 1098 28.94 -6.16 -36.94
C ASP A 1098 28.95 -7.62 -36.49
N LEU A 1099 27.90 -8.06 -35.80
CA LEU A 1099 27.77 -9.48 -35.51
C LEU A 1099 27.71 -10.28 -36.80
N VAL A 1100 26.90 -9.82 -37.76
CA VAL A 1100 26.83 -10.50 -39.06
C VAL A 1100 28.21 -10.60 -39.68
N ASN A 1101 28.95 -9.50 -39.68
CA ASN A 1101 30.31 -9.54 -40.19
C ASN A 1101 31.19 -10.46 -39.36
N ALA A 1102 31.11 -10.33 -38.03
CA ALA A 1102 32.00 -11.09 -37.16
C ALA A 1102 31.76 -12.58 -37.28
N ILE A 1103 30.49 -13.00 -37.31
CA ILE A 1103 30.21 -14.41 -37.48
C ILE A 1103 30.63 -14.86 -38.88
N LYS A 1104 30.52 -13.97 -39.87
CA LYS A 1104 30.93 -14.31 -41.22
C LYS A 1104 32.41 -14.64 -41.28
N ALA A 1105 33.24 -13.80 -40.65
CA ALA A 1105 34.66 -14.12 -40.56
C ALA A 1105 34.91 -15.34 -39.69
N ASP A 1106 34.09 -15.51 -38.65
CA ASP A 1106 34.22 -16.67 -37.79
C ASP A 1106 34.01 -17.97 -38.56
N ALA A 1107 32.97 -18.01 -39.40
CA ALA A 1107 32.76 -19.19 -40.22
C ALA A 1107 33.95 -19.45 -41.14
N GLU A 1108 34.56 -18.38 -41.65
CA GLU A 1108 35.76 -18.53 -42.47
C GLU A 1108 36.90 -19.12 -41.66
N GLY A 1109 37.08 -18.68 -40.43
CA GLY A 1109 38.15 -19.22 -39.60
C GLY A 1109 37.93 -20.67 -39.23
N GLU A 1110 36.69 -21.03 -38.92
CA GLU A 1110 36.38 -22.40 -38.54
C GLU A 1110 36.56 -23.34 -39.75
N SER A 1111 37.17 -24.49 -39.50
CA SER A 1111 37.65 -25.35 -40.57
C SER A 1111 36.68 -26.48 -40.94
N ASP A 1112 35.95 -27.03 -39.98
CA ASP A 1112 35.00 -28.08 -40.30
C ASP A 1112 33.86 -27.51 -41.14
N LEU A 1113 33.66 -28.11 -42.32
CA LEU A 1113 32.68 -27.56 -43.25
C LEU A 1113 31.28 -27.61 -42.67
N GLU A 1114 30.93 -28.69 -41.96
CA GLU A 1114 29.60 -28.81 -41.41
C GLU A 1114 29.28 -27.67 -40.45
N ASN A 1115 30.18 -27.39 -39.50
CA ASN A 1115 29.97 -26.27 -38.60
C ASN A 1115 30.03 -24.95 -39.35
N SER A 1116 30.95 -24.82 -40.29
CA SER A 1116 31.07 -23.58 -41.05
C SER A 1116 29.76 -23.26 -41.78
N ARG A 1117 28.99 -24.29 -42.13
CA ARG A 1117 27.65 -24.05 -42.67
C ARG A 1117 26.77 -23.36 -41.63
N LYS A 1118 26.52 -24.05 -40.50
CA LYS A 1118 25.53 -23.56 -39.55
C LYS A 1118 25.92 -22.20 -38.99
N LEU A 1119 27.23 -21.94 -38.86
CA LEU A 1119 27.65 -20.59 -38.50
C LEU A 1119 27.16 -19.59 -39.54
N LEU A 1120 27.48 -19.83 -40.82
CA LEU A 1120 26.94 -18.99 -41.88
C LEU A 1120 25.43 -19.14 -42.00
N SER A 1121 24.94 -20.38 -41.91
CA SER A 1121 23.51 -20.60 -42.08
C SER A 1121 22.70 -19.78 -41.08
N ALA A 1122 23.10 -19.83 -39.81
CA ALA A 1122 22.46 -18.97 -38.81
C ALA A 1122 22.73 -17.50 -39.12
N ALA A 1123 23.93 -17.20 -39.61
CA ALA A 1123 24.28 -15.81 -39.91
C ALA A 1123 23.32 -15.20 -40.92
N LYS A 1124 22.95 -15.97 -41.95
CA LYS A 1124 22.01 -15.46 -42.94
C LYS A 1124 20.69 -15.10 -42.30
N ILE A 1125 20.27 -15.86 -41.29
CA ILE A 1125 18.97 -15.65 -40.68
C ILE A 1125 18.86 -14.24 -40.13
N LEU A 1126 19.90 -13.77 -39.46
CA LEU A 1126 19.93 -12.37 -39.03
C LEU A 1126 19.87 -11.44 -40.22
N ALA A 1127 20.68 -11.70 -41.25
CA ALA A 1127 20.71 -10.84 -42.42
C ALA A 1127 19.31 -10.62 -42.97
N ASP A 1128 18.56 -11.70 -43.16
CA ASP A 1128 17.14 -11.55 -43.48
C ASP A 1128 16.42 -10.78 -42.38
N ALA A 1129 16.65 -11.16 -41.13
CA ALA A 1129 15.97 -10.50 -40.02
C ALA A 1129 16.33 -9.03 -39.97
N THR A 1130 17.61 -8.71 -40.15
CA THR A 1130 18.05 -7.32 -40.08
C THR A 1130 17.35 -6.47 -41.12
N ALA A 1131 17.41 -6.88 -42.39
CA ALA A 1131 16.77 -6.10 -43.44
C ALA A 1131 15.28 -5.99 -43.21
N LYS A 1132 14.66 -7.08 -42.76
CA LYS A 1132 13.25 -7.04 -42.40
C LYS A 1132 12.98 -5.92 -41.41
N MET A 1133 13.82 -5.80 -40.39
CA MET A 1133 13.73 -4.64 -39.51
C MET A 1133 14.06 -3.37 -40.28
N VAL A 1134 15.11 -3.40 -41.09
CA VAL A 1134 15.58 -2.18 -41.76
C VAL A 1134 14.48 -1.60 -42.62
N GLU A 1135 13.87 -2.43 -43.47
CA GLU A 1135 12.78 -1.94 -44.31
C GLU A 1135 11.59 -1.51 -43.47
N ALA A 1136 11.24 -2.29 -42.45
CA ALA A 1136 10.16 -1.89 -41.56
C ALA A 1136 10.48 -0.55 -40.90
N ALA A 1137 11.72 -0.38 -40.45
CA ALA A 1137 12.13 0.89 -39.88
C ALA A 1137 11.89 2.02 -40.86
N LYS A 1138 12.32 1.84 -42.10
CA LYS A 1138 12.11 2.86 -43.12
C LYS A 1138 10.63 3.07 -43.36
N GLY A 1139 9.82 2.02 -43.15
CA GLY A 1139 8.38 2.17 -43.33
C GLY A 1139 7.76 3.07 -42.30
N ALA A 1140 7.99 2.79 -41.02
CA ALA A 1140 7.42 3.63 -39.96
C ALA A 1140 7.95 5.06 -40.07
N ALA A 1141 9.20 5.21 -40.51
CA ALA A 1141 9.74 6.53 -40.73
C ALA A 1141 8.86 7.34 -41.68
N ALA A 1142 8.32 6.68 -42.71
CA ALA A 1142 7.46 7.38 -43.65
C ALA A 1142 6.20 7.91 -42.97
N HIS A 1143 5.59 7.11 -42.10
CA HIS A 1143 4.33 7.45 -41.45
C HIS A 1143 4.57 7.56 -39.96
N PRO A 1144 4.83 8.77 -39.47
CA PRO A 1144 5.16 8.92 -38.04
C PRO A 1144 4.05 8.51 -37.10
N ASP A 1145 2.79 8.63 -37.52
CA ASP A 1145 1.68 8.57 -36.57
C ASP A 1145 0.78 7.35 -36.79
N SER A 1146 1.20 6.41 -37.63
CA SER A 1146 0.40 5.22 -37.91
C SER A 1146 0.73 4.19 -36.84
N GLU A 1147 -0.19 4.00 -35.89
CA GLU A 1147 0.08 3.14 -34.76
C GLU A 1147 0.40 1.71 -35.17
N GLU A 1148 0.04 1.31 -36.39
CA GLU A 1148 0.38 -0.03 -36.83
C GLU A 1148 1.86 -0.13 -37.18
N GLN A 1149 2.44 0.93 -37.74
CA GLN A 1149 3.85 0.88 -38.12
C GLN A 1149 4.74 0.70 -36.89
N GLN A 1150 4.47 1.44 -35.82
CA GLN A 1150 5.24 1.25 -34.60
C GLN A 1150 5.11 -0.19 -34.11
N GLN A 1151 3.92 -0.78 -34.27
CA GLN A 1151 3.78 -2.21 -34.03
C GLN A 1151 4.64 -3.00 -34.99
N ARG A 1152 4.69 -2.59 -36.26
CA ARG A 1152 5.53 -3.29 -37.23
C ARG A 1152 7.00 -3.21 -36.85
N LEU A 1153 7.49 -2.01 -36.54
CA LEU A 1153 8.90 -1.86 -36.21
C LEU A 1153 9.26 -2.72 -35.00
N ARG A 1154 8.41 -2.68 -33.96
CA ARG A 1154 8.63 -3.55 -32.81
C ARG A 1154 8.73 -5.01 -33.20
N GLU A 1155 7.74 -5.50 -33.94
CA GLU A 1155 7.60 -6.96 -34.09
C GLU A 1155 8.78 -7.55 -34.83
N ALA A 1156 9.38 -6.81 -35.76
CA ALA A 1156 10.63 -7.26 -36.35
C ALA A 1156 11.73 -7.33 -35.30
N ALA A 1157 11.79 -6.33 -34.42
CA ALA A 1157 12.86 -6.30 -33.42
C ALA A 1157 12.78 -7.50 -32.51
N GLU A 1158 11.56 -7.98 -32.23
CA GLU A 1158 11.42 -9.09 -31.30
C GLU A 1158 12.10 -10.35 -31.84
N GLY A 1159 11.77 -10.74 -33.07
CA GLY A 1159 12.42 -11.88 -33.67
C GLY A 1159 13.92 -11.65 -33.84
N LEU A 1160 14.30 -10.40 -34.07
CA LEU A 1160 15.71 -10.05 -34.13
C LEU A 1160 16.44 -10.55 -32.89
N ARG A 1161 15.89 -10.29 -31.71
CA ARG A 1161 16.41 -10.90 -30.50
C ARG A 1161 16.39 -12.41 -30.63
N MET A 1162 15.25 -12.96 -31.03
CA MET A 1162 15.13 -14.40 -31.18
C MET A 1162 16.16 -14.92 -32.17
N ALA A 1163 16.46 -14.16 -33.22
CA ALA A 1163 17.42 -14.62 -34.25
C ALA A 1163 18.81 -14.70 -33.62
N THR A 1164 19.11 -13.82 -32.67
CA THR A 1164 20.41 -13.92 -31.93
C THR A 1164 20.40 -15.24 -31.15
N ASN A 1165 19.26 -15.63 -30.57
CA ASN A 1165 19.13 -16.94 -29.87
C ASN A 1165 19.31 -18.06 -30.90
N ALA A 1166 18.81 -17.89 -32.13
CA ALA A 1166 19.01 -18.87 -33.22
C ALA A 1166 20.51 -19.00 -33.49
N ALA A 1167 21.25 -17.88 -33.42
CA ALA A 1167 22.73 -17.91 -33.54
C ALA A 1167 23.25 -18.64 -32.30
N ALA A 1168 24.47 -19.19 -32.34
CA ALA A 1168 24.89 -20.11 -31.25
C ALA A 1168 24.86 -19.44 -29.88
N GLN A 1169 25.28 -18.17 -29.74
CA GLN A 1169 25.11 -17.55 -28.40
C GLN A 1169 23.62 -17.44 -28.11
N ASN A 1170 23.18 -17.81 -26.90
CA ASN A 1170 21.75 -17.73 -26.50
C ASN A 1170 21.59 -16.59 -25.49
N ALA A 1171 22.57 -15.69 -25.40
CA ALA A 1171 22.59 -14.67 -24.31
C ALA A 1171 21.37 -13.75 -24.35
N ILE A 1172 20.88 -13.31 -25.50
CA ILE A 1172 19.63 -12.49 -25.50
C ILE A 1172 18.63 -13.06 -24.46
N LYS A 1173 18.42 -14.37 -24.44
CA LYS A 1173 17.52 -14.99 -23.40
C LYS A 1173 18.30 -15.27 -22.12
N LYS A 1174 19.51 -15.83 -22.24
CA LYS A 1174 20.27 -16.26 -21.04
C LYS A 1174 20.65 -15.09 -20.14
N LYS A 1175 21.09 -13.96 -20.71
CA LYS A 1175 21.59 -12.83 -19.89
C LYS A 1175 20.43 -12.33 -19.03
N LEU A 1176 19.23 -12.28 -19.60
CA LEU A 1176 18.09 -11.74 -18.83
C LEU A 1176 17.78 -12.69 -17.67
N VAL A 1177 18.34 -13.90 -17.64
CA VAL A 1177 18.14 -14.69 -16.44
C VAL A 1177 19.18 -14.34 -15.38
N GLN A 1178 20.45 -14.18 -15.77
CA GLN A 1178 21.43 -13.80 -14.76
C GLN A 1178 21.14 -12.42 -14.16
N ARG A 1179 20.39 -11.57 -14.85
CA ARG A 1179 19.93 -10.36 -14.18
C ARG A 1179 18.73 -10.65 -13.30
N LEU A 1180 18.37 -11.92 -13.15
CA LEU A 1180 17.38 -12.29 -12.14
C LEU A 1180 18.02 -13.15 -11.06
N GLU A 1181 18.82 -14.13 -11.46
CA GLU A 1181 19.52 -14.95 -10.47
C GLU A 1181 20.35 -14.11 -9.53
N HIS A 1182 20.84 -12.96 -10.01
CA HIS A 1182 21.54 -12.06 -9.11
C HIS A 1182 20.58 -11.06 -8.49
N ALA A 1183 19.31 -11.08 -8.89
CA ALA A 1183 18.32 -10.26 -8.21
C ALA A 1183 17.64 -11.04 -7.11
N ALA A 1184 17.24 -12.28 -7.39
CA ALA A 1184 16.55 -13.08 -6.38
C ALA A 1184 17.42 -13.33 -5.18
N LYS A 1185 18.64 -13.84 -5.39
CA LYS A 1185 19.56 -13.99 -4.27
C LYS A 1185 19.69 -12.69 -3.51
N GLN A 1186 19.76 -11.57 -4.23
CA GLN A 1186 19.93 -10.29 -3.55
C GLN A 1186 18.75 -9.96 -2.66
N ALA A 1187 17.54 -10.20 -3.13
CA ALA A 1187 16.39 -9.97 -2.27
C ALA A 1187 16.28 -11.07 -1.21
N ALA A 1188 16.69 -12.29 -1.54
CA ALA A 1188 16.63 -13.38 -0.58
C ALA A 1188 17.56 -13.11 0.59
N ALA A 1189 18.75 -12.57 0.33
CA ALA A 1189 19.61 -12.18 1.44
C ALA A 1189 19.02 -11.02 2.22
N SER A 1190 18.61 -9.95 1.54
CA SER A 1190 18.07 -8.82 2.27
C SER A 1190 16.68 -9.12 2.82
N ALA A 1191 16.22 -10.36 2.68
CA ALA A 1191 15.14 -10.84 3.53
C ALA A 1191 15.70 -11.48 4.79
N THR A 1192 16.55 -12.50 4.62
CA THR A 1192 17.04 -13.23 5.77
C THR A 1192 18.01 -12.39 6.59
N GLN A 1193 18.24 -11.16 6.17
CA GLN A 1193 18.97 -10.23 7.03
C GLN A 1193 18.00 -9.29 7.75
N THR A 1194 16.75 -9.23 7.29
CA THR A 1194 15.72 -8.54 8.06
C THR A 1194 15.00 -9.48 9.01
N ILE A 1195 14.73 -10.70 8.57
CA ILE A 1195 14.04 -11.68 9.42
C ILE A 1195 14.76 -11.81 10.75
N ALA A 1196 16.09 -11.91 10.72
CA ALA A 1196 16.83 -11.94 11.97
C ALA A 1196 16.79 -10.58 12.64
N ALA A 1197 16.77 -9.51 11.84
CA ALA A 1197 16.76 -8.17 12.41
C ALA A 1197 15.43 -7.86 13.07
N ALA A 1198 14.49 -8.80 13.04
CA ALA A 1198 13.29 -8.66 13.84
C ALA A 1198 13.39 -9.51 15.10
N GLN A 1199 13.80 -10.78 14.95
CA GLN A 1199 13.81 -11.69 16.08
C GLN A 1199 14.62 -11.12 17.24
N HIS A 1200 15.84 -10.66 16.99
CA HIS A 1200 16.61 -10.10 18.09
C HIS A 1200 16.03 -8.78 18.57
N ALA A 1201 15.72 -7.86 17.67
CA ALA A 1201 15.36 -6.51 18.09
C ALA A 1201 13.96 -6.45 18.68
N ALA A 1202 13.00 -7.17 18.10
CA ALA A 1202 11.64 -7.10 18.59
C ALA A 1202 11.40 -7.99 19.80
N SER A 1203 12.37 -8.82 20.20
CA SER A 1203 12.18 -9.64 21.38
C SER A 1203 12.26 -8.81 22.64
N ALA A 1204 12.84 -7.61 22.56
CA ALA A 1204 13.06 -6.80 23.75
C ALA A 1204 11.77 -6.44 24.48
N PRO A 1205 10.73 -5.89 23.84
CA PRO A 1205 9.51 -5.58 24.60
C PRO A 1205 8.65 -6.80 24.86
N LYS A 1206 8.51 -7.68 23.87
CA LYS A 1206 7.49 -8.72 23.89
C LYS A 1206 6.15 -8.16 24.34
N ALA A 1207 5.71 -7.13 23.63
CA ALA A 1207 4.47 -6.42 23.93
C ALA A 1207 3.36 -6.96 23.03
N SER A 1208 2.27 -7.41 23.64
CA SER A 1208 1.18 -8.01 22.89
C SER A 1208 0.29 -6.99 22.20
N ALA A 1209 0.40 -5.72 22.56
CA ALA A 1209 -0.32 -4.66 21.88
C ALA A 1209 0.60 -4.00 20.87
N GLY A 1210 0.15 -2.90 20.28
CA GLY A 1210 0.98 -2.13 19.38
C GLY A 1210 1.23 -2.81 18.05
N PRO A 1211 2.30 -2.42 17.36
CA PRO A 1211 2.58 -2.93 16.02
C PRO A 1211 3.39 -4.21 15.98
N GLN A 1212 4.04 -4.61 17.07
CA GLN A 1212 4.87 -5.82 17.04
C GLN A 1212 4.10 -7.09 16.67
N PRO A 1213 2.94 -7.41 17.24
CA PRO A 1213 2.35 -8.72 16.94
C PRO A 1213 1.87 -8.84 15.50
N LEU A 1214 1.66 -7.72 14.80
CA LEU A 1214 1.35 -7.83 13.38
C LEU A 1214 2.64 -7.93 12.55
N LEU A 1215 3.79 -7.71 13.19
CA LEU A 1215 5.05 -7.88 12.49
C LEU A 1215 5.47 -9.35 12.43
N VAL A 1216 5.56 -10.00 13.59
CA VAL A 1216 6.04 -11.38 13.64
C VAL A 1216 5.15 -12.29 12.81
N GLN A 1217 3.83 -12.05 12.83
CA GLN A 1217 2.96 -12.81 11.95
C GLN A 1217 3.27 -12.52 10.49
N SER A 1218 3.55 -11.25 10.17
CA SER A 1218 3.89 -10.90 8.79
C SER A 1218 5.19 -11.58 8.38
N CYS A 1219 6.15 -11.64 9.32
CA CYS A 1219 7.42 -12.25 9.01
C CYS A 1219 7.28 -13.75 8.80
N LYS A 1220 6.21 -14.34 9.32
CA LYS A 1220 6.01 -15.78 9.14
C LYS A 1220 5.86 -16.12 7.66
N ALA A 1221 5.08 -15.32 6.93
CA ALA A 1221 4.81 -15.64 5.53
C ALA A 1221 6.10 -15.68 4.73
N VAL A 1222 6.93 -14.65 4.86
CA VAL A 1222 8.18 -14.62 4.13
C VAL A 1222 9.10 -15.74 4.56
N ALA A 1223 9.15 -16.03 5.85
CA ALA A 1223 10.08 -17.04 6.37
C ALA A 1223 9.89 -18.39 5.72
N GLU A 1224 8.70 -18.69 5.20
CA GLU A 1224 8.52 -19.92 4.45
C GLU A 1224 8.47 -19.67 2.96
N GLN A 1225 8.44 -18.41 2.52
CA GLN A 1225 8.51 -18.12 1.10
C GLN A 1225 9.93 -18.22 0.55
N ILE A 1226 10.93 -17.83 1.35
CA ILE A 1226 12.31 -17.91 0.88
C ILE A 1226 12.68 -19.30 0.40
N PRO A 1227 12.42 -20.38 1.14
CA PRO A 1227 12.81 -21.70 0.63
C PRO A 1227 12.16 -22.05 -0.71
N LEU A 1228 11.00 -21.47 -1.02
CA LEU A 1228 10.44 -21.68 -2.35
C LEU A 1228 11.13 -20.82 -3.40
N LEU A 1229 11.80 -19.75 -2.96
CA LEU A 1229 12.49 -18.88 -3.90
C LEU A 1229 13.89 -19.38 -4.20
N VAL A 1230 14.70 -19.54 -3.16
CA VAL A 1230 16.09 -19.95 -3.36
C VAL A 1230 16.15 -21.31 -4.04
N GLN A 1231 15.30 -22.25 -3.63
CA GLN A 1231 15.27 -23.55 -4.28
C GLN A 1231 15.03 -23.41 -5.77
N GLY A 1232 14.20 -22.42 -6.16
CA GLY A 1232 14.05 -22.14 -7.58
C GLY A 1232 15.31 -21.59 -8.20
N VAL A 1233 15.99 -20.67 -7.50
CA VAL A 1233 17.19 -20.06 -8.06
C VAL A 1233 18.22 -21.12 -8.40
N ARG A 1234 18.43 -22.08 -7.50
CA ARG A 1234 19.38 -23.14 -7.78
C ARG A 1234 18.91 -24.00 -8.94
N GLY A 1235 17.60 -24.03 -9.20
CA GLY A 1235 17.11 -24.75 -10.37
C GLY A 1235 17.59 -24.13 -11.66
N SER A 1236 17.51 -22.80 -11.76
CA SER A 1236 18.04 -22.09 -12.91
C SER A 1236 19.56 -22.23 -13.01
N GLN A 1237 20.26 -22.19 -11.89
CA GLN A 1237 21.72 -22.34 -11.90
C GLN A 1237 22.13 -23.69 -12.44
N ALA A 1238 21.21 -24.67 -12.45
CA ALA A 1238 21.57 -26.01 -12.88
C ALA A 1238 21.46 -26.16 -14.39
N GLN A 1239 20.30 -25.85 -14.95
CA GLN A 1239 20.07 -25.99 -16.39
C GLN A 1239 19.57 -24.67 -16.95
N PRO A 1240 20.45 -23.69 -17.17
CA PRO A 1240 19.98 -22.44 -17.78
C PRO A 1240 19.44 -22.64 -19.17
N ASP A 1241 19.74 -23.77 -19.81
CA ASP A 1241 19.28 -24.07 -21.15
C ASP A 1241 18.02 -24.94 -21.14
N SER A 1242 17.15 -24.76 -20.15
CA SER A 1242 15.88 -25.46 -20.12
C SER A 1242 14.78 -24.47 -19.74
N PRO A 1243 13.91 -24.07 -20.66
CA PRO A 1243 13.00 -22.95 -20.38
C PRO A 1243 12.07 -23.20 -19.22
N SER A 1244 11.82 -24.46 -18.85
CA SER A 1244 10.94 -24.72 -17.72
C SER A 1244 11.48 -24.09 -16.44
N ALA A 1245 12.79 -24.23 -16.20
CA ALA A 1245 13.38 -23.66 -14.99
C ALA A 1245 13.25 -22.15 -14.98
N GLN A 1246 13.50 -21.51 -16.12
CA GLN A 1246 13.40 -20.05 -16.17
C GLN A 1246 11.99 -19.59 -15.86
N LEU A 1247 10.97 -20.29 -16.35
CA LEU A 1247 9.61 -19.95 -15.96
C LEU A 1247 9.43 -20.11 -14.47
N ALA A 1248 9.99 -21.18 -13.90
CA ALA A 1248 9.86 -21.40 -12.46
C ALA A 1248 10.46 -20.25 -11.67
N LEU A 1249 11.66 -19.81 -12.04
CA LEU A 1249 12.28 -18.69 -11.36
C LEU A 1249 11.43 -17.44 -11.51
N ILE A 1250 10.92 -17.20 -12.71
CA ILE A 1250 9.97 -16.10 -12.90
C ILE A 1250 8.72 -16.34 -12.07
N ALA A 1251 8.24 -17.57 -12.05
CA ALA A 1251 7.03 -17.88 -11.30
C ALA A 1251 7.22 -17.60 -9.82
N ALA A 1252 8.35 -18.04 -9.26
CA ALA A 1252 8.57 -17.84 -7.84
C ALA A 1252 8.78 -16.37 -7.51
N SER A 1253 9.59 -15.67 -8.31
CA SER A 1253 9.94 -14.30 -7.97
C SER A 1253 8.72 -13.39 -8.03
N GLN A 1254 7.87 -13.55 -9.04
CA GLN A 1254 6.68 -12.71 -9.12
C GLN A 1254 5.78 -12.91 -7.92
N SER A 1255 5.62 -14.16 -7.48
CA SER A 1255 4.80 -14.43 -6.30
C SER A 1255 5.38 -13.78 -5.06
N PHE A 1256 6.71 -13.83 -4.92
CA PHE A 1256 7.38 -13.40 -3.70
C PHE A 1256 7.01 -11.99 -3.27
N LEU A 1257 6.75 -11.10 -4.22
CA LEU A 1257 6.69 -9.68 -3.90
C LEU A 1257 5.59 -9.37 -2.89
N GLN A 1258 4.36 -9.82 -3.15
CA GLN A 1258 3.25 -9.38 -2.30
C GLN A 1258 3.42 -9.83 -0.86
N PRO A 1259 3.68 -11.10 -0.54
CA PRO A 1259 4.00 -11.44 0.84
C PRO A 1259 5.23 -10.70 1.35
N GLY A 1260 6.25 -10.54 0.52
CA GLY A 1260 7.42 -9.82 0.96
C GLY A 1260 7.14 -8.36 1.25
N GLY A 1261 6.35 -7.73 0.39
CA GLY A 1261 6.15 -6.29 0.52
C GLY A 1261 5.53 -5.91 1.85
N LYS A 1262 4.65 -6.77 2.37
CA LYS A 1262 3.91 -6.41 3.59
C LYS A 1262 4.86 -6.25 4.78
N MET A 1263 5.98 -6.98 4.77
CA MET A 1263 6.95 -6.80 5.84
C MET A 1263 7.43 -5.35 5.91
N VAL A 1264 7.84 -4.81 4.77
CA VAL A 1264 8.46 -3.49 4.74
C VAL A 1264 7.48 -2.43 5.25
N ALA A 1265 6.27 -2.44 4.72
CA ALA A 1265 5.28 -1.47 5.20
C ALA A 1265 4.88 -1.76 6.64
N ALA A 1266 5.27 -2.92 7.16
CA ALA A 1266 5.04 -3.20 8.57
C ALA A 1266 6.24 -2.79 9.41
N ALA A 1267 7.45 -3.16 8.96
CA ALA A 1267 8.64 -2.84 9.72
C ALA A 1267 8.81 -1.33 9.85
N LYS A 1268 8.58 -0.59 8.77
CA LYS A 1268 8.66 0.86 8.86
C LYS A 1268 7.63 1.42 9.82
N ALA A 1269 6.62 0.62 10.16
CA ALA A 1269 5.67 1.02 11.19
C ALA A 1269 6.08 0.53 12.57
N SER A 1270 7.13 -0.28 12.66
CA SER A 1270 7.62 -0.75 13.94
C SER A 1270 8.78 0.07 14.47
N VAL A 1271 9.48 0.81 13.61
CA VAL A 1271 10.72 1.47 14.02
C VAL A 1271 10.54 2.39 15.22
N PRO A 1272 9.55 3.28 15.26
CA PRO A 1272 9.50 4.23 16.39
C PRO A 1272 9.23 3.57 17.72
N THR A 1273 8.36 2.56 17.77
CA THR A 1273 7.98 1.99 19.06
C THR A 1273 9.17 1.37 19.78
N ILE A 1274 10.03 0.66 19.04
CA ILE A 1274 11.19 0.03 19.66
C ILE A 1274 11.95 1.04 20.49
N GLN A 1275 12.36 0.64 21.69
CA GLN A 1275 12.96 1.60 22.61
C GLN A 1275 14.49 1.56 22.58
N ASP A 1276 15.10 0.39 22.44
CA ASP A 1276 16.55 0.28 22.41
C ASP A 1276 17.03 0.79 21.06
N GLN A 1277 17.59 2.00 21.04
CA GLN A 1277 17.87 2.67 19.78
C GLN A 1277 18.79 1.85 18.89
N ALA A 1278 19.72 1.10 19.48
CA ALA A 1278 20.67 0.34 18.68
C ALA A 1278 19.95 -0.76 17.89
N SER A 1279 19.05 -1.48 18.54
CA SER A 1279 18.32 -2.53 17.82
C SER A 1279 17.23 -1.93 16.96
N ALA A 1280 16.87 -0.68 17.21
CA ALA A 1280 15.90 -0.01 16.35
C ALA A 1280 16.49 0.29 14.99
N MET A 1281 17.56 1.09 14.95
CA MET A 1281 18.17 1.48 13.69
C MET A 1281 18.56 0.27 12.86
N GLN A 1282 18.97 -0.81 13.53
CA GLN A 1282 19.32 -2.03 12.80
C GLN A 1282 18.12 -2.59 12.05
N LEU A 1283 16.92 -2.20 12.46
CA LEU A 1283 15.73 -2.68 11.75
C LEU A 1283 15.43 -1.82 10.54
N SER A 1284 15.42 -0.50 10.73
CA SER A 1284 15.07 0.44 9.63
C SER A 1284 16.04 0.28 8.45
N GLN A 1285 17.35 0.20 8.72
CA GLN A 1285 18.35 0.11 7.63
C GLN A 1285 18.12 -1.20 6.87
N CYS A 1286 17.84 -2.29 7.58
CA CYS A 1286 17.52 -3.57 6.89
C CYS A 1286 16.24 -3.43 6.08
N ALA A 1287 15.22 -2.73 6.61
CA ALA A 1287 13.94 -2.54 5.87
C ALA A 1287 14.17 -1.72 4.60
N LYS A 1288 14.98 -0.66 4.67
CA LYS A 1288 15.27 0.18 3.47
C LYS A 1288 16.00 -0.66 2.42
N ASN A 1289 16.95 -1.50 2.86
CA ASN A 1289 17.70 -2.37 1.92
C ASN A 1289 16.71 -3.31 1.24
N LEU A 1290 15.91 -4.03 2.02
CA LEU A 1290 14.89 -4.90 1.44
C LEU A 1290 13.95 -4.12 0.55
N GLY A 1291 13.62 -2.88 0.94
CA GLY A 1291 12.75 -2.08 0.10
C GLY A 1291 13.31 -1.87 -1.29
N THR A 1292 14.61 -1.60 -1.38
CA THR A 1292 15.25 -1.50 -2.68
C THR A 1292 15.31 -2.86 -3.36
N ALA A 1293 15.77 -3.88 -2.64
CA ALA A 1293 15.98 -5.18 -3.27
C ALA A 1293 14.68 -5.79 -3.75
N LEU A 1294 13.56 -5.10 -3.54
CA LEU A 1294 12.32 -5.55 -4.14
C LEU A 1294 12.03 -4.80 -5.44
N ALA A 1295 12.11 -3.46 -5.42
CA ALA A 1295 11.90 -2.71 -6.65
C ALA A 1295 12.90 -3.13 -7.71
N GLU A 1296 14.06 -3.64 -7.29
CA GLU A 1296 15.01 -4.18 -8.26
C GLU A 1296 14.72 -5.65 -8.55
N LEU A 1297 13.73 -6.23 -7.87
CA LEU A 1297 13.24 -7.52 -8.30
C LEU A 1297 12.09 -7.37 -9.27
N ARG A 1298 11.09 -6.56 -8.90
CA ARG A 1298 9.92 -6.38 -9.75
C ARG A 1298 10.34 -6.01 -11.17
N THR A 1299 11.34 -5.15 -11.29
CA THR A 1299 11.85 -4.79 -12.60
C THR A 1299 12.47 -6.00 -13.29
N ALA A 1300 13.50 -6.58 -12.69
CA ALA A 1300 14.26 -7.62 -13.38
C ALA A 1300 13.39 -8.84 -13.64
N ALA A 1301 12.31 -9.02 -12.89
CA ALA A 1301 11.38 -10.09 -13.21
C ALA A 1301 10.69 -9.83 -14.55
N GLN A 1302 10.14 -8.63 -14.72
CA GLN A 1302 9.38 -8.32 -15.92
C GLN A 1302 10.21 -8.52 -17.18
N LYS A 1303 11.47 -8.05 -17.16
CA LYS A 1303 12.37 -8.29 -18.26
C LYS A 1303 12.39 -9.77 -18.62
N ALA A 1304 12.49 -10.63 -17.62
CA ALA A 1304 12.51 -12.05 -17.88
C ALA A 1304 11.19 -12.52 -18.46
N GLN A 1305 10.09 -11.87 -18.11
CA GLN A 1305 8.79 -12.35 -18.55
C GLN A 1305 8.62 -12.22 -20.05
N GLU A 1306 8.93 -11.04 -20.59
CA GLU A 1306 8.79 -10.81 -22.05
C GLU A 1306 9.84 -11.65 -22.80
N ALA A 1307 11.09 -11.65 -22.35
CA ALA A 1307 12.18 -12.39 -23.03
C ALA A 1307 11.92 -13.88 -23.02
N CYS A 1308 11.42 -14.42 -21.92
CA CYS A 1308 11.23 -15.89 -21.80
C CYS A 1308 10.16 -16.38 -22.77
N GLY A 1309 10.34 -17.61 -23.26
CA GLY A 1309 9.39 -18.20 -24.22
C GLY A 1309 8.05 -18.49 -23.57
N PRO A 1310 6.94 -18.55 -24.34
CA PRO A 1310 5.60 -18.71 -23.79
C PRO A 1310 5.44 -20.05 -23.05
N LEU A 1311 4.56 -20.08 -22.06
CA LEU A 1311 4.42 -21.28 -21.20
C LEU A 1311 4.01 -22.46 -22.09
N GLU A 1312 3.15 -22.24 -23.09
CA GLU A 1312 2.71 -23.30 -24.03
C GLU A 1312 1.95 -24.35 -23.23
N MET A 1313 1.61 -24.06 -21.98
CA MET A 1313 0.79 -24.92 -21.12
C MET A 1313 1.16 -26.39 -21.25
N ASP A 1314 2.44 -26.67 -21.47
CA ASP A 1314 2.95 -28.03 -21.44
C ASP A 1314 3.99 -28.20 -20.34
N SER A 1315 4.58 -27.11 -19.89
CA SER A 1315 5.34 -27.17 -18.64
C SER A 1315 4.47 -27.71 -17.52
N ALA A 1316 3.20 -27.30 -17.50
CA ALA A 1316 2.23 -27.95 -16.62
C ALA A 1316 2.14 -29.43 -16.95
N LEU A 1317 2.04 -29.76 -18.23
CA LEU A 1317 2.04 -31.15 -18.64
C LEU A 1317 3.34 -31.84 -18.23
N SER A 1318 4.46 -31.13 -18.33
CA SER A 1318 5.73 -31.69 -17.87
C SER A 1318 5.70 -31.97 -16.37
N VAL A 1319 5.24 -31.00 -15.57
CA VAL A 1319 5.27 -31.17 -14.12
C VAL A 1319 4.36 -32.31 -13.69
N VAL A 1320 3.15 -32.36 -14.22
CA VAL A 1320 2.21 -33.41 -13.81
C VAL A 1320 2.73 -34.79 -14.17
N GLN A 1321 3.31 -34.94 -15.36
CA GLN A 1321 3.89 -36.22 -15.75
C GLN A 1321 5.05 -36.58 -14.83
N ASN A 1322 5.91 -35.60 -14.51
CA ASN A 1322 6.94 -35.83 -13.52
C ASN A 1322 6.32 -36.21 -12.19
N LEU A 1323 5.27 -35.50 -11.78
CA LEU A 1323 4.54 -35.88 -10.57
C LEU A 1323 3.97 -37.28 -10.70
N GLU A 1324 3.45 -37.60 -11.89
CA GLU A 1324 2.87 -38.93 -12.12
C GLU A 1324 3.89 -40.02 -11.82
N LYS A 1325 5.11 -39.86 -12.31
CA LYS A 1325 6.15 -40.86 -12.08
C LYS A 1325 6.63 -40.83 -10.64
N ASP A 1326 6.69 -39.65 -10.04
CA ASP A 1326 7.19 -39.54 -8.68
C ASP A 1326 6.33 -40.32 -7.70
N LEU A 1327 5.01 -40.06 -7.71
CA LEU A 1327 4.11 -40.81 -6.85
C LEU A 1327 4.06 -42.28 -7.24
N GLN A 1328 4.35 -42.59 -8.51
CA GLN A 1328 4.49 -43.99 -8.90
C GLN A 1328 5.64 -44.63 -8.12
N GLU A 1329 6.77 -43.93 -8.01
CA GLU A 1329 7.83 -44.38 -7.11
C GLU A 1329 7.31 -44.48 -5.68
N ILE A 1330 6.54 -43.48 -5.26
CA ILE A 1330 5.92 -43.54 -3.93
C ILE A 1330 4.98 -44.73 -3.84
N LYS A 1331 4.17 -44.94 -4.88
CA LYS A 1331 3.31 -46.13 -4.91
C LYS A 1331 4.15 -47.39 -5.02
N ALA A 1332 5.29 -47.31 -5.72
CA ALA A 1332 6.23 -48.43 -5.71
C ALA A 1332 6.88 -48.57 -4.33
N ALA A 1333 7.32 -47.46 -3.75
CA ALA A 1333 7.91 -47.52 -2.42
C ALA A 1333 6.85 -47.79 -1.35
N ALA A 1334 5.57 -47.72 -1.72
CA ALA A 1334 4.51 -48.06 -0.78
C ALA A 1334 4.63 -49.52 -0.34
N ARG A 1335 4.89 -50.43 -1.29
CA ARG A 1335 5.06 -51.84 -0.95
C ARG A 1335 6.37 -52.05 -0.18
N ASP A 1336 7.33 -51.14 -0.31
CA ASP A 1336 8.55 -51.23 0.47
C ASP A 1336 8.27 -51.11 1.97
N GLY A 1337 7.17 -50.46 2.35
CA GLY A 1337 6.70 -50.47 3.72
C GLY A 1337 7.44 -49.55 4.67
N LYS A 1338 8.52 -48.91 4.23
CA LYS A 1338 9.28 -47.99 5.08
C LYS A 1338 9.35 -46.65 4.35
N LEU A 1339 8.37 -45.80 4.59
CA LEU A 1339 8.35 -44.44 4.07
C LEU A 1339 8.18 -43.49 5.23
N LYS A 1340 9.17 -42.67 5.48
CA LYS A 1340 9.16 -41.85 6.67
C LYS A 1340 8.58 -40.48 6.37
N PRO A 1341 7.82 -39.90 7.30
CA PRO A 1341 7.17 -38.62 7.04
C PRO A 1341 8.17 -37.48 7.05
N LEU A 1342 7.77 -36.37 6.43
CA LEU A 1342 8.58 -35.17 6.45
C LEU A 1342 8.62 -34.60 7.87
N PRO A 1343 9.60 -33.74 8.18
CA PRO A 1343 9.73 -33.27 9.57
C PRO A 1343 8.51 -32.57 10.11
N GLY A 1344 7.81 -31.77 9.31
CA GLY A 1344 6.93 -30.77 9.89
C GLY A 1344 5.44 -31.05 9.92
N GLU A 1345 4.98 -32.17 9.37
CA GLU A 1345 3.55 -32.36 9.15
C GLU A 1345 2.98 -33.38 10.12
N THR A 1346 1.72 -33.19 10.50
CA THR A 1346 0.96 -34.14 11.30
C THR A 1346 -0.29 -34.54 10.54
N MET A 1347 -0.87 -35.68 10.93
CA MET A 1347 -2.11 -36.13 10.29
C MET A 1347 -3.19 -35.06 10.31
N GLU A 1348 -3.29 -34.31 11.40
CA GLU A 1348 -4.27 -33.23 11.45
C GLU A 1348 -3.81 -32.04 10.60
N LYS A 1349 -2.54 -32.03 10.20
CA LYS A 1349 -2.03 -30.90 9.43
C LYS A 1349 -2.05 -31.20 7.93
N CYS A 1350 -1.82 -32.45 7.54
CA CYS A 1350 -1.83 -32.80 6.12
C CYS A 1350 -3.19 -32.54 5.50
N THR A 1351 -4.26 -32.89 6.21
CA THR A 1351 -5.60 -32.79 5.64
C THR A 1351 -5.96 -31.34 5.35
N GLN A 1352 -5.73 -30.45 6.31
CA GLN A 1352 -6.24 -29.09 6.20
C GLN A 1352 -5.65 -28.36 4.99
N ASP A 1353 -4.49 -28.81 4.52
CA ASP A 1353 -4.01 -28.35 3.23
C ASP A 1353 -4.55 -29.21 2.09
N LEU A 1354 -4.51 -30.53 2.25
CA LEU A 1354 -5.07 -31.40 1.22
C LEU A 1354 -6.53 -31.08 0.98
N GLY A 1355 -7.29 -30.82 2.04
CA GLY A 1355 -8.62 -30.31 1.87
C GLY A 1355 -8.64 -28.98 1.15
N ASN A 1356 -7.69 -28.10 1.48
CA ASN A 1356 -7.60 -26.81 0.81
C ASN A 1356 -7.07 -26.97 -0.61
N SER A 1357 -6.16 -27.91 -0.82
CA SER A 1357 -5.51 -28.03 -2.12
C SER A 1357 -6.52 -28.33 -3.22
N THR A 1358 -7.43 -29.27 -2.98
CA THR A 1358 -8.38 -29.63 -4.02
C THR A 1358 -9.30 -28.46 -4.37
N LYS A 1359 -9.70 -27.67 -3.37
CA LYS A 1359 -10.54 -26.52 -3.66
C LYS A 1359 -9.79 -25.48 -4.47
N ALA A 1360 -8.46 -25.41 -4.31
CA ALA A 1360 -7.67 -24.56 -5.19
C ALA A 1360 -7.68 -25.08 -6.62
N VAL A 1361 -7.41 -26.38 -6.80
CA VAL A 1361 -7.37 -26.95 -8.14
C VAL A 1361 -8.71 -26.80 -8.83
N SER A 1362 -9.79 -27.15 -8.12
CA SER A 1362 -11.11 -27.03 -8.72
C SER A 1362 -11.40 -25.60 -9.11
N SER A 1363 -11.01 -24.64 -8.26
CA SER A 1363 -11.11 -23.25 -8.63
C SER A 1363 -10.19 -22.94 -9.82
N ALA A 1364 -9.00 -23.52 -9.82
CA ALA A 1364 -8.08 -23.27 -10.92
C ALA A 1364 -8.63 -23.75 -12.24
N ILE A 1365 -9.24 -24.93 -12.28
CA ILE A 1365 -9.75 -25.46 -13.53
C ILE A 1365 -10.79 -24.52 -14.11
N ALA A 1366 -11.60 -23.90 -13.25
CA ALA A 1366 -12.57 -22.92 -13.74
C ALA A 1366 -11.88 -21.77 -14.45
N LYS A 1367 -10.74 -21.31 -13.91
CA LYS A 1367 -9.95 -20.32 -14.62
C LYS A 1367 -9.67 -20.76 -16.04
N LEU A 1368 -9.22 -22.01 -16.18
CA LEU A 1368 -8.78 -22.49 -17.48
C LEU A 1368 -9.93 -22.48 -18.49
N LEU A 1369 -11.10 -22.95 -18.06
CA LEU A 1369 -12.25 -22.94 -18.97
C LEU A 1369 -12.67 -21.53 -19.30
N GLY A 1370 -12.70 -20.64 -18.31
CA GLY A 1370 -13.05 -19.25 -18.59
C GLY A 1370 -12.11 -18.62 -19.58
N GLU A 1371 -10.83 -18.97 -19.50
CA GLU A 1371 -9.85 -18.43 -20.43
C GLU A 1371 -10.02 -19.02 -21.83
N ILE A 1372 -10.16 -20.34 -21.92
CA ILE A 1372 -10.24 -20.98 -23.23
C ILE A 1372 -11.45 -20.46 -24.00
N ALA A 1373 -12.58 -20.31 -23.32
CA ALA A 1373 -13.74 -19.71 -23.96
C ALA A 1373 -13.44 -18.29 -24.41
N GLN A 1374 -12.75 -17.50 -23.59
CA GLN A 1374 -12.27 -16.19 -24.01
C GLN A 1374 -11.28 -16.28 -25.15
N GLY A 1375 -10.65 -17.43 -25.35
CA GLY A 1375 -9.82 -17.68 -26.50
C GLY A 1375 -8.33 -17.50 -26.24
N ASN A 1376 -7.65 -18.62 -26.01
CA ASN A 1376 -6.20 -18.79 -26.16
C ASN A 1376 -5.41 -17.54 -25.77
N GLU A 1377 -5.70 -17.04 -24.58
CA GLU A 1377 -4.96 -15.92 -24.04
C GLU A 1377 -3.57 -16.39 -23.65
N ASN A 1378 -2.68 -15.44 -23.35
CA ASN A 1378 -1.46 -15.81 -22.67
C ASN A 1378 -1.71 -16.11 -21.20
N TYR A 1379 -2.79 -15.57 -20.63
CA TYR A 1379 -3.21 -16.00 -19.30
C TYR A 1379 -3.65 -17.46 -19.29
N ALA A 1380 -4.06 -18.00 -20.43
CA ALA A 1380 -4.40 -19.42 -20.49
C ALA A 1380 -3.23 -20.29 -20.08
N GLY A 1381 -2.02 -19.89 -20.45
CA GLY A 1381 -0.84 -20.55 -19.90
C GLY A 1381 -0.76 -20.41 -18.39
N ILE A 1382 -1.12 -19.23 -17.88
CA ILE A 1382 -1.09 -19.01 -16.44
C ILE A 1382 -2.03 -19.99 -15.75
N ALA A 1383 -3.20 -20.23 -16.34
CA ALA A 1383 -4.13 -21.18 -15.73
C ALA A 1383 -3.53 -22.56 -15.63
N ALA A 1384 -2.85 -23.01 -16.68
CA ALA A 1384 -2.20 -24.31 -16.63
C ALA A 1384 -1.16 -24.34 -15.52
N ARG A 1385 -0.54 -23.20 -15.22
CA ARG A 1385 0.38 -23.15 -14.09
C ARG A 1385 -0.35 -23.42 -12.78
N ASP A 1386 -1.47 -22.73 -12.55
CA ASP A 1386 -2.24 -22.95 -11.33
C ASP A 1386 -2.64 -24.41 -11.19
N VAL A 1387 -3.26 -24.98 -12.23
CA VAL A 1387 -3.71 -26.36 -12.16
C VAL A 1387 -2.54 -27.28 -11.89
N ALA A 1388 -1.41 -27.04 -12.55
CA ALA A 1388 -0.21 -27.77 -12.21
C ALA A 1388 0.23 -27.46 -10.79
N GLY A 1389 0.20 -26.18 -10.41
CA GLY A 1389 0.70 -25.81 -9.10
C GLY A 1389 -0.07 -26.48 -7.98
N GLY A 1390 -1.40 -26.44 -8.05
CA GLY A 1390 -2.19 -27.14 -7.06
C GLY A 1390 -1.94 -28.64 -7.09
N LEU A 1391 -1.70 -29.19 -8.27
CA LEU A 1391 -1.44 -30.61 -8.38
C LEU A 1391 -0.16 -30.99 -7.66
N ARG A 1392 0.84 -30.11 -7.67
CA ARG A 1392 2.02 -30.34 -6.84
C ARG A 1392 1.64 -30.32 -5.37
N SER A 1393 0.79 -29.39 -4.96
CA SER A 1393 0.33 -29.35 -3.58
C SER A 1393 -0.44 -30.61 -3.21
N LEU A 1394 -1.45 -30.95 -4.02
CA LEU A 1394 -2.27 -32.12 -3.72
C LEU A 1394 -1.42 -33.38 -3.66
N ALA A 1395 -0.58 -33.59 -4.67
CA ALA A 1395 0.27 -34.78 -4.66
C ALA A 1395 1.16 -34.80 -3.43
N GLN A 1396 1.79 -33.67 -3.11
CA GLN A 1396 2.64 -33.61 -1.92
C GLN A 1396 1.82 -33.89 -0.67
N ALA A 1397 0.63 -33.31 -0.59
CA ALA A 1397 -0.23 -33.58 0.56
C ALA A 1397 -0.62 -35.05 0.61
N ALA A 1398 -0.94 -35.65 -0.54
CA ALA A 1398 -1.29 -37.05 -0.56
C ALA A 1398 -0.15 -37.92 -0.08
N ARG A 1399 1.08 -37.60 -0.50
CA ARG A 1399 2.24 -38.29 0.01
C ARG A 1399 2.34 -38.15 1.52
N GLY A 1400 1.98 -36.97 2.04
CA GLY A 1400 2.08 -36.74 3.47
C GLY A 1400 1.20 -37.67 4.28
N VAL A 1401 -0.06 -37.82 3.87
CA VAL A 1401 -1.00 -38.64 4.63
C VAL A 1401 -0.51 -40.08 4.71
N ALA A 1402 -0.07 -40.63 3.57
CA ALA A 1402 0.34 -42.02 3.54
C ALA A 1402 1.51 -42.28 4.47
N ALA A 1403 2.55 -41.44 4.39
CA ALA A 1403 3.73 -41.65 5.21
C ALA A 1403 3.39 -41.59 6.69
N LEU A 1404 2.33 -40.87 7.05
CA LEU A 1404 1.94 -40.76 8.45
C LEU A 1404 0.86 -41.77 8.83
N THR A 1405 -0.09 -42.02 7.95
CA THR A 1405 -1.10 -43.02 8.27
C THR A 1405 -0.47 -44.41 8.28
N SER A 1406 -1.14 -45.34 8.96
CA SER A 1406 -0.52 -46.62 9.32
C SER A 1406 -0.82 -47.76 8.37
N ASP A 1407 -2.09 -48.11 8.18
CA ASP A 1407 -2.42 -49.35 7.48
C ASP A 1407 -2.03 -49.24 6.00
N PRO A 1408 -1.20 -50.16 5.49
CA PRO A 1408 -0.78 -50.06 4.08
C PRO A 1408 -1.93 -50.10 3.09
N ALA A 1409 -2.94 -50.93 3.33
CA ALA A 1409 -4.12 -50.93 2.46
C ALA A 1409 -4.84 -49.59 2.56
N VAL A 1410 -4.93 -49.04 3.77
CA VAL A 1410 -5.41 -47.67 3.94
C VAL A 1410 -4.50 -46.71 3.19
N GLN A 1411 -3.18 -46.92 3.28
CA GLN A 1411 -2.24 -46.07 2.57
C GLN A 1411 -2.45 -46.15 1.07
N ALA A 1412 -2.51 -47.36 0.53
CA ALA A 1412 -2.43 -47.53 -0.92
C ALA A 1412 -3.58 -46.86 -1.64
N ILE A 1413 -4.79 -46.94 -1.08
CA ILE A 1413 -5.98 -46.52 -1.83
C ILE A 1413 -5.96 -45.03 -2.14
N VAL A 1414 -5.56 -44.19 -1.17
CA VAL A 1414 -5.60 -42.75 -1.40
C VAL A 1414 -4.61 -42.35 -2.47
N LEU A 1415 -3.45 -43.02 -2.53
CA LEU A 1415 -2.51 -42.75 -3.61
C LEU A 1415 -3.13 -43.05 -4.96
N ASP A 1416 -3.91 -44.12 -5.04
CA ASP A 1416 -4.55 -44.47 -6.29
C ASP A 1416 -5.49 -43.36 -6.77
N THR A 1417 -6.39 -42.91 -5.88
CA THR A 1417 -7.26 -41.81 -6.25
C THR A 1417 -6.48 -40.53 -6.45
N ALA A 1418 -5.36 -40.36 -5.72
CA ALA A 1418 -4.44 -39.29 -6.04
C ALA A 1418 -3.85 -39.50 -7.42
N SER A 1419 -3.30 -40.69 -7.68
CA SER A 1419 -2.76 -40.98 -9.01
C SER A 1419 -3.85 -40.90 -10.06
N ASP A 1420 -5.08 -41.31 -9.71
CA ASP A 1420 -6.19 -41.17 -10.64
C ASP A 1420 -6.42 -39.71 -11.00
N VAL A 1421 -6.32 -38.82 -10.01
CA VAL A 1421 -6.49 -37.40 -10.29
C VAL A 1421 -5.44 -36.92 -11.26
N LEU A 1422 -4.18 -37.32 -11.04
CA LEU A 1422 -3.10 -36.88 -11.93
C LEU A 1422 -3.37 -37.29 -13.37
N ASP A 1423 -3.63 -38.58 -13.61
CA ASP A 1423 -3.82 -39.02 -14.98
C ASP A 1423 -5.05 -38.40 -15.60
N LYS A 1424 -6.16 -38.35 -14.86
CA LYS A 1424 -7.38 -37.76 -15.39
C LYS A 1424 -7.17 -36.29 -15.74
N ALA A 1425 -6.61 -35.53 -14.81
CA ALA A 1425 -6.34 -34.12 -15.10
C ALA A 1425 -5.31 -33.96 -16.21
N SER A 1426 -4.34 -34.88 -16.29
CA SER A 1426 -3.35 -34.80 -17.34
C SER A 1426 -4.00 -34.81 -18.71
N SER A 1427 -5.02 -35.65 -18.89
CA SER A 1427 -5.75 -35.66 -20.14
C SER A 1427 -6.38 -34.31 -20.43
N LEU A 1428 -6.90 -33.65 -19.39
CA LEU A 1428 -7.50 -32.34 -19.57
C LEU A 1428 -6.50 -31.34 -20.11
N ILE A 1429 -5.32 -31.25 -19.48
CA ILE A 1429 -4.34 -30.24 -19.87
C ILE A 1429 -3.91 -30.43 -21.31
N GLU A 1430 -3.49 -31.65 -21.66
CA GLU A 1430 -3.07 -31.91 -23.03
C GLU A 1430 -4.22 -31.71 -24.00
N GLU A 1431 -5.45 -31.96 -23.53
CA GLU A 1431 -6.60 -31.66 -24.37
C GLU A 1431 -6.85 -30.16 -24.48
N ALA A 1432 -6.63 -29.41 -23.39
CA ALA A 1432 -6.85 -27.98 -23.43
C ALA A 1432 -6.01 -27.32 -24.51
N LYS A 1433 -4.71 -27.60 -24.52
CA LYS A 1433 -3.85 -27.08 -25.57
C LYS A 1433 -4.29 -27.61 -26.93
N LYS A 1434 -4.63 -28.90 -26.99
CA LYS A 1434 -5.14 -29.47 -28.23
C LYS A 1434 -6.40 -28.77 -28.68
N ALA A 1435 -7.31 -28.48 -27.76
CA ALA A 1435 -8.53 -27.77 -28.12
C ALA A 1435 -8.27 -26.28 -28.26
N SER A 1436 -7.11 -25.82 -27.80
CA SER A 1436 -6.77 -24.40 -27.94
C SER A 1436 -6.45 -24.01 -29.39
N GLY A 1437 -6.17 -24.98 -30.26
CA GLY A 1437 -5.77 -24.64 -31.62
C GLY A 1437 -6.83 -23.87 -32.37
N HIS A 1438 -8.09 -24.28 -32.27
CA HIS A 1438 -9.17 -23.63 -32.99
C HIS A 1438 -10.27 -23.17 -32.04
N PRO A 1439 -10.35 -21.87 -31.75
CA PRO A 1439 -11.44 -21.37 -30.90
C PRO A 1439 -12.77 -21.35 -31.64
N GLY A 1440 -13.86 -21.16 -30.91
CA GLY A 1440 -15.18 -21.13 -31.52
C GLY A 1440 -15.64 -22.44 -32.14
N ASP A 1441 -15.38 -23.55 -31.47
CA ASP A 1441 -15.88 -24.86 -31.90
C ASP A 1441 -16.74 -25.45 -30.79
N PRO A 1442 -18.05 -25.58 -31.00
CA PRO A 1442 -18.94 -25.94 -29.88
C PRO A 1442 -18.60 -27.25 -29.21
N GLU A 1443 -18.12 -28.24 -29.97
CA GLU A 1443 -17.77 -29.52 -29.35
C GLU A 1443 -16.55 -29.38 -28.47
N SER A 1444 -15.68 -28.40 -28.74
CA SER A 1444 -14.48 -28.20 -27.93
C SER A 1444 -14.83 -27.88 -26.49
N GLN A 1445 -15.71 -26.89 -26.28
CA GLN A 1445 -16.15 -26.59 -24.93
C GLN A 1445 -16.83 -27.79 -24.30
N GLN A 1446 -17.63 -28.51 -25.09
CA GLN A 1446 -18.29 -29.70 -24.58
C GLN A 1446 -17.28 -30.80 -24.26
N ARG A 1447 -16.34 -31.05 -25.18
CA ARG A 1447 -15.34 -32.07 -24.91
C ARG A 1447 -14.44 -31.66 -23.76
N LEU A 1448 -14.14 -30.36 -23.64
CA LEU A 1448 -13.41 -29.88 -22.47
C LEU A 1448 -14.22 -30.07 -21.20
N ALA A 1449 -15.46 -29.59 -21.20
CA ALA A 1449 -16.30 -29.68 -20.00
C ALA A 1449 -16.54 -31.14 -19.62
N GLN A 1450 -16.73 -32.01 -20.61
CA GLN A 1450 -16.94 -33.43 -20.33
C GLN A 1450 -15.78 -33.99 -19.53
N VAL A 1451 -14.54 -33.69 -19.94
CA VAL A 1451 -13.39 -34.04 -19.12
C VAL A 1451 -13.34 -33.17 -17.88
N ALA A 1452 -13.63 -31.87 -18.03
CA ALA A 1452 -13.55 -30.96 -16.90
C ALA A 1452 -14.53 -31.35 -15.80
N LYS A 1453 -15.66 -31.94 -16.16
CA LYS A 1453 -16.53 -32.50 -15.15
C LYS A 1453 -15.87 -33.67 -14.44
N ALA A 1454 -15.14 -34.49 -15.19
CA ALA A 1454 -14.54 -35.69 -14.61
C ALA A 1454 -13.50 -35.34 -13.56
N VAL A 1455 -12.68 -34.33 -13.82
CA VAL A 1455 -11.65 -33.99 -12.84
C VAL A 1455 -12.27 -33.54 -11.53
N THR A 1456 -13.35 -32.74 -11.58
CA THR A 1456 -14.09 -32.45 -10.37
C THR A 1456 -14.67 -33.72 -9.77
N GLN A 1457 -15.19 -34.61 -10.62
CA GLN A 1457 -15.67 -35.90 -10.14
C GLN A 1457 -14.54 -36.72 -9.54
N ALA A 1458 -13.32 -36.55 -10.06
CA ALA A 1458 -12.18 -37.28 -9.50
C ALA A 1458 -11.82 -36.74 -8.12
N LEU A 1459 -11.73 -35.42 -7.99
CA LEU A 1459 -11.24 -34.83 -6.75
C LEU A 1459 -12.14 -35.18 -5.57
N ASN A 1460 -13.46 -35.01 -5.73
CA ASN A 1460 -14.38 -35.29 -4.65
C ASN A 1460 -14.21 -36.70 -4.12
N ARG A 1461 -13.96 -37.65 -5.03
CA ARG A 1461 -13.63 -39.01 -4.62
C ARG A 1461 -12.35 -39.03 -3.80
N CYS A 1462 -11.32 -38.31 -4.25
CA CYS A 1462 -10.05 -38.35 -3.56
C CYS A 1462 -10.17 -37.80 -2.14
N VAL A 1463 -10.96 -36.75 -1.96
CA VAL A 1463 -11.15 -36.19 -0.62
C VAL A 1463 -11.79 -37.22 0.30
N SER A 1464 -12.88 -37.85 -0.17
CA SER A 1464 -13.57 -38.82 0.66
C SER A 1464 -12.74 -40.09 0.85
N CYS A 1465 -11.88 -40.42 -0.13
CA CYS A 1465 -11.06 -41.61 -0.01
C CYS A 1465 -10.15 -41.54 1.21
N LEU A 1466 -9.87 -40.34 1.72
CA LEU A 1466 -9.10 -40.20 2.93
C LEU A 1466 -9.86 -40.85 4.08
N PRO A 1467 -9.27 -41.84 4.77
CA PRO A 1467 -10.02 -42.57 5.81
C PRO A 1467 -10.17 -41.83 7.13
N GLY A 1468 -9.38 -40.79 7.37
CA GLY A 1468 -9.51 -40.01 8.58
C GLY A 1468 -10.93 -39.54 8.78
N GLN A 1469 -11.39 -38.66 7.90
CA GLN A 1469 -12.82 -38.35 7.89
C GLN A 1469 -13.56 -39.47 7.18
N ARG A 1470 -14.55 -40.03 7.86
CA ARG A 1470 -15.14 -41.29 7.42
C ARG A 1470 -16.58 -41.35 7.88
N ASP A 1471 -17.39 -42.13 7.16
CA ASP A 1471 -18.75 -42.49 7.56
C ASP A 1471 -19.70 -41.32 7.45
N VAL A 1472 -19.19 -40.13 7.18
CA VAL A 1472 -20.08 -39.05 6.76
C VAL A 1472 -20.61 -39.35 5.37
N ASP A 1473 -19.76 -39.94 4.53
CA ASP A 1473 -20.22 -40.45 3.25
C ASP A 1473 -21.38 -41.42 3.44
N ASN A 1474 -21.31 -42.24 4.48
CA ASN A 1474 -22.41 -43.15 4.79
C ASN A 1474 -23.69 -42.38 5.05
N ALA A 1475 -23.62 -41.33 5.88
CA ALA A 1475 -24.81 -40.59 6.25
C ALA A 1475 -25.42 -39.87 5.04
N LEU A 1476 -24.58 -39.16 4.28
CA LEU A 1476 -25.09 -38.44 3.11
C LEU A 1476 -25.69 -39.40 2.10
N ARG A 1477 -25.01 -40.53 1.86
CA ARG A 1477 -25.56 -41.54 0.97
C ARG A 1477 -26.87 -42.10 1.53
N ALA A 1478 -26.92 -42.34 2.84
CA ALA A 1478 -28.17 -42.77 3.45
C ALA A 1478 -29.26 -41.75 3.23
N VAL A 1479 -28.94 -40.47 3.36
CA VAL A 1479 -29.88 -39.41 2.99
C VAL A 1479 -30.14 -39.45 1.49
N GLY A 1480 -29.09 -39.59 0.70
CA GLY A 1480 -29.26 -39.61 -0.75
C GLY A 1480 -30.08 -40.79 -1.23
N ASP A 1481 -29.76 -41.98 -0.72
CA ASP A 1481 -30.55 -43.16 -1.08
C ASP A 1481 -31.98 -43.03 -0.56
N ALA A 1482 -32.15 -42.32 0.56
CA ALA A 1482 -33.50 -42.06 1.05
C ALA A 1482 -34.27 -41.16 0.10
N SER A 1483 -33.56 -40.26 -0.59
CA SER A 1483 -34.22 -39.33 -1.49
C SER A 1483 -34.83 -40.05 -2.70
N LYS A 1484 -34.20 -41.15 -3.13
CA LYS A 1484 -34.71 -41.87 -4.29
C LYS A 1484 -36.12 -42.41 -4.06
N ARG A 1485 -36.33 -43.15 -2.97
CA ARG A 1485 -37.68 -43.61 -2.67
C ARG A 1485 -38.54 -42.47 -2.13
N LEU A 1486 -37.92 -41.41 -1.65
CA LEU A 1486 -38.65 -40.21 -1.29
C LEU A 1486 -39.07 -39.41 -2.53
N LEU A 1487 -38.32 -39.51 -3.62
CA LEU A 1487 -38.64 -38.75 -4.82
C LEU A 1487 -39.83 -39.35 -5.56
N SER A 1488 -40.08 -40.65 -5.38
CA SER A 1488 -41.05 -41.36 -6.19
C SER A 1488 -42.32 -41.66 -5.41
N ASP A 1489 -43.43 -41.14 -5.93
CA ASP A 1489 -44.81 -41.57 -5.67
C ASP A 1489 -45.03 -42.06 -4.23
N LEU A 1490 -44.77 -41.16 -3.28
CA LEU A 1490 -45.03 -41.48 -1.89
C LEU A 1490 -46.50 -41.80 -1.66
N LEU A 1491 -46.81 -43.05 -1.35
CA LEU A 1491 -48.20 -43.47 -1.17
C LEU A 1491 -48.28 -44.29 0.13
N PRO A 1492 -49.36 -44.17 0.87
CA PRO A 1492 -49.51 -44.94 2.11
C PRO A 1492 -50.02 -46.35 1.83
N PRO A 1493 -49.19 -47.37 2.02
CA PRO A 1493 -49.71 -48.74 1.90
C PRO A 1493 -50.78 -49.05 2.93
N SER A 1494 -50.65 -48.49 4.13
CA SER A 1494 -51.66 -48.65 5.17
C SER A 1494 -51.91 -47.28 5.79
N THR A 1495 -53.19 -46.95 5.98
CA THR A 1495 -53.54 -45.64 6.52
C THR A 1495 -53.11 -45.49 7.97
N GLY A 1496 -53.27 -46.53 8.77
CA GLY A 1496 -53.03 -46.38 10.20
C GLY A 1496 -54.02 -45.38 10.77
N THR A 1497 -53.49 -44.31 11.36
CA THR A 1497 -54.30 -43.20 11.84
C THR A 1497 -53.86 -41.95 11.08
N PHE A 1498 -54.74 -41.43 10.22
CA PHE A 1498 -54.40 -40.26 9.43
C PHE A 1498 -54.09 -39.06 10.32
N GLN A 1499 -54.98 -38.77 11.26
CA GLN A 1499 -54.76 -37.62 12.15
C GLN A 1499 -53.73 -37.92 13.23
N GLU A 1500 -53.74 -39.13 13.78
CA GLU A 1500 -52.92 -39.40 14.96
C GLU A 1500 -51.48 -39.70 14.58
N ALA A 1501 -51.26 -40.58 13.59
CA ALA A 1501 -49.89 -40.88 13.17
C ALA A 1501 -49.20 -39.67 12.57
N GLN A 1502 -49.93 -38.83 11.83
CA GLN A 1502 -49.36 -37.56 11.40
C GLN A 1502 -49.04 -36.68 12.60
N SER A 1503 -49.92 -36.67 13.60
CA SER A 1503 -49.59 -36.00 14.86
C SER A 1503 -48.44 -36.71 15.56
N ARG A 1504 -48.41 -38.04 15.50
CA ARG A 1504 -47.29 -38.79 16.05
C ARG A 1504 -45.99 -38.43 15.34
N LEU A 1505 -46.06 -38.12 14.05
CA LEU A 1505 -44.87 -37.70 13.32
C LEU A 1505 -44.25 -36.46 13.94
N ASN A 1506 -45.07 -35.46 14.28
CA ASN A 1506 -44.55 -34.25 14.90
C ASN A 1506 -44.08 -34.52 16.32
N GLU A 1507 -44.59 -35.59 16.95
CA GLU A 1507 -44.05 -36.00 18.23
C GLU A 1507 -42.63 -36.52 18.08
N ALA A 1508 -42.31 -37.05 16.89
CA ALA A 1508 -40.93 -37.44 16.61
C ALA A 1508 -40.14 -36.31 15.97
N ALA A 1509 -40.81 -35.19 15.65
CA ALA A 1509 -40.14 -34.11 14.93
C ALA A 1509 -39.02 -33.50 15.76
N ALA A 1510 -39.26 -33.29 17.05
CA ALA A 1510 -38.24 -32.69 17.90
C ALA A 1510 -36.96 -33.53 17.91
N GLY A 1511 -37.08 -34.83 17.65
CA GLY A 1511 -35.90 -35.68 17.61
C GLY A 1511 -34.96 -35.32 16.49
N LEU A 1512 -35.49 -35.13 15.28
CA LEU A 1512 -34.65 -34.67 14.18
C LEU A 1512 -34.05 -33.31 14.48
N ASN A 1513 -34.86 -32.40 15.03
CA ASN A 1513 -34.33 -31.13 15.51
C ASN A 1513 -33.26 -31.34 16.57
N GLN A 1514 -33.52 -32.26 17.50
CA GLN A 1514 -32.49 -32.64 18.47
C GLN A 1514 -31.28 -33.24 17.77
N ALA A 1515 -31.53 -34.05 16.73
CA ALA A 1515 -30.42 -34.69 16.04
C ALA A 1515 -29.50 -33.68 15.39
N ALA A 1516 -30.06 -32.66 14.73
CA ALA A 1516 -29.23 -31.63 14.11
C ALA A 1516 -28.45 -30.85 15.15
N THR A 1517 -29.12 -30.41 16.23
CA THR A 1517 -28.46 -29.60 17.22
C THR A 1517 -27.28 -30.33 17.85
N GLU A 1518 -27.28 -31.66 17.77
CA GLU A 1518 -26.10 -32.41 18.19
C GLU A 1518 -24.88 -32.07 17.33
N LEU A 1519 -25.08 -31.94 16.01
CA LEU A 1519 -23.96 -31.78 15.11
C LEU A 1519 -23.14 -30.54 15.45
N VAL A 1520 -23.79 -29.39 15.56
CA VAL A 1520 -23.06 -28.17 15.87
C VAL A 1520 -22.31 -28.29 17.18
N GLN A 1521 -22.88 -28.99 18.16
CA GLN A 1521 -22.12 -29.30 19.37
C GLN A 1521 -20.93 -30.20 19.06
N ALA A 1522 -21.14 -31.21 18.21
CA ALA A 1522 -20.05 -32.09 17.82
C ALA A 1522 -18.97 -31.35 17.02
N SER A 1523 -19.30 -30.18 16.47
CA SER A 1523 -18.33 -29.40 15.73
C SER A 1523 -17.24 -28.83 16.62
N ARG A 1524 -17.40 -28.89 17.94
CA ARG A 1524 -16.42 -28.36 18.87
C ARG A 1524 -15.57 -29.46 19.50
N GLY A 1525 -15.64 -30.68 18.96
CA GLY A 1525 -14.88 -31.78 19.51
C GLY A 1525 -13.95 -32.42 18.50
N THR A 1526 -13.47 -33.62 18.81
CA THR A 1526 -12.60 -34.33 17.89
C THR A 1526 -13.37 -34.68 16.61
N PRO A 1527 -12.67 -34.75 15.48
CA PRO A 1527 -13.35 -35.13 14.24
C PRO A 1527 -14.05 -36.47 14.33
N GLN A 1528 -13.47 -37.43 15.05
CA GLN A 1528 -14.15 -38.70 15.28
C GLN A 1528 -15.47 -38.48 16.00
N ASP A 1529 -15.49 -37.57 16.97
CA ASP A 1529 -16.72 -37.29 17.71
C ASP A 1529 -17.79 -36.73 16.79
N LEU A 1530 -17.41 -35.85 15.87
CA LEU A 1530 -18.39 -35.27 14.96
C LEU A 1530 -19.01 -36.33 14.07
N ALA A 1531 -18.29 -37.42 13.80
CA ALA A 1531 -18.87 -38.51 13.04
C ALA A 1531 -20.05 -39.12 13.79
N ARG A 1532 -19.92 -39.25 15.11
CA ARG A 1532 -20.97 -39.87 15.91
C ARG A 1532 -22.29 -39.14 15.80
N ALA A 1533 -22.29 -37.82 16.02
CA ALA A 1533 -23.53 -37.05 15.90
C ALA A 1533 -24.10 -37.15 14.50
N SER A 1534 -23.24 -37.05 13.49
CA SER A 1534 -23.69 -37.23 12.11
C SER A 1534 -24.22 -38.65 11.91
N GLY A 1535 -23.51 -39.65 12.44
CA GLY A 1535 -23.99 -41.01 12.34
C GLY A 1535 -25.33 -41.19 13.00
N ARG A 1536 -25.49 -40.66 14.21
CA ARG A 1536 -26.79 -40.69 14.87
C ARG A 1536 -27.80 -39.85 14.09
N PHE A 1537 -27.35 -38.72 13.53
CA PHE A 1537 -28.22 -37.94 12.67
C PHE A 1537 -28.66 -38.74 11.45
N GLY A 1538 -27.74 -39.51 10.87
CA GLY A 1538 -28.09 -40.29 9.70
C GLY A 1538 -29.19 -41.30 9.98
N GLN A 1539 -29.03 -42.06 11.07
CA GLN A 1539 -30.10 -42.98 11.47
C GLN A 1539 -31.36 -42.23 11.83
N ASP A 1540 -31.21 -41.05 12.46
CA ASP A 1540 -32.37 -40.24 12.81
C ASP A 1540 -33.13 -39.78 11.58
N PHE A 1541 -32.41 -39.37 10.53
CA PHE A 1541 -33.08 -38.89 9.33
C PHE A 1541 -33.91 -40.00 8.68
N SER A 1542 -33.30 -41.15 8.43
CA SER A 1542 -34.01 -42.23 7.74
C SER A 1542 -35.20 -42.72 8.57
N THR A 1543 -35.01 -42.88 9.88
CA THR A 1543 -36.10 -43.34 10.73
C THR A 1543 -37.25 -42.34 10.73
N PHE A 1544 -36.93 -41.05 10.86
CA PHE A 1544 -37.98 -40.04 10.86
C PHE A 1544 -38.58 -39.87 9.47
N LEU A 1545 -37.75 -40.01 8.42
CA LEU A 1545 -38.28 -39.91 7.07
C LEU A 1545 -39.30 -41.00 6.78
N GLU A 1546 -39.07 -42.20 7.30
CA GLU A 1546 -40.02 -43.30 7.07
C GLU A 1546 -41.40 -42.95 7.60
N ALA A 1547 -41.47 -42.44 8.84
CA ALA A 1547 -42.74 -41.93 9.34
C ALA A 1547 -43.18 -40.71 8.54
N GLY A 1548 -42.22 -39.95 7.99
CA GLY A 1548 -42.57 -38.84 7.14
C GLY A 1548 -43.21 -39.29 5.83
N VAL A 1549 -42.56 -40.22 5.13
CA VAL A 1549 -43.07 -40.66 3.83
C VAL A 1549 -44.37 -41.44 3.99
N GLU A 1550 -44.49 -42.24 5.04
CA GLU A 1550 -45.66 -43.07 5.23
C GLU A 1550 -46.91 -42.22 5.36
N MET A 1551 -46.88 -41.23 6.24
CA MET A 1551 -48.01 -40.32 6.36
C MET A 1551 -47.93 -39.14 5.41
N ALA A 1552 -46.95 -39.12 4.50
CA ALA A 1552 -46.92 -38.07 3.49
C ALA A 1552 -48.10 -38.19 2.54
N GLY A 1553 -48.35 -39.37 2.01
CA GLY A 1553 -49.46 -39.58 1.11
C GLY A 1553 -50.77 -39.78 1.85
N GLN A 1554 -50.69 -39.77 3.18
CA GLN A 1554 -51.86 -39.95 4.01
C GLN A 1554 -52.85 -38.80 3.87
N ALA A 1555 -52.40 -37.64 3.39
CA ALA A 1555 -53.28 -36.49 3.24
C ALA A 1555 -54.38 -36.79 2.23
N PRO A 1556 -55.59 -36.25 2.43
CA PRO A 1556 -56.69 -36.57 1.52
C PRO A 1556 -56.40 -36.16 0.08
N SER A 1557 -56.13 -34.89 -0.14
CA SER A 1557 -55.80 -34.42 -1.47
C SER A 1557 -54.47 -34.99 -1.93
N GLN A 1558 -54.41 -35.38 -3.21
CA GLN A 1558 -53.18 -35.94 -3.75
C GLN A 1558 -52.34 -34.91 -4.47
N GLU A 1559 -52.88 -33.72 -4.75
CA GLU A 1559 -52.01 -32.61 -5.11
C GLU A 1559 -51.16 -32.19 -3.92
N ASP A 1560 -51.69 -32.36 -2.71
CA ASP A 1560 -50.89 -32.17 -1.51
C ASP A 1560 -49.78 -33.21 -1.40
N ARG A 1561 -49.92 -34.34 -2.10
CA ARG A 1561 -48.84 -35.32 -2.14
C ARG A 1561 -47.61 -34.76 -2.82
N ALA A 1562 -47.80 -33.99 -3.89
CA ALA A 1562 -46.67 -33.31 -4.51
C ALA A 1562 -46.11 -32.24 -3.58
N GLN A 1563 -46.97 -31.63 -2.76
CA GLN A 1563 -46.50 -30.64 -1.81
C GLN A 1563 -45.67 -31.28 -0.70
N VAL A 1564 -46.19 -32.35 -0.10
CA VAL A 1564 -45.51 -32.94 1.05
C VAL A 1564 -44.15 -33.53 0.65
N VAL A 1565 -44.06 -34.12 -0.54
CA VAL A 1565 -42.74 -34.56 -1.01
C VAL A 1565 -41.82 -33.36 -1.18
N SER A 1566 -42.33 -32.28 -1.77
CA SER A 1566 -41.56 -31.04 -1.84
C SER A 1566 -41.25 -30.50 -0.46
N ASN A 1567 -42.22 -30.60 0.45
CA ASN A 1567 -41.95 -30.30 1.85
C ASN A 1567 -40.85 -31.19 2.40
N LEU A 1568 -40.87 -32.47 2.03
CA LEU A 1568 -39.78 -33.37 2.40
C LEU A 1568 -38.54 -33.12 1.56
N LYS A 1569 -38.72 -32.65 0.32
CA LYS A 1569 -37.56 -32.24 -0.47
C LYS A 1569 -36.81 -31.10 0.20
N GLY A 1570 -37.54 -30.02 0.54
CA GLY A 1570 -36.88 -28.88 1.17
C GLY A 1570 -36.17 -29.27 2.45
N ILE A 1571 -36.80 -30.12 3.25
CA ILE A 1571 -36.14 -30.65 4.43
C ILE A 1571 -34.95 -31.51 4.04
N SER A 1572 -35.10 -32.28 2.94
CA SER A 1572 -34.01 -33.16 2.51
C SER A 1572 -32.77 -32.36 2.14
N MET A 1573 -32.88 -31.47 1.14
CA MET A 1573 -31.68 -30.78 0.67
C MET A 1573 -31.07 -29.90 1.76
N SER A 1574 -31.91 -29.17 2.49
CA SER A 1574 -31.38 -28.37 3.59
C SER A 1574 -30.59 -29.24 4.56
N SER A 1575 -31.18 -30.38 4.96
CA SER A 1575 -30.43 -31.34 5.76
C SER A 1575 -29.23 -31.88 4.99
N SER A 1576 -29.44 -32.24 3.73
CA SER A 1576 -28.34 -32.80 2.95
C SER A 1576 -27.19 -31.81 2.83
N LYS A 1577 -27.51 -30.56 2.48
CA LYS A 1577 -26.45 -29.55 2.37
C LYS A 1577 -25.87 -29.24 3.74
N LEU A 1578 -26.68 -29.34 4.79
CA LEU A 1578 -26.13 -29.25 6.14
C LEU A 1578 -25.10 -30.35 6.38
N LEU A 1579 -25.42 -31.58 5.97
CA LEU A 1579 -24.41 -32.63 5.97
C LEU A 1579 -23.26 -32.27 5.04
N LEU A 1580 -23.58 -31.72 3.87
CA LEU A 1580 -22.51 -31.25 2.99
C LEU A 1580 -21.66 -30.20 3.68
N ALA A 1581 -22.30 -29.32 4.46
CA ALA A 1581 -21.54 -28.41 5.31
C ALA A 1581 -20.70 -29.18 6.31
N ALA A 1582 -21.28 -30.21 6.93
CA ALA A 1582 -20.52 -31.06 7.82
C ALA A 1582 -19.39 -31.76 7.09
N LYS A 1583 -19.62 -32.10 5.82
CA LYS A 1583 -18.57 -32.72 5.02
C LYS A 1583 -17.32 -31.85 4.98
N ALA A 1584 -17.52 -30.53 4.93
CA ALA A 1584 -16.38 -29.61 4.88
C ALA A 1584 -15.58 -29.63 6.18
N LEU A 1585 -16.27 -29.50 7.31
CA LEU A 1585 -15.59 -29.38 8.59
C LEU A 1585 -14.77 -30.63 8.91
N SER A 1586 -15.13 -31.76 8.30
CA SER A 1586 -14.47 -33.02 8.63
C SER A 1586 -13.00 -33.00 8.27
N THR A 1587 -12.60 -32.07 7.40
CA THR A 1587 -11.24 -32.02 6.89
C THR A 1587 -10.47 -30.77 7.32
N ASP A 1588 -11.08 -29.88 8.09
CA ASP A 1588 -10.45 -28.62 8.46
C ASP A 1588 -11.04 -28.19 9.80
N PRO A 1589 -10.61 -28.83 10.90
CA PRO A 1589 -11.34 -28.69 12.17
C PRO A 1589 -11.24 -27.31 12.81
N ALA A 1590 -10.03 -26.77 12.90
CA ALA A 1590 -9.80 -25.57 13.69
C ALA A 1590 -10.29 -24.30 13.02
N SER A 1591 -10.69 -24.35 11.75
CA SER A 1591 -11.01 -23.13 11.03
C SER A 1591 -12.38 -22.60 11.48
N PRO A 1592 -12.48 -21.48 12.23
CA PRO A 1592 -13.79 -21.02 12.75
C PRO A 1592 -14.71 -20.58 11.60
N ASN A 1593 -14.14 -20.11 10.49
CA ASN A 1593 -14.98 -19.61 9.37
C ASN A 1593 -15.83 -20.77 8.85
N LEU A 1594 -15.26 -21.98 8.74
CA LEU A 1594 -16.02 -23.18 8.32
C LEU A 1594 -17.11 -23.50 9.35
N LYS A 1595 -16.80 -23.37 10.65
CA LYS A 1595 -17.77 -23.73 11.73
C LYS A 1595 -19.01 -22.84 11.61
N SER A 1596 -18.82 -21.55 11.30
CA SER A 1596 -19.96 -20.62 11.15
C SER A 1596 -20.86 -21.09 10.00
N GLN A 1597 -20.26 -21.57 8.91
CA GLN A 1597 -21.05 -22.08 7.75
C GLN A 1597 -21.89 -23.29 8.18
N LEU A 1598 -21.33 -24.18 9.01
CA LEU A 1598 -22.09 -25.36 9.50
C LEU A 1598 -23.28 -24.88 10.35
N ALA A 1599 -23.07 -23.87 11.19
CA ALA A 1599 -24.17 -23.32 12.00
C ALA A 1599 -25.24 -22.70 11.08
N ALA A 1600 -24.81 -22.01 10.03
CA ALA A 1600 -25.76 -21.39 9.07
C ALA A 1600 -26.56 -22.50 8.38
N ALA A 1601 -25.91 -23.60 8.02
CA ALA A 1601 -26.59 -24.76 7.42
C ALA A 1601 -27.59 -25.37 8.42
N ALA A 1602 -27.23 -25.42 9.70
CA ALA A 1602 -28.17 -25.92 10.75
C ALA A 1602 -29.39 -25.00 10.77
N ARG A 1603 -29.16 -23.68 10.61
CA ARG A 1603 -30.29 -22.72 10.54
C ARG A 1603 -31.15 -23.07 9.33
N ALA A 1604 -30.53 -23.48 8.22
CA ALA A 1604 -31.34 -23.92 7.05
C ALA A 1604 -32.38 -24.99 7.42
N VAL A 1605 -32.06 -25.99 8.25
CA VAL A 1605 -33.02 -27.08 8.46
C VAL A 1605 -34.08 -26.68 9.45
N THR A 1606 -33.70 -25.98 10.53
CA THR A 1606 -34.69 -25.57 11.52
C THR A 1606 -35.79 -24.73 10.90
N ASP A 1607 -35.46 -23.92 9.90
CA ASP A 1607 -36.50 -23.26 9.11
C ASP A 1607 -37.15 -24.26 8.16
N SER A 1608 -36.35 -25.14 7.56
CA SER A 1608 -36.88 -26.10 6.60
C SER A 1608 -37.83 -27.10 7.26
N ILE A 1609 -37.46 -27.59 8.44
CA ILE A 1609 -38.37 -28.45 9.19
C ILE A 1609 -39.63 -27.68 9.58
N ASN A 1610 -39.48 -26.37 9.79
CA ASN A 1610 -40.65 -25.54 10.07
C ASN A 1610 -41.54 -25.41 8.84
N GLN A 1611 -40.95 -25.50 7.65
CA GLN A 1611 -41.72 -25.32 6.43
C GLN A 1611 -42.80 -26.39 6.30
N LEU A 1612 -42.47 -27.64 6.62
CA LEU A 1612 -43.47 -28.71 6.63
C LEU A 1612 -44.59 -28.42 7.62
N ILE A 1613 -44.24 -28.02 8.84
CA ILE A 1613 -45.23 -28.04 9.91
C ILE A 1613 -46.24 -26.90 9.74
N THR A 1614 -45.87 -25.84 9.02
CA THR A 1614 -46.75 -24.67 8.93
C THR A 1614 -48.09 -25.02 8.28
N MET A 1615 -48.07 -25.64 7.11
CA MET A 1615 -49.31 -25.83 6.37
C MET A 1615 -49.74 -27.29 6.37
N CYS A 1616 -48.85 -28.19 5.94
CA CYS A 1616 -49.25 -29.58 5.69
C CYS A 1616 -49.65 -30.32 6.97
N THR A 1617 -48.94 -30.08 8.07
CA THR A 1617 -49.19 -30.85 9.27
C THR A 1617 -50.46 -30.39 9.98
N GLN A 1618 -50.87 -31.16 10.97
CA GLN A 1618 -52.13 -30.90 11.66
C GLN A 1618 -51.92 -30.00 12.87
N GLN A 1619 -52.90 -29.14 13.12
CA GLN A 1619 -52.96 -28.34 14.33
C GLN A 1619 -53.81 -28.99 15.43
N ALA A 1620 -53.92 -30.32 15.41
CA ALA A 1620 -54.70 -31.01 16.43
C ALA A 1620 -54.24 -30.69 17.85
N PRO A 1621 -52.94 -30.64 18.16
CA PRO A 1621 -52.53 -30.13 19.49
C PRO A 1621 -52.94 -28.68 19.71
N GLY A 1622 -53.05 -27.90 18.63
CA GLY A 1622 -53.44 -26.51 18.73
C GLY A 1622 -52.32 -25.55 19.08
N GLN A 1623 -51.11 -26.06 19.31
CA GLN A 1623 -49.98 -25.21 19.67
C GLN A 1623 -48.77 -25.43 18.78
N LYS A 1624 -48.95 -25.88 17.54
CA LYS A 1624 -47.84 -26.37 16.73
C LYS A 1624 -46.77 -25.29 16.54
N GLU A 1625 -47.14 -24.02 16.59
CA GLU A 1625 -46.16 -22.96 16.47
C GLU A 1625 -45.25 -22.90 17.69
N CYS A 1626 -45.74 -23.38 18.84
CA CYS A 1626 -44.92 -23.34 20.06
C CYS A 1626 -43.71 -24.25 19.97
N ASP A 1627 -43.87 -25.44 19.39
CA ASP A 1627 -42.70 -26.28 19.15
C ASP A 1627 -41.74 -25.60 18.20
N ASN A 1628 -42.26 -24.95 17.16
CA ASN A 1628 -41.41 -24.15 16.28
C ASN A 1628 -40.68 -23.07 17.07
N ALA A 1629 -41.31 -22.55 18.13
CA ALA A 1629 -40.59 -21.70 19.06
C ALA A 1629 -39.56 -22.50 19.84
N LEU A 1630 -39.95 -23.69 20.31
CA LEU A 1630 -39.05 -24.50 21.12
C LEU A 1630 -37.91 -25.08 20.27
N ARG A 1631 -38.20 -25.48 19.03
CA ARG A 1631 -37.12 -25.98 18.17
C ARG A 1631 -36.14 -24.88 17.81
N GLN A 1632 -36.65 -23.72 17.42
CA GLN A 1632 -35.77 -22.59 17.11
C GLN A 1632 -35.00 -22.14 18.34
N LEU A 1633 -35.66 -22.11 19.50
CA LEU A 1633 -34.97 -21.69 20.72
C LEU A 1633 -33.80 -22.61 21.02
N GLU A 1634 -33.95 -23.90 20.73
CA GLU A 1634 -32.83 -24.82 20.87
C GLU A 1634 -31.70 -24.47 19.91
N THR A 1635 -32.05 -24.15 18.66
CA THR A 1635 -31.03 -23.94 17.64
C THR A 1635 -30.30 -22.62 17.84
N VAL A 1636 -31.03 -21.56 18.16
CA VAL A 1636 -30.40 -20.26 18.33
C VAL A 1636 -29.39 -20.29 19.46
N ARG A 1637 -29.59 -21.19 20.44
CA ARG A 1637 -28.68 -21.24 21.58
C ARG A 1637 -27.26 -21.61 21.15
N GLU A 1638 -27.13 -22.61 20.28
CA GLU A 1638 -25.81 -23.06 19.88
C GLU A 1638 -25.03 -22.00 19.14
N LEU A 1639 -25.73 -21.13 18.40
CA LEU A 1639 -25.05 -20.09 17.64
C LEU A 1639 -24.37 -19.10 18.58
N LEU A 1640 -24.93 -18.86 19.74
CA LEU A 1640 -24.35 -17.91 20.68
C LEU A 1640 -23.27 -18.56 21.52
N GLU A 1641 -23.03 -19.85 21.34
CA GLU A 1641 -22.24 -20.61 22.30
C GLU A 1641 -20.79 -20.14 22.36
N ASN A 1642 -20.19 -19.80 21.21
CA ASN A 1642 -18.82 -19.23 21.22
C ASN A 1642 -18.63 -18.38 19.96
N PRO A 1643 -18.81 -17.04 20.00
CA PRO A 1643 -18.70 -16.23 18.80
C PRO A 1643 -17.24 -15.85 18.51
N VAL A 1644 -16.40 -16.84 18.21
CA VAL A 1644 -14.98 -16.59 17.81
C VAL A 1644 -14.97 -15.85 16.46
N GLN A 1645 -15.89 -16.21 15.55
CA GLN A 1645 -15.87 -15.67 14.17
C GLN A 1645 -17.15 -14.89 13.89
N PRO A 1646 -17.17 -13.92 12.93
CA PRO A 1646 -18.36 -13.08 12.73
C PRO A 1646 -19.57 -13.88 12.27
N ILE A 1647 -20.74 -13.52 12.78
CA ILE A 1647 -22.00 -14.26 12.45
C ILE A 1647 -22.77 -13.46 11.39
N ASN A 1648 -22.43 -12.18 11.23
CA ASN A 1648 -23.17 -11.29 10.30
C ASN A 1648 -22.28 -10.15 9.82
N ASP A 1649 -22.80 -9.30 8.94
CA ASP A 1649 -22.06 -8.16 8.41
C ASP A 1649 -22.42 -6.86 9.11
N MET A 1650 -23.66 -6.73 9.54
CA MET A 1650 -24.13 -5.51 10.17
C MET A 1650 -23.39 -5.26 11.48
N SER A 1651 -23.00 -4.01 11.72
CA SER A 1651 -21.96 -3.71 12.69
C SER A 1651 -22.55 -3.41 14.07
N TYR A 1652 -21.69 -2.90 14.96
CA TYR A 1652 -21.98 -2.88 16.39
C TYR A 1652 -23.19 -2.03 16.72
N PHE A 1653 -23.10 -0.72 16.50
CA PHE A 1653 -24.26 0.13 16.79
C PHE A 1653 -25.48 -0.33 16.03
N GLY A 1654 -25.28 -0.91 14.84
CA GLY A 1654 -26.38 -1.54 14.17
C GLY A 1654 -27.00 -2.65 15.01
N CYS A 1655 -26.17 -3.58 15.49
CA CYS A 1655 -26.72 -4.68 16.26
C CYS A 1655 -27.25 -4.21 17.60
N LEU A 1656 -26.79 -3.05 18.08
CA LEU A 1656 -27.41 -2.44 19.25
C LEU A 1656 -28.87 -2.11 18.97
N ASP A 1657 -29.13 -1.38 17.90
CA ASP A 1657 -30.51 -1.07 17.54
C ASP A 1657 -31.29 -2.34 17.23
N SER A 1658 -30.69 -3.25 16.45
CA SER A 1658 -31.37 -4.50 16.13
C SER A 1658 -31.74 -5.26 17.41
N VAL A 1659 -30.89 -5.16 18.42
CA VAL A 1659 -31.27 -5.69 19.73
C VAL A 1659 -32.34 -4.81 20.36
N MET A 1660 -32.20 -3.48 20.22
CA MET A 1660 -33.15 -2.58 20.85
C MET A 1660 -34.57 -2.81 20.35
N GLU A 1661 -34.75 -2.90 19.03
CA GLU A 1661 -36.07 -3.15 18.49
C GLU A 1661 -36.57 -4.53 18.87
N ASN A 1662 -35.68 -5.53 18.84
CA ASN A 1662 -36.07 -6.88 19.21
C ASN A 1662 -36.45 -6.97 20.68
N SER A 1663 -35.87 -6.10 21.51
CA SER A 1663 -36.27 -6.04 22.92
C SER A 1663 -37.72 -5.63 23.05
N LYS A 1664 -38.17 -4.66 22.26
CA LYS A 1664 -39.53 -4.18 22.36
C LYS A 1664 -40.53 -5.21 21.83
N VAL A 1665 -40.22 -5.80 20.67
CA VAL A 1665 -41.12 -6.78 20.07
C VAL A 1665 -41.30 -7.98 20.97
N LEU A 1666 -40.19 -8.49 21.54
CA LEU A 1666 -40.30 -9.55 22.53
C LEU A 1666 -41.09 -9.09 23.74
N GLY A 1667 -41.04 -7.79 24.05
CA GLY A 1667 -41.92 -7.27 25.08
C GLY A 1667 -43.38 -7.29 24.65
N GLU A 1668 -43.63 -7.00 23.36
CA GLU A 1668 -45.00 -7.06 22.86
C GLU A 1668 -45.46 -8.49 22.67
N ALA A 1669 -44.59 -9.36 22.16
CA ALA A 1669 -45.00 -10.72 21.84
C ALA A 1669 -45.46 -11.48 23.09
N MET A 1670 -44.74 -11.32 24.20
CA MET A 1670 -45.15 -12.01 25.42
C MET A 1670 -46.50 -11.49 25.92
N THR A 1671 -46.76 -10.19 25.76
CA THR A 1671 -48.10 -9.69 26.04
C THR A 1671 -49.12 -10.33 25.12
N GLY A 1672 -48.76 -10.51 23.85
CA GLY A 1672 -49.72 -11.04 22.88
C GLY A 1672 -50.16 -12.46 23.21
N ILE A 1673 -49.19 -13.32 23.52
CA ILE A 1673 -49.54 -14.71 23.81
C ILE A 1673 -50.22 -14.82 25.16
N SER A 1674 -49.83 -13.98 26.13
CA SER A 1674 -50.30 -14.15 27.50
C SER A 1674 -51.79 -13.86 27.63
N GLN A 1675 -52.25 -12.72 27.10
CA GLN A 1675 -53.65 -12.35 27.27
C GLN A 1675 -54.58 -13.30 26.51
N ASN A 1676 -54.16 -13.76 25.33
CA ASN A 1676 -54.97 -14.74 24.61
C ASN A 1676 -55.06 -16.07 25.34
N ALA A 1677 -54.08 -16.40 26.18
CA ALA A 1677 -54.18 -17.58 27.02
C ALA A 1677 -55.31 -17.44 28.03
N LYS A 1678 -55.45 -16.26 28.64
CA LYS A 1678 -56.58 -16.01 29.52
C LYS A 1678 -57.89 -16.11 28.77
N ASN A 1679 -57.94 -15.55 27.57
CA ASN A 1679 -59.08 -15.71 26.69
C ASN A 1679 -59.20 -17.11 26.11
N GLY A 1680 -58.17 -17.94 26.26
CA GLY A 1680 -58.20 -19.29 25.74
C GLY A 1680 -58.38 -19.34 24.23
N ASN A 1681 -58.04 -18.26 23.55
CA ASN A 1681 -58.23 -18.14 22.11
C ASN A 1681 -56.96 -18.65 21.44
N LEU A 1682 -57.00 -19.90 20.97
CA LEU A 1682 -55.77 -20.55 20.49
C LEU A 1682 -55.17 -19.85 19.28
N PRO A 1683 -55.93 -19.56 18.21
CA PRO A 1683 -55.26 -19.01 17.00
C PRO A 1683 -54.50 -17.72 17.24
N GLU A 1684 -55.07 -16.77 17.99
CA GLU A 1684 -54.34 -15.54 18.26
C GLU A 1684 -53.27 -15.74 19.32
N PHE A 1685 -53.41 -16.78 20.14
CA PHE A 1685 -52.38 -17.11 21.13
C PHE A 1685 -51.07 -17.48 20.44
N GLY A 1686 -51.15 -18.25 19.36
CA GLY A 1686 -49.93 -18.67 18.68
C GLY A 1686 -49.35 -17.61 17.76
N ASP A 1687 -50.14 -16.57 17.45
CA ASP A 1687 -49.69 -15.57 16.48
C ASP A 1687 -48.47 -14.81 16.97
N ALA A 1688 -48.48 -14.38 18.24
CA ALA A 1688 -47.35 -13.62 18.75
C ALA A 1688 -46.15 -14.52 19.03
N ILE A 1689 -46.38 -15.84 19.08
CA ILE A 1689 -45.27 -16.78 19.24
C ILE A 1689 -44.31 -16.68 18.07
N ALA A 1690 -44.83 -16.74 16.85
CA ALA A 1690 -43.96 -16.72 15.66
C ALA A 1690 -43.14 -15.45 15.60
N THR A 1691 -43.77 -14.30 15.87
CA THR A 1691 -43.02 -13.05 15.91
C THR A 1691 -41.98 -13.08 17.02
N ALA A 1692 -42.33 -13.65 18.18
CA ALA A 1692 -41.37 -13.75 19.28
C ALA A 1692 -40.15 -14.55 18.86
N SER A 1693 -40.35 -15.73 18.28
CA SER A 1693 -39.22 -16.53 17.84
C SER A 1693 -38.42 -15.80 16.78
N LYS A 1694 -39.09 -15.19 15.81
CA LYS A 1694 -38.39 -14.34 14.85
C LYS A 1694 -37.70 -13.18 15.55
N ALA A 1695 -38.33 -12.64 16.59
CA ALA A 1695 -37.63 -11.68 17.43
C ALA A 1695 -36.47 -12.34 18.17
N LEU A 1696 -36.69 -13.54 18.71
CA LEU A 1696 -35.60 -14.25 19.37
C LEU A 1696 -34.48 -14.60 18.41
N CYS A 1697 -34.81 -15.21 17.27
CA CYS A 1697 -33.77 -15.61 16.32
C CYS A 1697 -32.98 -14.40 15.85
N GLY A 1698 -33.66 -13.30 15.53
CA GLY A 1698 -32.97 -12.07 15.20
C GLY A 1698 -32.18 -11.53 16.38
N PHE A 1699 -32.80 -11.53 17.57
CA PHE A 1699 -32.14 -10.95 18.74
C PHE A 1699 -30.83 -11.67 19.05
N THR A 1700 -30.87 -13.00 19.15
CA THR A 1700 -29.66 -13.73 19.50
C THR A 1700 -28.59 -13.60 18.43
N GLU A 1701 -28.99 -13.56 17.14
CA GLU A 1701 -28.03 -13.24 16.11
C GLU A 1701 -27.49 -11.84 16.30
N ALA A 1702 -28.38 -10.87 16.57
CA ALA A 1702 -27.93 -9.52 16.84
C ALA A 1702 -27.10 -9.46 18.11
N ALA A 1703 -27.40 -10.33 19.07
CA ALA A 1703 -26.60 -10.38 20.29
C ALA A 1703 -25.27 -11.09 20.05
N ALA A 1704 -25.27 -12.13 19.21
CA ALA A 1704 -24.02 -12.79 18.89
C ALA A 1704 -23.06 -11.85 18.18
N GLN A 1705 -23.59 -11.02 17.28
CA GLN A 1705 -22.76 -10.00 16.65
C GLN A 1705 -22.23 -9.02 17.68
N ALA A 1706 -23.05 -8.67 18.67
CA ALA A 1706 -22.59 -7.79 19.74
C ALA A 1706 -21.42 -8.41 20.50
N ALA A 1707 -21.30 -9.74 20.45
CA ALA A 1707 -20.17 -10.39 21.09
C ALA A 1707 -18.90 -10.26 20.25
N TYR A 1708 -18.95 -10.74 19.00
CA TYR A 1708 -17.79 -10.66 18.13
C TYR A 1708 -17.23 -9.26 18.06
N LEU A 1709 -18.11 -8.25 17.95
CA LEU A 1709 -17.65 -6.87 17.84
C LEU A 1709 -16.82 -6.48 19.05
N VAL A 1710 -17.38 -6.59 20.24
CA VAL A 1710 -16.62 -6.23 21.44
C VAL A 1710 -15.38 -7.09 21.55
N GLY A 1711 -15.47 -8.35 21.13
CA GLY A 1711 -14.33 -9.24 21.23
C GLY A 1711 -13.12 -8.76 20.44
N VAL A 1712 -13.36 -8.21 19.25
CA VAL A 1712 -12.26 -7.72 18.43
C VAL A 1712 -11.64 -6.47 19.02
N SER A 1713 -12.47 -5.59 19.60
CA SER A 1713 -12.01 -4.26 19.97
C SER A 1713 -10.93 -4.28 21.04
N ASP A 1714 -10.71 -5.40 21.72
CA ASP A 1714 -9.67 -5.45 22.73
C ASP A 1714 -8.32 -5.19 22.07
N PRO A 1715 -7.48 -4.35 22.66
CA PRO A 1715 -6.23 -3.95 21.98
C PRO A 1715 -5.34 -5.11 21.59
N ASN A 1716 -5.31 -6.18 22.40
CA ASN A 1716 -4.44 -7.30 22.08
C ASN A 1716 -4.88 -7.98 20.79
N SER A 1717 -6.18 -8.16 20.60
CA SER A 1717 -6.67 -8.96 19.49
C SER A 1717 -6.39 -8.28 18.14
N GLN A 1718 -6.60 -9.04 17.06
CA GLN A 1718 -6.46 -8.55 15.71
C GLN A 1718 -7.56 -9.13 14.83
N ALA A 1719 -8.04 -8.32 13.90
CA ALA A 1719 -9.28 -8.56 13.18
C ALA A 1719 -9.04 -9.42 11.94
N GLY A 1720 -10.06 -9.52 11.10
CA GLY A 1720 -9.96 -10.22 9.83
C GLY A 1720 -10.25 -9.28 8.67
N GLN A 1721 -10.21 -9.85 7.47
CA GLN A 1721 -10.33 -9.07 6.25
C GLN A 1721 -11.67 -9.27 5.54
N GLN A 1722 -12.58 -10.05 6.10
CA GLN A 1722 -13.98 -10.23 5.73
C GLN A 1722 -14.15 -10.95 4.39
N GLY A 1723 -13.06 -11.22 3.68
CA GLY A 1723 -13.16 -11.96 2.43
C GLY A 1723 -13.77 -11.14 1.30
N LEU A 1724 -14.07 -11.84 0.21
CA LEU A 1724 -14.66 -11.23 -0.97
C LEU A 1724 -16.08 -11.74 -1.21
N VAL A 1725 -16.26 -13.05 -1.25
CA VAL A 1725 -17.57 -13.66 -1.42
C VAL A 1725 -18.04 -14.12 -0.04
N GLU A 1726 -19.23 -13.71 0.35
CA GLU A 1726 -19.74 -14.06 1.66
C GLU A 1726 -20.20 -15.52 1.65
N PRO A 1727 -19.57 -16.39 2.43
CA PRO A 1727 -19.95 -17.81 2.41
C PRO A 1727 -21.40 -18.04 2.77
N THR A 1728 -21.93 -17.23 3.69
CA THR A 1728 -23.34 -17.35 4.05
C THR A 1728 -24.26 -16.97 2.89
N GLN A 1729 -24.06 -15.77 2.33
CA GLN A 1729 -25.01 -15.30 1.31
C GLN A 1729 -24.80 -16.01 -0.01
N PHE A 1730 -23.54 -16.25 -0.38
CA PHE A 1730 -23.27 -16.91 -1.65
C PHE A 1730 -23.91 -18.29 -1.71
N ALA A 1731 -23.76 -19.08 -0.64
CA ALA A 1731 -24.22 -20.46 -0.68
C ALA A 1731 -25.72 -20.53 -0.95
N ARG A 1732 -26.52 -19.79 -0.16
CA ARG A 1732 -27.96 -19.80 -0.37
C ARG A 1732 -28.33 -19.16 -1.69
N ALA A 1733 -27.57 -18.16 -2.12
CA ALA A 1733 -27.79 -17.57 -3.44
C ALA A 1733 -27.67 -18.63 -4.52
N ASN A 1734 -26.67 -19.51 -4.42
CA ASN A 1734 -26.61 -20.66 -5.31
C ASN A 1734 -27.81 -21.56 -5.09
N GLN A 1735 -28.14 -21.84 -3.82
CA GLN A 1735 -29.21 -22.77 -3.51
C GLN A 1735 -30.54 -22.30 -4.08
N ALA A 1736 -30.90 -21.05 -3.82
CA ALA A 1736 -32.22 -20.56 -4.22
C ALA A 1736 -32.39 -20.63 -5.73
N ILE A 1737 -31.35 -20.25 -6.48
CA ILE A 1737 -31.46 -20.27 -7.93
C ILE A 1737 -31.67 -21.69 -8.43
N GLN A 1738 -30.90 -22.64 -7.90
CA GLN A 1738 -31.02 -24.02 -8.38
C GLN A 1738 -32.30 -24.68 -7.87
N MET A 1739 -32.74 -24.31 -6.66
CA MET A 1739 -34.08 -24.70 -6.23
C MET A 1739 -35.15 -24.25 -7.21
N ALA A 1740 -35.02 -23.03 -7.75
CA ALA A 1740 -36.04 -22.53 -8.66
C ALA A 1740 -36.12 -23.37 -9.92
N CYS A 1741 -34.98 -23.56 -10.58
CA CYS A 1741 -34.98 -24.33 -11.82
C CYS A 1741 -35.28 -25.81 -11.57
N GLN A 1742 -34.96 -26.31 -10.37
CA GLN A 1742 -35.34 -27.67 -10.01
C GLN A 1742 -36.85 -27.85 -10.07
N SER A 1743 -37.60 -26.83 -9.65
CA SER A 1743 -39.06 -26.92 -9.69
C SER A 1743 -39.56 -27.08 -11.12
N LEU A 1744 -38.99 -26.32 -12.06
CA LEU A 1744 -39.43 -26.43 -13.45
C LEU A 1744 -38.95 -27.71 -14.12
N GLY A 1745 -38.03 -28.44 -13.49
CA GLY A 1745 -37.56 -29.68 -14.09
C GLY A 1745 -38.64 -30.73 -14.23
N GLU A 1746 -39.53 -30.82 -13.26
CA GLU A 1746 -40.62 -31.78 -13.35
C GLU A 1746 -41.58 -31.39 -14.48
N PRO A 1747 -42.22 -32.36 -15.13
CA PRO A 1747 -42.94 -32.06 -16.38
C PRO A 1747 -44.10 -31.07 -16.24
N GLY A 1748 -44.79 -31.05 -15.11
CA GLY A 1748 -46.01 -30.27 -15.05
C GLY A 1748 -45.80 -28.81 -14.68
N CYS A 1749 -45.76 -27.95 -15.69
CA CYS A 1749 -45.47 -26.53 -15.50
C CYS A 1749 -46.78 -25.75 -15.46
N THR A 1750 -47.03 -25.10 -14.32
CA THR A 1750 -48.21 -24.28 -14.12
C THR A 1750 -47.79 -22.86 -13.77
N GLN A 1751 -48.65 -21.89 -14.12
CA GLN A 1751 -48.36 -20.49 -13.82
C GLN A 1751 -48.17 -20.27 -12.33
N ALA A 1752 -48.71 -21.17 -11.51
CA ALA A 1752 -48.42 -21.13 -10.07
C ALA A 1752 -46.93 -21.26 -9.81
N GLN A 1753 -46.27 -22.17 -10.54
CA GLN A 1753 -44.83 -22.36 -10.32
C GLN A 1753 -44.00 -21.70 -11.41
N VAL A 1754 -44.54 -21.56 -12.63
CA VAL A 1754 -43.76 -20.99 -13.72
C VAL A 1754 -43.42 -19.54 -13.45
N LEU A 1755 -44.42 -18.72 -13.09
CA LEU A 1755 -44.17 -17.30 -12.92
C LEU A 1755 -43.34 -17.03 -11.67
N SER A 1756 -43.61 -17.76 -10.59
CA SER A 1756 -42.80 -17.61 -9.38
C SER A 1756 -41.34 -17.94 -9.64
N ALA A 1757 -41.09 -18.91 -10.51
CA ALA A 1757 -39.71 -19.32 -10.79
C ALA A 1757 -38.90 -18.17 -11.39
N ALA A 1758 -39.49 -17.43 -12.33
CA ALA A 1758 -38.77 -16.31 -12.92
C ALA A 1758 -38.42 -15.26 -11.87
N THR A 1759 -39.36 -14.95 -10.98
CA THR A 1759 -39.14 -13.92 -9.99
C THR A 1759 -37.99 -14.27 -9.06
N ILE A 1760 -37.98 -15.49 -8.53
CA ILE A 1760 -36.91 -15.89 -7.62
C ILE A 1760 -35.57 -15.99 -8.37
N VAL A 1761 -35.63 -16.36 -9.66
CA VAL A 1761 -34.40 -16.46 -10.44
C VAL A 1761 -33.84 -15.08 -10.74
N ALA A 1762 -34.62 -14.24 -11.42
CA ALA A 1762 -34.11 -12.97 -11.90
C ALA A 1762 -33.70 -12.06 -10.74
N LYS A 1763 -34.39 -12.19 -9.60
CA LYS A 1763 -34.02 -11.40 -8.43
C LYS A 1763 -32.66 -11.82 -7.90
N HIS A 1764 -32.34 -13.12 -7.97
CA HIS A 1764 -31.10 -13.60 -7.37
C HIS A 1764 -29.96 -13.62 -8.37
N THR A 1765 -30.19 -14.17 -9.57
CA THR A 1765 -29.12 -14.23 -10.56
C THR A 1765 -28.57 -12.86 -10.89
N SER A 1766 -29.43 -11.85 -10.98
CA SER A 1766 -28.96 -10.48 -11.15
C SER A 1766 -28.12 -10.05 -9.95
N ALA A 1767 -28.58 -10.38 -8.74
CA ALA A 1767 -27.80 -10.05 -7.56
C ALA A 1767 -26.48 -10.80 -7.54
N LEU A 1768 -26.50 -12.08 -7.94
CA LEU A 1768 -25.27 -12.87 -7.96
C LEU A 1768 -24.22 -12.24 -8.86
N CYS A 1769 -24.64 -11.62 -9.96
CA CYS A 1769 -23.69 -10.92 -10.81
C CYS A 1769 -23.00 -9.79 -10.05
N ASN A 1770 -23.77 -9.04 -9.25
CA ASN A 1770 -23.21 -7.88 -8.58
C ASN A 1770 -22.15 -8.29 -7.57
N SER A 1771 -22.28 -9.49 -7.00
CA SER A 1771 -21.27 -9.98 -6.07
C SER A 1771 -19.90 -10.06 -6.73
N CYS A 1772 -19.84 -10.60 -7.94
CA CYS A 1772 -18.58 -10.65 -8.66
C CYS A 1772 -18.05 -9.25 -8.93
N ARG A 1773 -18.91 -8.36 -9.40
CA ARG A 1773 -18.44 -7.06 -9.88
C ARG A 1773 -17.81 -6.25 -8.77
N LEU A 1774 -18.40 -6.28 -7.57
CA LEU A 1774 -17.78 -5.61 -6.43
C LEU A 1774 -16.47 -6.29 -6.04
N ALA A 1775 -16.45 -7.62 -6.04
CA ALA A 1775 -15.24 -8.35 -5.68
C ALA A 1775 -14.15 -8.16 -6.71
N SER A 1776 -14.51 -8.24 -7.99
CA SER A 1776 -13.52 -8.21 -9.06
C SER A 1776 -12.70 -6.92 -9.04
N ALA A 1777 -13.29 -5.82 -8.59
CA ALA A 1777 -12.57 -4.56 -8.54
C ALA A 1777 -11.72 -4.43 -7.28
N ARG A 1778 -11.90 -5.30 -6.30
CA ARG A 1778 -11.11 -5.25 -5.07
C ARG A 1778 -10.02 -6.31 -5.01
N THR A 1779 -9.98 -7.22 -5.99
CA THR A 1779 -8.95 -8.24 -6.02
C THR A 1779 -7.59 -7.66 -6.36
N ALA A 1780 -6.55 -8.41 -6.00
CA ALA A 1780 -5.19 -8.08 -6.36
C ALA A 1780 -4.60 -9.02 -7.40
N ASN A 1781 -5.08 -10.24 -7.47
CA ASN A 1781 -4.66 -11.15 -8.52
C ASN A 1781 -5.24 -10.67 -9.84
N PRO A 1782 -4.42 -10.37 -10.85
CA PRO A 1782 -4.97 -9.98 -12.16
C PRO A 1782 -5.81 -11.06 -12.80
N THR A 1783 -5.49 -12.35 -12.58
CA THR A 1783 -6.26 -13.42 -13.20
C THR A 1783 -7.72 -13.38 -12.74
N ALA A 1784 -7.94 -13.10 -11.46
CA ALA A 1784 -9.29 -13.10 -10.93
C ALA A 1784 -10.15 -12.04 -11.60
N LYS A 1785 -9.56 -10.88 -11.89
CA LYS A 1785 -10.31 -9.81 -12.52
C LYS A 1785 -10.93 -10.28 -13.84
N ARG A 1786 -10.11 -10.86 -14.71
CA ARG A 1786 -10.65 -11.33 -16.00
C ARG A 1786 -11.67 -12.43 -15.81
N GLN A 1787 -11.38 -13.38 -14.91
CA GLN A 1787 -12.28 -14.52 -14.75
C GLN A 1787 -13.61 -14.13 -14.12
N PHE A 1788 -13.59 -13.24 -13.12
CA PHE A 1788 -14.84 -12.83 -12.50
C PHE A 1788 -15.79 -12.20 -13.50
N VAL A 1789 -15.28 -11.29 -14.33
CA VAL A 1789 -16.13 -10.62 -15.31
C VAL A 1789 -16.71 -11.62 -16.29
N GLN A 1790 -15.88 -12.51 -16.83
CA GLN A 1790 -16.34 -13.45 -17.84
C GLN A 1790 -17.40 -14.38 -17.29
N SER A 1791 -17.12 -15.03 -16.15
CA SER A 1791 -18.07 -15.99 -15.62
C SER A 1791 -19.37 -15.31 -15.22
N ALA A 1792 -19.29 -14.11 -14.65
CA ALA A 1792 -20.50 -13.41 -14.22
C ALA A 1792 -21.40 -13.09 -15.41
N LYS A 1793 -20.84 -12.97 -16.60
CA LYS A 1793 -21.66 -12.66 -17.76
C LYS A 1793 -22.25 -13.93 -18.37
N GLU A 1794 -21.66 -15.08 -18.07
CA GLU A 1794 -22.19 -16.33 -18.58
C GLU A 1794 -23.60 -16.58 -18.05
N VAL A 1795 -23.83 -16.32 -16.77
CA VAL A 1795 -25.18 -16.43 -16.24
C VAL A 1795 -26.08 -15.39 -16.87
N ALA A 1796 -25.56 -14.19 -17.12
CA ALA A 1796 -26.34 -13.13 -17.74
C ALA A 1796 -26.77 -13.51 -19.15
N ASN A 1797 -25.86 -14.09 -19.93
CA ASN A 1797 -26.23 -14.62 -21.23
C ASN A 1797 -27.23 -15.75 -21.08
N SER A 1798 -27.02 -16.63 -20.10
CA SER A 1798 -28.00 -17.66 -19.80
C SER A 1798 -29.30 -17.04 -19.29
N THR A 1799 -29.19 -15.96 -18.51
CA THR A 1799 -30.39 -15.28 -18.04
C THR A 1799 -31.23 -14.76 -19.20
N ALA A 1800 -30.59 -14.08 -20.15
CA ALA A 1800 -31.32 -13.58 -21.31
C ALA A 1800 -31.95 -14.72 -22.11
N ASN A 1801 -31.20 -15.81 -22.30
CA ASN A 1801 -31.76 -16.98 -22.99
C ASN A 1801 -32.91 -17.58 -22.20
N LEU A 1802 -32.77 -17.66 -20.88
CA LEU A 1802 -33.81 -18.28 -20.07
C LEU A 1802 -35.03 -17.38 -19.95
N VAL A 1803 -34.82 -16.07 -19.72
CA VAL A 1803 -35.95 -15.17 -19.52
C VAL A 1803 -36.80 -15.09 -20.78
N LYS A 1804 -36.16 -15.14 -21.95
CA LYS A 1804 -36.91 -15.22 -23.19
C LYS A 1804 -37.80 -16.46 -23.20
N THR A 1805 -37.24 -17.61 -22.80
CA THR A 1805 -37.99 -18.85 -22.84
C THR A 1805 -39.10 -18.86 -21.81
N ILE A 1806 -38.85 -18.30 -20.63
CA ILE A 1806 -39.91 -18.23 -19.63
C ILE A 1806 -41.02 -17.29 -20.08
N LYS A 1807 -40.67 -16.22 -20.80
CA LYS A 1807 -41.69 -15.39 -21.43
C LYS A 1807 -42.37 -16.13 -22.58
N ALA A 1808 -41.59 -16.88 -23.37
CA ALA A 1808 -42.17 -17.70 -24.43
C ALA A 1808 -43.11 -18.76 -23.90
N LEU A 1809 -42.92 -19.22 -22.67
CA LEU A 1809 -43.83 -20.17 -22.05
C LEU A 1809 -45.00 -19.49 -21.34
N ASP A 1810 -44.95 -18.17 -21.20
CA ASP A 1810 -46.02 -17.44 -20.53
C ASP A 1810 -47.28 -17.45 -21.40
N GLY A 1811 -48.29 -18.18 -20.95
CA GLY A 1811 -49.55 -18.23 -21.66
C GLY A 1811 -49.62 -19.20 -22.82
N ASP A 1812 -48.62 -20.07 -23.00
CA ASP A 1812 -48.63 -21.03 -24.09
C ASP A 1812 -48.69 -22.46 -23.60
N PHE A 1813 -47.83 -22.84 -22.65
CA PHE A 1813 -47.85 -24.16 -22.02
C PHE A 1813 -47.60 -25.29 -23.02
N THR A 1814 -47.06 -24.97 -24.19
CA THR A 1814 -46.76 -26.00 -25.17
C THR A 1814 -45.68 -26.92 -24.63
N GLU A 1815 -45.78 -28.22 -24.95
CA GLU A 1815 -44.84 -29.18 -24.39
C GLU A 1815 -43.42 -28.86 -24.81
N GLU A 1816 -43.21 -28.50 -26.08
CA GLU A 1816 -41.88 -28.08 -26.50
C GLU A 1816 -41.53 -26.74 -25.86
N ASN A 1817 -42.52 -25.87 -25.68
CA ASN A 1817 -42.28 -24.61 -24.99
C ASN A 1817 -41.92 -24.86 -23.53
N ARG A 1818 -42.50 -25.89 -22.93
CA ARG A 1818 -42.03 -26.34 -21.62
C ARG A 1818 -40.70 -27.08 -21.76
N ALA A 1819 -40.54 -27.84 -22.83
CA ALA A 1819 -39.28 -28.56 -23.05
C ALA A 1819 -38.14 -27.58 -23.31
N GLN A 1820 -38.38 -26.53 -24.09
CA GLN A 1820 -37.33 -25.55 -24.36
C GLN A 1820 -36.96 -24.80 -23.09
N CYS A 1821 -37.87 -24.75 -22.11
CA CYS A 1821 -37.50 -24.24 -20.79
C CYS A 1821 -36.57 -25.21 -20.08
N ARG A 1822 -36.81 -26.52 -20.23
CA ARG A 1822 -35.92 -27.51 -19.66
C ARG A 1822 -34.53 -27.42 -20.28
N ALA A 1823 -34.46 -27.24 -21.59
CA ALA A 1823 -33.16 -27.14 -22.26
C ALA A 1823 -32.41 -25.89 -21.83
N ALA A 1824 -33.11 -24.75 -21.77
CA ALA A 1824 -32.46 -23.51 -21.37
C ALA A 1824 -32.06 -23.49 -19.91
N THR A 1825 -32.48 -24.48 -19.13
CA THR A 1825 -32.06 -24.58 -17.74
C THR A 1825 -30.57 -24.86 -17.63
N ALA A 1826 -30.05 -25.75 -18.48
CA ALA A 1826 -28.67 -26.20 -18.35
C ALA A 1826 -27.65 -25.08 -18.35
N PRO A 1827 -27.70 -24.10 -19.26
CA PRO A 1827 -26.65 -23.06 -19.25
C PRO A 1827 -26.52 -22.33 -17.94
N LEU A 1828 -27.64 -21.98 -17.29
CA LEU A 1828 -27.54 -21.21 -16.05
C LEU A 1828 -27.00 -22.06 -14.92
N LEU A 1829 -27.53 -23.27 -14.75
CA LEU A 1829 -27.09 -24.12 -13.65
C LEU A 1829 -25.62 -24.47 -13.79
N GLU A 1830 -25.17 -24.74 -15.02
CA GLU A 1830 -23.75 -25.00 -15.23
C GLU A 1830 -22.91 -23.76 -14.95
N ALA A 1831 -23.38 -22.60 -15.39
CA ALA A 1831 -22.62 -21.37 -15.20
C ALA A 1831 -22.48 -21.03 -13.72
N VAL A 1832 -23.58 -21.07 -12.97
CA VAL A 1832 -23.50 -20.77 -11.54
C VAL A 1832 -22.63 -21.79 -10.82
N ASP A 1833 -22.79 -23.08 -11.15
CA ASP A 1833 -21.94 -24.09 -10.54
C ASP A 1833 -20.49 -23.85 -10.88
N ASN A 1834 -20.20 -23.51 -12.14
CA ASN A 1834 -18.85 -23.16 -12.51
C ASN A 1834 -18.33 -22.01 -11.66
N LEU A 1835 -19.08 -20.91 -11.61
CA LEU A 1835 -18.62 -19.74 -10.89
C LEU A 1835 -18.47 -20.06 -9.41
N SER A 1836 -19.40 -20.82 -8.84
CA SER A 1836 -19.25 -21.24 -7.46
C SER A 1836 -18.00 -22.07 -7.27
N ALA A 1837 -17.70 -22.96 -8.23
CA ALA A 1837 -16.48 -23.74 -8.15
C ALA A 1837 -15.26 -22.82 -8.18
N PHE A 1838 -15.36 -21.70 -8.90
CA PHE A 1838 -14.25 -20.76 -8.95
C PHE A 1838 -13.99 -20.15 -7.58
N ALA A 1839 -15.04 -19.87 -6.83
CA ALA A 1839 -14.89 -19.12 -5.59
C ALA A 1839 -14.33 -19.93 -4.47
N SER A 1840 -14.27 -21.26 -4.50
CA SER A 1840 -13.79 -22.01 -3.35
C SER A 1840 -12.28 -21.98 -3.21
N ASN A 1841 -11.60 -21.11 -3.95
CA ASN A 1841 -10.16 -21.01 -3.82
C ASN A 1841 -9.82 -20.47 -2.45
N PRO A 1842 -9.02 -21.17 -1.65
CA PRO A 1842 -8.78 -20.74 -0.27
C PRO A 1842 -8.24 -19.33 -0.16
N GLU A 1843 -7.39 -18.92 -1.09
CA GLU A 1843 -6.73 -17.59 -0.96
C GLU A 1843 -7.77 -16.47 -0.92
N PHE A 1844 -8.93 -16.66 -1.55
CA PHE A 1844 -9.91 -15.56 -1.69
C PHE A 1844 -10.54 -15.01 -0.40
N SER A 1845 -10.90 -15.85 0.58
CA SER A 1845 -11.74 -15.30 1.71
C SER A 1845 -11.58 -15.89 3.11
N SER A 1846 -12.09 -15.18 4.14
CA SER A 1846 -12.26 -15.72 5.52
C SER A 1846 -11.09 -15.80 6.54
N VAL A 1847 -9.95 -15.13 6.38
CA VAL A 1847 -8.90 -15.16 7.45
C VAL A 1847 -9.56 -14.95 8.83
N PRO A 1848 -9.49 -15.91 9.78
CA PRO A 1848 -10.24 -15.85 11.04
C PRO A 1848 -9.55 -14.91 12.03
N ALA A 1849 -10.30 -13.91 12.49
CA ALA A 1849 -9.73 -12.93 13.39
C ALA A 1849 -9.24 -13.60 14.65
N GLN A 1850 -8.20 -13.03 15.25
CA GLN A 1850 -7.60 -13.61 16.44
C GLN A 1850 -8.06 -12.82 17.65
N ILE A 1851 -8.49 -13.51 18.69
CA ILE A 1851 -9.06 -12.88 19.88
C ILE A 1851 -8.17 -13.16 21.08
N SER A 1852 -7.82 -12.10 21.80
CA SER A 1852 -7.04 -12.24 23.01
C SER A 1852 -7.85 -12.98 24.08
N PRO A 1853 -7.17 -13.60 25.05
CA PRO A 1853 -7.91 -14.10 26.21
C PRO A 1853 -8.66 -13.00 26.93
N GLU A 1854 -8.00 -11.88 27.22
CA GLU A 1854 -8.72 -10.76 27.84
C GLU A 1854 -9.73 -10.15 26.89
N GLY A 1855 -9.51 -10.28 25.58
CA GLY A 1855 -10.55 -9.93 24.64
C GLY A 1855 -11.81 -10.75 24.87
N ARG A 1856 -11.63 -12.06 25.07
CA ARG A 1856 -12.76 -12.90 25.45
C ARG A 1856 -13.32 -12.49 26.80
N ALA A 1857 -12.49 -11.94 27.68
CA ALA A 1857 -12.96 -11.55 29.00
C ALA A 1857 -14.05 -10.48 28.91
N ALA A 1858 -13.78 -9.40 28.18
CA ALA A 1858 -14.79 -8.37 28.02
C ALA A 1858 -16.03 -8.88 27.30
N MET A 1859 -15.92 -9.97 26.56
CA MET A 1859 -17.06 -10.51 25.83
C MET A 1859 -18.03 -11.25 26.74
N GLU A 1860 -17.51 -11.94 27.75
CA GLU A 1860 -18.37 -12.79 28.59
C GLU A 1860 -19.54 -12.05 29.23
N PRO A 1861 -19.38 -10.84 29.78
CA PRO A 1861 -20.55 -10.19 30.40
C PRO A 1861 -21.73 -10.10 29.47
N ILE A 1862 -21.50 -9.84 28.18
CA ILE A 1862 -22.58 -9.88 27.21
C ILE A 1862 -23.03 -11.32 26.98
N VAL A 1863 -22.07 -12.24 26.89
CA VAL A 1863 -22.42 -13.63 26.60
C VAL A 1863 -23.26 -14.22 27.73
N ILE A 1864 -22.83 -14.01 28.98
CA ILE A 1864 -23.51 -14.63 30.12
C ILE A 1864 -24.96 -14.19 30.16
N SER A 1865 -25.19 -12.88 30.11
CA SER A 1865 -26.56 -12.37 30.18
C SER A 1865 -27.38 -12.86 28.99
N ALA A 1866 -26.76 -12.91 27.81
CA ALA A 1866 -27.49 -13.40 26.65
C ALA A 1866 -27.88 -14.86 26.80
N LYS A 1867 -26.99 -15.69 27.33
CA LYS A 1867 -27.27 -17.12 27.44
C LYS A 1867 -28.49 -17.37 28.33
N THR A 1868 -28.53 -16.73 29.50
CA THR A 1868 -29.58 -17.04 30.47
C THR A 1868 -30.94 -16.55 29.99
N MET A 1869 -30.96 -15.55 29.11
CA MET A 1869 -32.25 -15.08 28.60
C MET A 1869 -32.99 -16.19 27.89
N LEU A 1870 -32.30 -16.92 27.02
CA LEU A 1870 -32.91 -18.09 26.40
C LEU A 1870 -33.29 -19.13 27.44
N GLU A 1871 -32.42 -19.33 28.43
CA GLU A 1871 -32.73 -20.27 29.51
C GLU A 1871 -33.97 -19.82 30.26
N SER A 1872 -34.06 -18.52 30.58
CA SER A 1872 -35.28 -17.99 31.17
C SER A 1872 -36.44 -18.10 30.19
N ALA A 1873 -36.20 -17.79 28.92
CA ALA A 1873 -37.26 -17.91 27.93
C ALA A 1873 -37.68 -19.36 27.73
N GLY A 1874 -36.71 -20.28 27.71
CA GLY A 1874 -37.02 -21.66 27.35
C GLY A 1874 -38.06 -22.29 28.27
N GLY A 1875 -37.87 -22.13 29.59
CA GLY A 1875 -38.88 -22.61 30.52
C GLY A 1875 -40.17 -21.82 30.43
N LEU A 1876 -40.09 -20.58 29.98
CA LEU A 1876 -41.28 -19.76 29.85
C LEU A 1876 -42.11 -20.17 28.63
N ILE A 1877 -41.45 -20.77 27.62
CA ILE A 1877 -42.17 -21.17 26.42
C ILE A 1877 -43.13 -22.30 26.72
N GLN A 1878 -42.68 -23.30 27.49
CA GLN A 1878 -43.51 -24.47 27.75
C GLN A 1878 -44.75 -24.12 28.56
N THR A 1879 -44.66 -23.06 29.38
CA THR A 1879 -45.81 -22.63 30.17
C THR A 1879 -46.98 -22.23 29.28
N ALA A 1880 -46.68 -21.68 28.10
CA ALA A 1880 -47.73 -21.14 27.24
C ALA A 1880 -48.64 -22.24 26.70
N ARG A 1881 -48.09 -23.39 26.33
CA ARG A 1881 -48.87 -24.42 25.65
C ARG A 1881 -49.99 -24.95 26.54
N ALA A 1882 -49.67 -25.32 27.77
CA ALA A 1882 -50.69 -25.85 28.68
C ALA A 1882 -51.69 -24.78 29.08
N LEU A 1883 -51.18 -23.56 29.34
CA LEU A 1883 -52.06 -22.47 29.77
C LEU A 1883 -53.01 -22.04 28.67
N ALA A 1884 -52.71 -22.39 27.42
CA ALA A 1884 -53.68 -22.18 26.35
C ALA A 1884 -54.92 -23.04 26.57
N VAL A 1885 -54.77 -24.18 27.22
CA VAL A 1885 -55.89 -25.06 27.48
C VAL A 1885 -56.66 -24.60 28.72
N ASN A 1886 -55.98 -24.61 29.89
CA ASN A 1886 -56.67 -24.17 31.10
C ASN A 1886 -56.53 -22.67 31.28
N PRO A 1887 -57.62 -21.95 31.54
CA PRO A 1887 -57.53 -20.49 31.66
C PRO A 1887 -56.60 -20.01 32.77
N ARG A 1888 -56.49 -20.76 33.87
CA ARG A 1888 -55.70 -20.31 35.00
C ARG A 1888 -55.23 -21.50 35.82
N ASP A 1889 -54.02 -21.40 36.33
CA ASP A 1889 -53.50 -22.25 37.40
C ASP A 1889 -52.40 -21.47 38.09
N PRO A 1890 -52.51 -21.23 39.40
CA PRO A 1890 -51.62 -20.26 40.06
C PRO A 1890 -50.14 -20.60 39.91
N PRO A 1891 -49.70 -21.81 40.28
CA PRO A 1891 -48.26 -22.09 40.12
C PRO A 1891 -47.77 -21.97 38.69
N ARG A 1892 -48.59 -22.37 37.71
CA ARG A 1892 -48.21 -22.19 36.32
C ARG A 1892 -48.19 -20.72 35.93
N TRP A 1893 -49.18 -19.95 36.39
CA TRP A 1893 -49.18 -18.52 36.10
C TRP A 1893 -48.21 -17.77 37.01
N SER A 1894 -47.76 -18.39 38.10
CA SER A 1894 -46.74 -17.77 38.94
C SER A 1894 -45.38 -17.81 38.27
N VAL A 1895 -45.00 -18.97 37.73
CA VAL A 1895 -43.72 -19.07 37.03
C VAL A 1895 -43.78 -18.31 35.72
N LEU A 1896 -44.98 -18.08 35.18
CA LEU A 1896 -45.11 -17.31 33.95
C LEU A 1896 -44.57 -15.90 34.13
N ALA A 1897 -44.86 -15.28 35.28
CA ALA A 1897 -44.27 -13.99 35.58
C ALA A 1897 -42.81 -14.12 36.01
N GLY A 1898 -42.49 -15.18 36.77
CA GLY A 1898 -41.14 -15.32 37.29
C GLY A 1898 -40.09 -15.40 36.19
N HIS A 1899 -40.36 -16.20 35.16
CA HIS A 1899 -39.47 -16.22 34.00
C HIS A 1899 -39.45 -14.88 33.29
N SER A 1900 -40.62 -14.25 33.14
CA SER A 1900 -40.72 -13.07 32.29
C SER A 1900 -39.85 -11.93 32.81
N ARG A 1901 -39.83 -11.71 34.13
CA ARG A 1901 -38.91 -10.73 34.66
C ARG A 1901 -37.47 -11.16 34.46
N THR A 1902 -37.17 -12.45 34.65
CA THR A 1902 -35.83 -12.95 34.33
C THR A 1902 -35.52 -12.76 32.85
N VAL A 1903 -36.51 -13.00 31.99
CA VAL A 1903 -36.38 -12.61 30.59
C VAL A 1903 -36.08 -11.12 30.50
N SER A 1904 -36.85 -10.30 31.21
CA SER A 1904 -36.63 -8.86 31.19
C SER A 1904 -35.29 -8.49 31.80
N ASP A 1905 -34.95 -9.10 32.94
CA ASP A 1905 -33.71 -8.74 33.62
C ASP A 1905 -32.50 -9.03 32.74
N SER A 1906 -32.51 -10.16 32.04
CA SER A 1906 -31.44 -10.42 31.08
C SER A 1906 -31.39 -9.36 30.00
N ILE A 1907 -32.55 -8.94 29.51
CA ILE A 1907 -32.59 -7.93 28.45
C ILE A 1907 -32.02 -6.61 28.94
N LYS A 1908 -32.50 -6.13 30.08
CA LYS A 1908 -32.02 -4.84 30.57
C LYS A 1908 -30.55 -4.90 30.96
N LYS A 1909 -30.13 -5.99 31.62
CA LYS A 1909 -28.75 -6.09 32.05
C LYS A 1909 -27.81 -6.15 30.85
N LEU A 1910 -28.19 -6.88 29.81
CA LEU A 1910 -27.38 -6.92 28.60
C LEU A 1910 -27.25 -5.54 27.98
N ILE A 1911 -28.36 -4.82 27.83
CA ILE A 1911 -28.32 -3.47 27.28
C ILE A 1911 -27.44 -2.59 28.14
N THR A 1912 -27.59 -2.69 29.46
CA THR A 1912 -26.73 -1.95 30.38
C THR A 1912 -25.27 -2.17 30.05
N SER A 1913 -24.88 -3.43 29.84
CA SER A 1913 -23.50 -3.70 29.44
C SER A 1913 -23.17 -3.08 28.09
N MET A 1914 -24.08 -3.18 27.12
CA MET A 1914 -23.79 -2.71 25.78
C MET A 1914 -23.50 -1.21 25.76
N ARG A 1915 -24.35 -0.42 26.40
CA ARG A 1915 -24.16 1.02 26.38
C ARG A 1915 -22.97 1.44 27.25
N ASP A 1916 -22.77 0.75 28.37
CA ASP A 1916 -21.69 1.13 29.27
C ASP A 1916 -20.33 0.72 28.72
N LYS A 1917 -20.24 -0.45 28.08
CA LYS A 1917 -18.96 -0.88 27.50
C LYS A 1917 -18.46 0.13 26.48
N ALA A 1918 -19.32 0.47 25.51
CA ALA A 1918 -19.06 1.50 24.50
C ALA A 1918 -17.64 1.41 23.95
N PRO A 1919 -17.34 0.41 23.12
CA PRO A 1919 -15.98 0.29 22.59
C PRO A 1919 -15.59 1.52 21.80
N GLY A 1920 -14.35 1.95 21.99
CA GLY A 1920 -13.84 3.14 21.35
C GLY A 1920 -13.74 4.37 22.22
N GLN A 1921 -14.39 4.41 23.38
CA GLN A 1921 -14.28 5.56 24.27
C GLN A 1921 -13.45 5.28 25.50
N LEU A 1922 -12.68 4.18 25.53
CA LEU A 1922 -11.74 3.95 26.60
C LEU A 1922 -10.31 4.30 26.20
N GLU A 1923 -9.81 3.69 25.14
CA GLU A 1923 -8.48 3.98 24.65
C GLU A 1923 -8.36 5.39 24.08
N CYS A 1924 -9.46 5.96 23.57
CA CYS A 1924 -9.43 7.38 23.22
C CYS A 1924 -9.05 8.22 24.43
N GLU A 1925 -9.62 7.92 25.59
CA GLU A 1925 -9.17 8.57 26.81
C GLU A 1925 -7.71 8.21 27.09
N THR A 1926 -7.33 6.95 26.85
CA THR A 1926 -5.94 6.55 27.07
C THR A 1926 -5.00 7.33 26.16
N ALA A 1927 -5.31 7.37 24.87
CA ALA A 1927 -4.45 8.08 23.93
C ALA A 1927 -4.38 9.56 24.27
N ILE A 1928 -5.53 10.17 24.58
CA ILE A 1928 -5.55 11.61 24.83
C ILE A 1928 -4.60 11.96 25.97
N ALA A 1929 -4.69 11.24 27.08
CA ALA A 1929 -3.76 11.48 28.18
C ALA A 1929 -2.33 11.25 27.73
N ALA A 1930 -2.07 10.14 27.04
CA ALA A 1930 -0.74 9.90 26.51
C ALA A 1930 -0.35 10.98 25.53
N LEU A 1931 -1.30 11.41 24.69
CA LEU A 1931 -1.03 12.53 23.81
C LEU A 1931 -0.79 13.81 24.60
N ASN A 1932 -1.66 14.09 25.56
CA ASN A 1932 -1.64 15.41 26.20
C ASN A 1932 -0.33 15.63 26.93
N SER A 1933 0.23 14.59 27.54
CA SER A 1933 1.54 14.71 28.16
C SER A 1933 2.60 14.99 27.12
N CYS A 1934 2.50 14.35 25.94
CA CYS A 1934 3.47 14.59 24.89
C CYS A 1934 3.48 16.06 24.50
N LEU A 1935 2.32 16.71 24.54
CA LEU A 1935 2.29 18.15 24.30
C LEU A 1935 3.08 18.89 25.37
N ARG A 1936 2.93 18.48 26.64
CA ARG A 1936 3.53 19.24 27.73
C ARG A 1936 5.04 19.32 27.59
N ASP A 1937 5.69 18.20 27.28
CA ASP A 1937 7.13 18.18 27.18
C ASP A 1937 7.63 19.24 26.21
N LEU A 1938 7.02 19.31 25.03
CA LEU A 1938 7.42 20.30 24.05
C LEU A 1938 7.30 21.70 24.60
N ASP A 1939 6.18 21.99 25.26
CA ASP A 1939 5.92 23.35 25.70
C ASP A 1939 6.98 23.81 26.69
N GLN A 1940 7.37 22.93 27.62
CA GLN A 1940 8.53 23.23 28.46
C GLN A 1940 9.81 23.26 27.62
N ALA A 1941 10.03 22.22 26.81
CA ALA A 1941 11.26 22.13 26.04
C ALA A 1941 11.39 23.31 25.10
N SER A 1942 10.27 23.83 24.60
CA SER A 1942 10.32 25.09 23.89
C SER A 1942 10.89 26.19 24.78
N LEU A 1943 10.36 26.31 26.00
CA LEU A 1943 10.77 27.40 26.89
C LEU A 1943 12.25 27.32 27.21
N ALA A 1944 12.77 26.11 27.45
CA ALA A 1944 14.17 25.97 27.82
C ALA A 1944 15.07 26.51 26.73
N ALA A 1945 14.73 26.27 25.47
CA ALA A 1945 15.54 26.81 24.38
C ALA A 1945 15.35 28.30 24.21
N VAL A 1946 14.20 28.85 24.62
CA VAL A 1946 13.93 30.26 24.40
C VAL A 1946 14.99 31.13 25.09
N SER A 1947 15.31 30.80 26.33
CA SER A 1947 16.37 31.51 27.04
C SER A 1947 17.73 30.84 26.88
N GLN A 1948 17.87 29.96 25.89
CA GLN A 1948 19.15 29.33 25.54
C GLN A 1948 19.69 28.50 26.70
N GLN A 1949 18.94 27.47 27.09
CA GLN A 1949 19.43 26.52 28.08
C GLN A 1949 19.40 25.08 27.60
N LEU A 1950 18.76 24.81 26.47
CA LEU A 1950 18.58 23.43 26.04
C LEU A 1950 19.93 22.80 25.70
N ALA A 1951 20.33 21.81 26.49
CA ALA A 1951 21.65 21.20 26.37
C ALA A 1951 21.64 20.15 25.27
N PRO A 1952 22.56 20.22 24.30
CA PRO A 1952 22.54 19.25 23.20
C PRO A 1952 22.97 17.87 23.66
N ARG A 1953 22.08 16.89 23.48
CA ARG A 1953 22.45 15.52 23.74
C ARG A 1953 23.61 15.13 22.84
N GLU A 1954 24.62 14.49 23.41
CA GLU A 1954 25.88 14.32 22.72
C GLU A 1954 26.03 12.97 22.04
N GLY A 1955 25.09 12.06 22.24
CA GLY A 1955 25.21 10.73 21.65
C GLY A 1955 25.09 10.73 20.14
N ILE A 1956 24.21 11.55 19.60
CA ILE A 1956 23.73 11.39 18.25
C ILE A 1956 24.07 12.63 17.43
N SER A 1957 24.22 12.43 16.12
CA SER A 1957 24.45 13.54 15.21
C SER A 1957 23.12 14.09 14.72
N GLN A 1958 23.12 15.37 14.35
CA GLN A 1958 21.87 16.04 14.02
C GLN A 1958 21.15 15.35 12.87
N GLU A 1959 21.87 14.67 11.99
CA GLU A 1959 21.21 14.03 10.86
C GLU A 1959 20.28 12.90 11.33
N ALA A 1960 20.72 12.10 12.28
CA ALA A 1960 19.95 10.91 12.62
C ALA A 1960 18.64 11.27 13.32
N LEU A 1961 18.62 12.36 14.09
CA LEU A 1961 17.41 12.74 14.78
C LEU A 1961 16.27 13.02 13.81
N HIS A 1962 16.56 13.72 12.73
CA HIS A 1962 15.53 14.03 11.75
C HIS A 1962 14.98 12.75 11.13
N THR A 1963 15.86 11.80 10.80
CA THR A 1963 15.41 10.54 10.20
C THR A 1963 14.37 9.86 11.08
N GLN A 1964 14.65 9.74 12.37
CA GLN A 1964 13.64 9.23 13.30
C GLN A 1964 12.45 10.17 13.37
N MET A 1965 12.72 11.47 13.42
CA MET A 1965 11.65 12.45 13.41
C MET A 1965 10.82 12.34 12.14
N LEU A 1966 11.38 11.72 11.10
CA LEU A 1966 10.65 11.56 9.85
C LEU A 1966 9.82 10.29 9.84
N THR A 1967 10.46 9.12 9.98
CA THR A 1967 9.72 7.86 9.93
C THR A 1967 8.63 7.83 10.98
N ALA A 1968 8.81 8.58 12.06
CA ALA A 1968 7.70 8.81 12.97
C ALA A 1968 6.55 9.49 12.24
N VAL A 1969 6.82 10.59 11.54
CA VAL A 1969 5.74 11.36 10.94
C VAL A 1969 5.08 10.58 9.81
N GLN A 1970 5.88 9.90 8.99
CA GLN A 1970 5.33 9.15 7.86
C GLN A 1970 4.23 8.21 8.31
N GLU A 1971 4.47 7.46 9.40
CA GLU A 1971 3.48 6.51 9.87
C GLU A 1971 2.19 7.21 10.25
N ILE A 1972 2.30 8.38 10.89
CA ILE A 1972 1.10 9.08 11.34
C ILE A 1972 0.19 9.38 10.16
N SER A 1973 0.75 9.92 9.07
CA SER A 1973 -0.07 10.28 7.93
C SER A 1973 -0.61 9.04 7.24
N HIS A 1974 0.08 7.90 7.36
CA HIS A 1974 -0.45 6.67 6.80
C HIS A 1974 -1.63 6.13 7.59
N LEU A 1975 -1.81 6.57 8.83
CA LEU A 1975 -2.93 6.10 9.62
C LEU A 1975 -4.09 7.08 9.67
N ILE A 1976 -3.94 8.27 9.06
CA ILE A 1976 -4.98 9.28 9.17
C ILE A 1976 -6.29 8.77 8.61
N GLU A 1977 -6.28 8.35 7.35
CA GLU A 1977 -7.52 7.94 6.71
C GLU A 1977 -8.14 6.71 7.33
N PRO A 1978 -7.40 5.63 7.63
CA PRO A 1978 -8.04 4.49 8.29
C PRO A 1978 -8.71 4.86 9.60
N LEU A 1979 -8.19 5.87 10.30
CA LEU A 1979 -8.85 6.36 11.50
C LEU A 1979 -10.10 7.14 11.16
N ALA A 1980 -10.02 8.03 10.16
CA ALA A 1980 -11.21 8.77 9.76
C ALA A 1980 -12.27 7.84 9.19
N SER A 1981 -11.85 6.71 8.62
CA SER A 1981 -12.81 5.71 8.18
C SER A 1981 -13.52 5.07 9.37
N ALA A 1982 -12.74 4.62 10.36
CA ALA A 1982 -13.33 3.93 11.50
C ALA A 1982 -14.28 4.84 12.27
N ALA A 1983 -13.91 6.10 12.45
CA ALA A 1983 -14.75 7.01 13.21
C ALA A 1983 -16.12 7.20 12.58
N ARG A 1984 -16.29 6.86 11.30
CA ARG A 1984 -17.58 7.01 10.64
C ARG A 1984 -18.44 5.75 10.75
N ALA A 1985 -17.94 4.62 10.23
CA ALA A 1985 -18.78 3.43 10.09
C ALA A 1985 -18.65 2.47 11.26
N GLU A 1986 -17.47 1.93 11.50
CA GLU A 1986 -17.32 0.81 12.42
C GLU A 1986 -16.45 1.19 13.61
N ALA A 1987 -16.86 0.73 14.79
CA ALA A 1987 -16.16 1.00 16.03
C ALA A 1987 -15.08 -0.02 16.34
N SER A 1988 -15.33 -1.30 16.02
CA SER A 1988 -14.37 -2.34 16.35
C SER A 1988 -12.97 -2.00 15.83
N GLN A 1989 -12.88 -1.50 14.60
CA GLN A 1989 -11.59 -1.10 14.07
C GLN A 1989 -11.05 0.14 14.77
N LEU A 1990 -11.92 1.09 15.13
CA LEU A 1990 -11.45 2.30 15.78
C LEU A 1990 -10.73 1.98 17.07
N GLY A 1991 -11.07 0.86 17.69
CA GLY A 1991 -10.42 0.48 18.93
C GLY A 1991 -8.93 0.26 18.76
N HIS A 1992 -8.52 -0.27 17.61
CA HIS A 1992 -7.11 -0.58 17.42
C HIS A 1992 -6.36 0.58 16.81
N LYS A 1993 -7.03 1.36 15.94
CA LYS A 1993 -6.31 2.35 15.17
C LYS A 1993 -5.76 3.46 16.07
N VAL A 1994 -6.59 4.04 16.93
CA VAL A 1994 -6.12 5.15 17.76
C VAL A 1994 -4.93 4.73 18.60
N SER A 1995 -4.98 3.53 19.18
CA SER A 1995 -3.87 3.07 20.01
C SER A 1995 -2.59 3.00 19.20
N GLN A 1996 -2.70 2.93 17.87
CA GLN A 1996 -1.51 2.97 17.05
C GLN A 1996 -1.07 4.40 16.77
N MET A 1997 -2.02 5.34 16.75
CA MET A 1997 -1.68 6.72 16.42
C MET A 1997 -1.17 7.47 17.64
N ALA A 1998 -1.18 6.83 18.80
CA ALA A 1998 -0.63 7.48 19.99
C ALA A 1998 0.82 7.07 20.19
N GLN A 1999 1.12 5.79 20.05
CA GLN A 1999 2.44 5.29 20.42
C GLN A 1999 3.53 5.85 19.55
N TYR A 2000 3.18 6.50 18.43
CA TYR A 2000 4.20 7.13 17.61
C TYR A 2000 4.62 8.48 18.16
N PHE A 2001 3.91 9.02 19.14
CA PHE A 2001 4.16 10.40 19.54
C PHE A 2001 5.32 10.54 20.50
N GLU A 2002 5.33 9.83 21.61
CA GLU A 2002 6.46 10.04 22.51
C GLU A 2002 7.79 9.74 21.82
N PRO A 2003 7.92 8.71 20.97
CA PRO A 2003 9.17 8.58 20.21
C PRO A 2003 9.41 9.76 19.29
N LEU A 2004 8.36 10.45 18.86
CA LEU A 2004 8.56 11.67 18.09
C LEU A 2004 9.00 12.82 18.97
N THR A 2005 8.19 13.17 19.97
CA THR A 2005 8.49 14.32 20.81
C THR A 2005 9.85 14.19 21.47
N LEU A 2006 10.16 13.00 21.98
CA LEU A 2006 11.50 12.76 22.49
C LEU A 2006 12.55 13.12 21.47
N ALA A 2007 12.34 12.68 20.22
CA ALA A 2007 13.28 13.05 19.17
C ALA A 2007 13.22 14.53 18.86
N ALA A 2008 12.01 15.10 18.81
CA ALA A 2008 11.87 16.51 18.43
C ALA A 2008 12.60 17.42 19.42
N VAL A 2009 12.46 17.16 20.72
CA VAL A 2009 13.19 17.96 21.69
C VAL A 2009 14.68 17.88 21.43
N GLY A 2010 15.18 16.67 21.17
CA GLY A 2010 16.56 16.54 20.75
C GLY A 2010 16.81 17.17 19.39
N ALA A 2011 15.86 17.00 18.47
CA ALA A 2011 16.06 17.50 17.11
C ALA A 2011 16.33 18.99 17.08
N ALA A 2012 15.61 19.77 17.89
CA ALA A 2012 15.86 21.20 17.92
C ALA A 2012 17.02 21.54 18.84
N SER A 2013 17.45 20.58 19.65
CA SER A 2013 18.54 20.85 20.58
C SER A 2013 19.85 21.01 19.84
N LYS A 2014 20.16 20.09 18.93
CA LYS A 2014 21.40 20.18 18.18
C LYS A 2014 21.44 21.42 17.28
N THR A 2015 20.31 21.75 16.65
CA THR A 2015 20.27 22.84 15.69
C THR A 2015 20.76 24.13 16.33
N LEU A 2016 21.54 24.89 15.57
CA LEU A 2016 22.26 26.04 16.10
C LEU A 2016 21.52 27.36 15.93
N SER A 2017 21.05 27.66 14.74
CA SER A 2017 20.32 28.90 14.49
C SER A 2017 19.01 28.87 15.26
N HIS A 2018 18.89 29.72 16.26
CA HIS A 2018 17.71 29.71 17.13
C HIS A 2018 16.38 29.82 16.40
N PRO A 2019 16.21 30.67 15.37
CA PRO A 2019 14.92 30.66 14.67
C PRO A 2019 14.55 29.32 14.08
N GLN A 2020 15.54 28.55 13.63
CA GLN A 2020 15.24 27.23 13.08
C GLN A 2020 14.73 26.28 14.16
N GLN A 2021 15.42 26.22 15.30
CA GLN A 2021 15.02 25.28 16.34
C GLN A 2021 13.65 25.63 16.91
N MET A 2022 13.37 26.92 17.08
CA MET A 2022 12.08 27.30 17.63
C MET A 2022 10.94 26.92 16.70
N ALA A 2023 11.13 27.07 15.39
CA ALA A 2023 10.09 26.67 14.44
C ALA A 2023 10.02 25.15 14.32
N LEU A 2024 11.18 24.48 14.31
CA LEU A 2024 11.19 23.03 14.16
C LEU A 2024 10.33 22.37 15.22
N LEU A 2025 10.33 22.91 16.44
CA LEU A 2025 9.44 22.40 17.47
C LEU A 2025 8.01 22.84 17.22
N ASP A 2026 7.82 24.11 16.83
CA ASP A 2026 6.47 24.65 16.72
C ASP A 2026 5.62 23.86 15.73
N GLN A 2027 6.19 23.53 14.58
CA GLN A 2027 5.46 22.72 13.60
C GLN A 2027 5.14 21.35 14.17
N THR A 2028 6.08 20.75 14.91
CA THR A 2028 5.77 19.54 15.63
C THR A 2028 4.66 19.76 16.65
N LYS A 2029 4.74 20.86 17.40
CA LYS A 2029 3.71 21.16 18.38
C LYS A 2029 2.34 21.25 17.72
N THR A 2030 2.29 21.80 16.51
CA THR A 2030 1.03 21.85 15.78
C THR A 2030 0.54 20.45 15.44
N LEU A 2031 1.46 19.57 15.05
CA LEU A 2031 1.09 18.22 14.62
C LEU A 2031 0.30 17.50 15.71
N ALA A 2032 0.84 17.46 16.93
CA ALA A 2032 0.11 16.85 18.02
C ALA A 2032 -1.18 17.62 18.32
N GLU A 2033 -1.10 18.95 18.35
CA GLU A 2033 -2.27 19.75 18.68
C GLU A 2033 -3.44 19.43 17.76
N SER A 2034 -3.19 19.37 16.46
CA SER A 2034 -4.24 18.96 15.55
C SER A 2034 -4.65 17.52 15.81
N ALA A 2035 -3.67 16.63 15.98
CA ALA A 2035 -3.98 15.23 16.23
C ALA A 2035 -4.89 15.09 17.44
N LEU A 2036 -4.65 15.86 18.49
CA LEU A 2036 -5.55 15.87 19.62
C LEU A 2036 -6.95 16.29 19.20
N GLN A 2037 -7.05 17.35 18.40
CA GLN A 2037 -8.35 17.81 17.95
C GLN A 2037 -9.10 16.70 17.22
N LEU A 2038 -8.40 15.95 16.37
CA LEU A 2038 -9.03 14.82 15.68
C LEU A 2038 -9.55 13.79 16.68
N LEU A 2039 -8.74 13.46 17.69
CA LEU A 2039 -9.11 12.40 18.61
C LEU A 2039 -10.37 12.77 19.39
N TYR A 2040 -10.53 14.04 19.74
CA TYR A 2040 -11.77 14.47 20.38
C TYR A 2040 -12.97 14.13 19.50
N THR A 2041 -12.92 14.53 18.23
CA THR A 2041 -14.03 14.28 17.34
C THR A 2041 -14.31 12.79 17.17
N ALA A 2042 -13.24 12.00 17.01
CA ALA A 2042 -13.42 10.56 16.84
C ALA A 2042 -14.17 9.96 18.02
N LYS A 2043 -13.79 10.34 19.25
CA LYS A 2043 -14.56 9.94 20.42
C LYS A 2043 -16.03 10.29 20.25
N GLU A 2044 -16.32 11.53 19.85
CA GLU A 2044 -17.70 11.92 19.60
C GLU A 2044 -18.25 11.19 18.38
N ALA A 2045 -17.39 10.96 17.39
CA ALA A 2045 -17.82 10.17 16.24
C ALA A 2045 -18.12 8.74 16.64
N GLY A 2046 -17.25 8.15 17.46
CA GLY A 2046 -17.51 6.85 18.04
C GLY A 2046 -17.90 5.76 17.07
N GLY A 2047 -17.69 5.96 15.78
CA GLY A 2047 -18.16 4.99 14.80
C GLY A 2047 -19.65 4.83 14.79
N ASN A 2048 -20.39 5.92 14.90
CA ASN A 2048 -21.84 5.87 14.96
C ASN A 2048 -22.44 6.34 13.65
N PRO A 2049 -23.16 5.49 12.91
CA PRO A 2049 -23.82 5.96 11.69
C PRO A 2049 -24.91 6.97 11.93
N LYS A 2050 -25.44 7.07 13.15
CA LYS A 2050 -26.59 7.92 13.43
C LYS A 2050 -26.21 9.36 13.74
N GLN A 2051 -24.93 9.66 13.97
CA GLN A 2051 -24.56 11.03 14.28
C GLN A 2051 -24.76 11.93 13.06
N ALA A 2052 -25.28 13.13 13.31
CA ALA A 2052 -25.66 14.02 12.23
C ALA A 2052 -24.47 14.80 11.72
N ALA A 2053 -24.73 15.65 10.70
CA ALA A 2053 -23.66 16.36 10.03
C ALA A 2053 -22.95 17.34 10.96
N HIS A 2054 -23.63 17.84 11.99
CA HIS A 2054 -22.97 18.76 12.92
C HIS A 2054 -21.80 18.08 13.61
N THR A 2055 -21.91 16.77 13.83
CA THR A 2055 -20.77 16.01 14.34
C THR A 2055 -19.93 15.44 13.20
N GLN A 2056 -20.58 14.94 12.15
CA GLN A 2056 -19.87 14.33 11.04
C GLN A 2056 -18.94 15.32 10.35
N GLU A 2057 -19.42 16.54 10.13
CA GLU A 2057 -18.57 17.54 9.48
C GLU A 2057 -17.31 17.80 10.29
N ALA A 2058 -17.43 17.83 11.62
CA ALA A 2058 -16.29 18.14 12.46
C ALA A 2058 -15.15 17.16 12.23
N LEU A 2059 -15.48 15.87 12.06
CA LEU A 2059 -14.46 14.87 11.74
C LEU A 2059 -13.70 15.26 10.49
N GLU A 2060 -14.42 15.53 9.40
CA GLU A 2060 -13.76 15.77 8.12
C GLU A 2060 -12.92 17.05 8.16
N GLU A 2061 -13.49 18.13 8.68
CA GLU A 2061 -12.73 19.37 8.75
C GLU A 2061 -11.57 19.26 9.74
N ALA A 2062 -11.61 18.27 10.63
CA ALA A 2062 -10.47 18.03 11.50
C ALA A 2062 -9.33 17.36 10.75
N VAL A 2063 -9.67 16.37 9.91
CA VAL A 2063 -8.64 15.64 9.17
C VAL A 2063 -7.82 16.60 8.32
N GLN A 2064 -8.49 17.56 7.68
CA GLN A 2064 -7.78 18.47 6.79
C GLN A 2064 -6.78 19.33 7.57
N MET A 2065 -7.12 19.74 8.79
CA MET A 2065 -6.18 20.54 9.57
C MET A 2065 -4.91 19.76 9.87
N MET A 2066 -5.03 18.45 10.07
CA MET A 2066 -3.83 17.67 10.37
C MET A 2066 -3.17 17.13 9.10
N THR A 2067 -3.96 16.76 8.10
CA THR A 2067 -3.36 16.25 6.88
C THR A 2067 -2.41 17.26 6.27
N GLU A 2068 -2.81 18.54 6.24
CA GLU A 2068 -1.90 19.55 5.72
C GLU A 2068 -0.82 19.88 6.75
N ALA A 2069 -1.04 19.50 8.01
CA ALA A 2069 0.00 19.69 9.01
C ALA A 2069 1.19 18.78 8.75
N VAL A 2070 0.92 17.50 8.49
CA VAL A 2070 1.98 16.56 8.16
C VAL A 2070 2.74 17.05 6.94
N GLU A 2071 2.03 17.59 5.96
CA GLU A 2071 2.67 18.14 4.79
C GLU A 2071 3.59 19.30 5.16
N ASP A 2072 3.15 20.16 6.08
CA ASP A 2072 4.00 21.27 6.51
C ASP A 2072 5.26 20.75 7.19
N LEU A 2073 5.13 19.73 8.03
CA LEU A 2073 6.29 19.23 8.75
C LEU A 2073 7.21 18.42 7.85
N THR A 2074 6.63 17.56 7.00
CA THR A 2074 7.46 16.66 6.20
C THR A 2074 8.37 17.46 5.27
N THR A 2075 7.94 18.64 4.85
CA THR A 2075 8.86 19.52 4.12
C THR A 2075 9.99 19.98 5.02
N THR A 2076 9.66 20.50 6.21
CA THR A 2076 10.65 21.14 7.05
C THR A 2076 11.76 20.16 7.44
N LEU A 2077 11.45 18.86 7.41
CA LEU A 2077 12.49 17.86 7.59
C LEU A 2077 13.22 17.59 6.28
N ASN A 2078 12.49 17.18 5.25
CA ASN A 2078 13.11 16.88 3.97
C ASN A 2078 13.98 18.03 3.50
N GLU A 2079 13.44 19.26 3.52
CA GLU A 2079 14.23 20.41 3.11
C GLU A 2079 15.46 20.56 3.98
N ALA A 2080 15.30 20.49 5.30
CA ALA A 2080 16.45 20.62 6.18
C ALA A 2080 17.36 19.41 6.08
N ALA A 2081 16.86 18.31 5.53
CA ALA A 2081 17.71 17.16 5.24
C ALA A 2081 18.39 17.29 3.88
N SER A 2082 18.11 18.36 3.14
CA SER A 2082 18.72 18.55 1.84
C SER A 2082 19.84 19.57 1.86
N ALA A 2083 19.72 20.63 2.66
CA ALA A 2083 20.80 21.59 2.78
C ALA A 2083 22.09 20.88 3.17
N ALA A 2084 22.03 20.05 4.19
CA ALA A 2084 23.14 19.15 4.47
C ALA A 2084 23.21 18.10 3.37
N GLY A 2085 24.41 17.56 3.18
CA GLY A 2085 24.63 16.69 2.05
C GLY A 2085 23.91 15.36 2.13
N VAL A 2086 23.25 15.06 3.24
CA VAL A 2086 22.67 13.73 3.42
C VAL A 2086 21.57 13.51 2.40
N VAL A 2087 21.56 12.32 1.81
CA VAL A 2087 20.48 11.92 0.92
C VAL A 2087 19.88 10.61 1.40
N GLY A 2088 18.87 10.72 2.23
CA GLY A 2088 18.16 9.58 2.77
C GLY A 2088 16.72 10.01 2.91
N GLY A 2089 15.79 9.14 2.58
CA GLY A 2089 14.42 9.57 2.39
C GLY A 2089 14.13 9.98 0.97
N MET A 2090 14.90 10.91 0.40
CA MET A 2090 14.87 11.11 -1.04
C MET A 2090 15.14 9.79 -1.75
N VAL A 2091 16.16 9.06 -1.29
CA VAL A 2091 16.44 7.74 -1.83
C VAL A 2091 15.48 6.72 -1.24
N ASP A 2092 14.54 7.16 -0.41
CA ASP A 2092 13.57 6.23 0.14
C ASP A 2092 12.18 6.51 -0.39
N SER A 2093 11.77 7.78 -0.42
CA SER A 2093 10.47 8.12 -0.98
C SER A 2093 10.34 7.65 -2.41
N ILE A 2094 11.46 7.54 -3.13
CA ILE A 2094 11.43 6.93 -4.45
C ILE A 2094 11.27 5.41 -4.33
N THR A 2095 12.21 4.75 -3.64
CA THR A 2095 12.17 3.29 -3.55
C THR A 2095 10.90 2.81 -2.88
N GLN A 2096 10.09 3.72 -2.36
CA GLN A 2096 8.79 3.32 -1.84
C GLN A 2096 7.68 3.65 -2.83
N ALA A 2097 7.67 4.87 -3.36
CA ALA A 2097 6.65 5.24 -4.33
C ALA A 2097 6.80 4.45 -5.62
N ILE A 2098 7.82 3.59 -5.68
CA ILE A 2098 7.84 2.56 -6.72
C ILE A 2098 7.00 1.37 -6.29
N ASN A 2099 7.10 0.97 -5.03
CA ASN A 2099 6.35 -0.18 -4.57
C ASN A 2099 4.87 0.14 -4.39
N GLN A 2100 4.57 1.33 -3.87
CA GLN A 2100 3.17 1.75 -3.77
C GLN A 2100 2.48 1.68 -5.12
N LEU A 2101 3.27 1.69 -6.19
CA LEU A 2101 2.70 1.76 -7.53
C LEU A 2101 2.15 0.42 -7.97
N ASP A 2102 2.54 -0.66 -7.30
CA ASP A 2102 2.27 -1.98 -7.84
C ASP A 2102 1.00 -2.61 -7.30
N GLU A 2103 0.65 -2.33 -6.04
CA GLU A 2103 -0.40 -3.06 -5.37
C GLU A 2103 -1.52 -2.14 -4.92
N GLY A 2104 -2.72 -2.70 -4.81
CA GLY A 2104 -3.87 -1.99 -4.32
C GLY A 2104 -5.14 -2.27 -5.11
N PRO A 2105 -6.09 -1.36 -5.05
CA PRO A 2105 -7.32 -1.49 -5.84
C PRO A 2105 -7.25 -0.75 -7.16
N MET A 2106 -7.82 -1.37 -8.19
CA MET A 2106 -7.93 -0.80 -9.51
C MET A 2106 -9.40 -0.74 -9.92
N GLY A 2107 -10.00 0.44 -9.81
CA GLY A 2107 -11.42 0.59 -10.06
C GLY A 2107 -11.82 1.84 -10.80
N ASP A 2108 -10.85 2.49 -11.47
CA ASP A 2108 -11.07 3.68 -12.27
C ASP A 2108 -11.67 4.84 -11.49
N PRO A 2109 -10.90 5.51 -10.65
CA PRO A 2109 -11.38 6.75 -10.00
C PRO A 2109 -11.59 7.84 -11.04
N GLU A 2110 -11.92 9.03 -10.56
CA GLU A 2110 -12.34 10.13 -11.40
C GLU A 2110 -11.33 10.40 -12.52
N GLY A 2111 -11.80 11.07 -13.55
CA GLY A 2111 -10.94 11.40 -14.68
C GLY A 2111 -10.97 10.34 -15.76
N SER A 2112 -10.81 10.80 -16.99
CA SER A 2112 -10.70 9.91 -18.14
C SER A 2112 -9.26 9.40 -18.23
N PHE A 2113 -8.93 8.75 -19.34
CA PHE A 2113 -7.52 8.52 -19.64
C PHE A 2113 -6.88 9.76 -20.24
N VAL A 2114 -7.69 10.73 -20.66
CA VAL A 2114 -7.12 11.94 -21.23
C VAL A 2114 -6.63 12.87 -20.14
N ASP A 2115 -7.52 13.30 -19.26
CA ASP A 2115 -7.16 14.32 -18.29
C ASP A 2115 -6.07 13.84 -17.33
N TYR A 2116 -5.83 12.54 -17.25
CA TYR A 2116 -4.55 12.08 -16.71
C TYR A 2116 -3.40 12.44 -17.64
N GLN A 2117 -3.54 12.11 -18.93
CA GLN A 2117 -2.42 12.24 -19.83
C GLN A 2117 -2.04 13.70 -20.05
N THR A 2118 -2.95 14.62 -19.78
CA THR A 2118 -2.60 16.02 -19.96
C THR A 2118 -1.74 16.54 -18.82
N THR A 2119 -1.94 16.04 -17.60
CA THR A 2119 -1.10 16.47 -16.48
C THR A 2119 0.12 15.59 -16.35
N MET A 2120 -0.07 14.27 -16.39
CA MET A 2120 1.04 13.34 -16.25
C MET A 2120 2.17 13.65 -17.21
N VAL A 2121 1.88 13.98 -18.47
CA VAL A 2121 2.92 14.45 -19.36
C VAL A 2121 3.53 15.74 -18.83
N ARG A 2122 2.70 16.67 -18.36
CA ARG A 2122 3.23 17.93 -17.85
C ARG A 2122 4.20 17.69 -16.71
N THR A 2123 3.86 16.78 -15.79
CA THR A 2123 4.79 16.40 -14.75
C THR A 2123 6.05 15.77 -15.33
N ALA A 2124 5.90 14.89 -16.31
CA ALA A 2124 7.05 14.23 -16.91
C ALA A 2124 8.06 15.23 -17.42
N LYS A 2125 7.59 16.38 -17.88
CA LYS A 2125 8.51 17.42 -18.34
C LYS A 2125 9.33 17.97 -17.19
N ALA A 2126 8.73 18.09 -16.00
CA ALA A 2126 9.43 18.71 -14.88
C ALA A 2126 10.65 17.91 -14.47
N ILE A 2127 10.53 16.59 -14.38
CA ILE A 2127 11.69 15.78 -14.03
C ILE A 2127 12.64 15.68 -15.20
N ALA A 2128 12.22 16.14 -16.37
CA ALA A 2128 13.15 16.30 -17.47
C ALA A 2128 13.87 17.64 -17.39
N VAL A 2129 13.09 18.72 -17.20
CA VAL A 2129 13.71 20.04 -17.13
C VAL A 2129 14.59 20.15 -15.90
N THR A 2130 14.45 19.21 -14.95
CA THR A 2130 15.22 19.30 -13.73
C THR A 2130 16.60 18.66 -13.87
N VAL A 2131 16.67 17.50 -14.52
CA VAL A 2131 17.96 16.85 -14.64
C VAL A 2131 18.90 17.68 -15.50
N GLN A 2132 18.39 18.34 -16.52
CA GLN A 2132 19.23 19.25 -17.29
C GLN A 2132 19.52 20.52 -16.52
N GLU A 2133 18.69 20.81 -15.51
CA GLU A 2133 18.99 21.90 -14.58
C GLU A 2133 19.98 21.42 -13.53
N MET A 2134 20.25 20.11 -13.48
CA MET A 2134 21.19 19.58 -12.51
C MET A 2134 22.59 19.49 -13.10
N VAL A 2135 22.68 19.13 -14.38
CA VAL A 2135 23.99 18.97 -15.01
C VAL A 2135 24.76 20.27 -14.95
N THR A 2136 24.10 21.38 -15.26
CA THR A 2136 24.78 22.68 -15.27
C THR A 2136 25.29 23.04 -13.88
N LYS A 2137 24.48 22.81 -12.84
CA LYS A 2137 24.89 23.18 -11.49
C LYS A 2137 26.11 22.41 -11.03
N SER A 2138 26.34 21.21 -11.56
CA SER A 2138 27.49 20.43 -11.13
C SER A 2138 28.79 21.16 -11.42
N ASN A 2139 28.92 21.72 -12.62
CA ASN A 2139 30.11 22.49 -12.95
C ASN A 2139 30.08 23.86 -12.28
N THR A 2140 28.93 24.53 -12.32
CA THR A 2140 28.86 25.92 -11.89
C THR A 2140 29.02 26.07 -10.39
N SER A 2141 28.08 25.51 -9.63
CA SER A 2141 28.00 25.76 -8.19
C SER A 2141 27.39 24.54 -7.53
N PRO A 2142 28.19 23.56 -7.13
CA PRO A 2142 27.65 22.27 -6.70
C PRO A 2142 26.89 22.31 -5.40
N GLU A 2143 26.93 23.42 -4.66
CA GLU A 2143 26.26 23.42 -3.36
C GLU A 2143 24.74 23.43 -3.50
N GLU A 2144 24.20 23.69 -4.68
CA GLU A 2144 22.76 23.74 -4.86
C GLU A 2144 22.16 22.40 -5.26
N LEU A 2145 22.97 21.35 -5.43
CA LEU A 2145 22.43 20.08 -5.84
C LEU A 2145 21.45 19.52 -4.83
N GLY A 2146 21.48 19.99 -3.59
CA GLY A 2146 20.59 19.49 -2.59
C GLY A 2146 19.14 19.71 -2.95
N PRO A 2147 18.70 20.97 -2.94
CA PRO A 2147 17.27 21.23 -3.18
C PRO A 2147 16.78 20.71 -4.51
N LEU A 2148 17.62 20.70 -5.54
CA LEU A 2148 17.21 20.13 -6.81
C LEU A 2148 16.91 18.64 -6.68
N ALA A 2149 17.81 17.89 -6.02
CA ALA A 2149 17.55 16.49 -5.80
C ALA A 2149 16.25 16.29 -5.03
N ASN A 2150 15.97 17.18 -4.08
CA ASN A 2150 14.68 17.12 -3.39
C ASN A 2150 13.54 17.38 -4.36
N GLN A 2151 13.65 18.44 -5.17
CA GLN A 2151 12.57 18.78 -6.07
C GLN A 2151 12.37 17.68 -7.12
N LEU A 2152 13.43 16.97 -7.46
CA LEU A 2152 13.29 15.78 -8.28
C LEU A 2152 12.42 14.73 -7.60
N THR A 2153 12.85 14.24 -6.45
CA THR A 2153 12.20 13.08 -5.86
C THR A 2153 10.79 13.41 -5.39
N SER A 2154 10.48 14.68 -5.17
CA SER A 2154 9.12 15.04 -4.84
C SER A 2154 8.22 14.89 -6.05
N ASP A 2155 8.63 15.44 -7.19
CA ASP A 2155 7.81 15.34 -8.39
C ASP A 2155 7.61 13.90 -8.81
N TYR A 2156 8.66 13.10 -8.75
CA TYR A 2156 8.52 11.68 -9.06
C TYR A 2156 7.53 11.02 -8.12
N GLY A 2157 7.26 11.64 -6.97
CA GLY A 2157 6.12 11.22 -6.18
C GLY A 2157 4.81 11.46 -6.91
N ARG A 2158 4.65 12.65 -7.50
CA ARG A 2158 3.42 12.94 -8.21
C ARG A 2158 3.27 12.05 -9.44
N LEU A 2159 4.33 11.90 -10.24
CA LEU A 2159 4.25 11.05 -11.42
C LEU A 2159 4.01 9.60 -11.02
N ALA A 2160 4.36 9.22 -9.80
CA ALA A 2160 3.99 7.90 -9.33
C ALA A 2160 2.52 7.79 -9.00
N SER A 2161 1.95 8.81 -8.36
CA SER A 2161 0.58 8.71 -7.86
C SER A 2161 -0.41 8.50 -9.00
N GLN A 2162 -0.37 9.32 -10.04
CA GLN A 2162 -1.34 9.22 -11.10
C GLN A 2162 -1.10 8.04 -12.03
N ALA A 2163 0.01 7.32 -11.86
CA ALA A 2163 0.36 6.32 -12.85
C ALA A 2163 -0.66 5.18 -12.87
N LYS A 2164 -0.85 4.49 -11.74
CA LYS A 2164 -1.78 3.36 -11.77
C LYS A 2164 -3.21 3.77 -12.11
N PRO A 2165 -3.76 4.88 -11.58
CA PRO A 2165 -5.08 5.28 -12.07
C PRO A 2165 -5.08 5.55 -13.56
N ALA A 2166 -3.97 6.04 -14.11
CA ALA A 2166 -3.87 6.17 -15.55
C ALA A 2166 -3.86 4.80 -16.22
N ALA A 2167 -3.13 3.85 -15.64
CA ALA A 2167 -3.05 2.53 -16.25
C ALA A 2167 -4.41 1.87 -16.32
N VAL A 2168 -5.20 1.97 -15.25
CA VAL A 2168 -6.51 1.35 -15.25
C VAL A 2168 -7.49 2.05 -16.17
N ALA A 2169 -7.41 3.37 -16.30
CA ALA A 2169 -8.36 4.12 -17.11
C ALA A 2169 -8.00 4.14 -18.59
N ALA A 2170 -6.89 3.54 -18.97
CA ALA A 2170 -6.58 3.40 -20.39
C ALA A 2170 -7.43 2.32 -21.01
N GLU A 2171 -7.69 2.46 -22.30
CA GLU A 2171 -8.58 1.52 -22.98
C GLU A 2171 -8.03 0.11 -23.03
N ASN A 2172 -6.74 -0.06 -23.26
CA ASN A 2172 -6.14 -1.37 -23.41
C ASN A 2172 -5.18 -1.62 -22.27
N GLU A 2173 -5.28 -2.82 -21.69
CA GLU A 2173 -4.37 -3.19 -20.60
C GLU A 2173 -2.92 -3.01 -21.00
N GLU A 2174 -2.58 -3.26 -22.26
CA GLU A 2174 -1.19 -3.12 -22.69
C GLU A 2174 -0.73 -1.68 -22.59
N ILE A 2175 -1.60 -0.75 -22.97
CA ILE A 2175 -1.27 0.67 -22.83
C ILE A 2175 -1.08 1.01 -21.36
N GLY A 2176 -1.99 0.51 -20.52
CA GLY A 2176 -1.88 0.79 -19.10
C GLY A 2176 -0.60 0.24 -18.50
N ALA A 2177 -0.36 -1.06 -18.64
CA ALA A 2177 0.80 -1.66 -18.00
C ALA A 2177 2.09 -0.98 -18.44
N HIS A 2178 2.15 -0.51 -19.68
CA HIS A 2178 3.37 0.15 -20.13
C HIS A 2178 3.56 1.49 -19.45
N ILE A 2179 2.50 2.27 -19.29
CA ILE A 2179 2.65 3.55 -18.61
C ILE A 2179 3.16 3.34 -17.19
N LYS A 2180 2.81 2.21 -16.59
CA LYS A 2180 3.41 1.86 -15.31
C LYS A 2180 4.88 1.49 -15.49
N HIS A 2181 5.16 0.44 -16.27
CA HIS A 2181 6.49 -0.14 -16.28
C HIS A 2181 7.55 0.84 -16.76
N ARG A 2182 7.16 1.85 -17.54
CA ARG A 2182 8.12 2.90 -17.83
C ARG A 2182 8.39 3.76 -16.62
N VAL A 2183 7.35 4.10 -15.86
CA VAL A 2183 7.55 4.89 -14.64
C VAL A 2183 8.49 4.17 -13.69
N GLN A 2184 8.30 2.86 -13.54
CA GLN A 2184 9.21 2.11 -12.70
C GLN A 2184 10.63 2.15 -13.22
N GLU A 2185 10.83 1.87 -14.51
CA GLU A 2185 12.19 1.85 -15.03
C GLU A 2185 12.76 3.26 -15.05
N LEU A 2186 11.92 4.27 -14.81
CA LEU A 2186 12.41 5.59 -14.45
C LEU A 2186 12.85 5.64 -12.99
N GLY A 2187 12.22 4.83 -12.14
CA GLY A 2187 12.53 4.89 -10.73
C GLY A 2187 13.98 4.54 -10.43
N HIS A 2188 14.44 3.39 -10.91
CA HIS A 2188 15.81 2.98 -10.64
C HIS A 2188 16.79 4.01 -11.18
N GLY A 2189 16.37 4.78 -12.18
CA GLY A 2189 17.24 5.83 -12.67
C GLY A 2189 17.45 6.94 -11.66
N CYS A 2190 16.36 7.43 -11.07
CA CYS A 2190 16.49 8.54 -10.14
C CYS A 2190 17.22 8.12 -8.87
N SER A 2191 16.93 6.94 -8.33
CA SER A 2191 17.59 6.51 -7.11
C SER A 2191 19.11 6.52 -7.29
N ALA A 2192 19.58 6.00 -8.42
CA ALA A 2192 21.02 6.08 -8.69
C ALA A 2192 21.45 7.52 -8.89
N LEU A 2193 20.61 8.33 -9.54
CA LEU A 2193 20.97 9.72 -9.76
C LEU A 2193 21.11 10.47 -8.45
N VAL A 2194 20.10 10.39 -7.59
CA VAL A 2194 20.08 11.25 -6.41
C VAL A 2194 21.19 10.85 -5.44
N THR A 2195 21.47 9.55 -5.33
CA THR A 2195 22.56 9.12 -4.45
C THR A 2195 23.87 9.75 -4.86
N LYS A 2196 24.16 9.77 -6.16
CA LYS A 2196 25.31 10.54 -6.63
C LYS A 2196 25.11 12.02 -6.36
N ALA A 2197 23.90 12.53 -6.63
CA ALA A 2197 23.69 13.97 -6.62
C ALA A 2197 24.10 14.59 -5.29
N GLY A 2198 23.63 14.05 -4.19
CA GLY A 2198 24.08 14.55 -2.90
C GLY A 2198 25.55 14.27 -2.67
N ALA A 2199 26.00 13.07 -3.03
CA ALA A 2199 27.37 12.67 -2.74
C ALA A 2199 28.37 13.65 -3.35
N LEU A 2200 27.99 14.30 -4.44
CA LEU A 2200 28.84 15.36 -4.97
C LEU A 2200 28.92 16.53 -4.02
N GLN A 2201 27.80 16.86 -3.36
CA GLN A 2201 27.79 18.03 -2.50
C GLN A 2201 28.73 17.87 -1.31
N CYS A 2202 29.02 16.63 -0.92
CA CYS A 2202 30.01 16.38 0.11
C CYS A 2202 31.39 16.16 -0.47
N SER A 2203 31.57 16.40 -1.77
CA SER A 2203 32.89 16.45 -2.40
C SER A 2203 32.80 17.42 -3.56
N PRO A 2204 32.54 18.70 -3.28
CA PRO A 2204 32.19 19.63 -4.36
C PRO A 2204 33.26 19.79 -5.41
N SER A 2205 34.49 19.44 -5.09
CA SER A 2205 35.59 19.54 -6.04
C SER A 2205 36.24 18.19 -6.34
N ASP A 2206 35.51 17.10 -6.20
CA ASP A 2206 35.97 15.82 -6.74
C ASP A 2206 35.82 15.86 -8.25
N VAL A 2207 36.65 15.08 -8.95
CA VAL A 2207 36.55 15.05 -10.40
C VAL A 2207 35.89 13.79 -10.91
N TYR A 2208 36.01 12.68 -10.19
CA TYR A 2208 35.52 11.42 -10.72
C TYR A 2208 34.07 11.14 -10.35
N THR A 2209 33.59 11.74 -9.27
CA THR A 2209 32.15 11.73 -9.00
C THR A 2209 31.41 12.72 -9.87
N LYS A 2210 32.04 13.85 -10.19
CA LYS A 2210 31.42 14.80 -11.11
C LYS A 2210 31.25 14.18 -12.48
N LYS A 2211 31.95 13.08 -12.75
CA LYS A 2211 31.73 12.33 -13.98
C LYS A 2211 30.46 11.50 -13.90
N GLU A 2212 30.39 10.58 -12.93
CA GLU A 2212 29.28 9.65 -12.87
C GLU A 2212 27.95 10.36 -12.66
N LEU A 2213 27.98 11.58 -12.11
CA LEU A 2213 26.76 12.38 -12.10
C LEU A 2213 26.30 12.69 -13.51
N ILE A 2214 27.20 13.19 -14.35
CA ILE A 2214 26.81 13.58 -15.69
C ILE A 2214 26.35 12.37 -16.50
N GLU A 2215 27.09 11.27 -16.41
CA GLU A 2215 26.68 10.07 -17.14
C GLU A 2215 25.34 9.55 -16.65
N CYS A 2216 25.11 9.56 -15.33
CA CYS A 2216 23.80 9.12 -14.84
C CYS A 2216 22.73 10.15 -15.17
N ALA A 2217 23.07 11.44 -15.13
CA ALA A 2217 22.08 12.46 -15.45
C ALA A 2217 21.51 12.25 -16.85
N ARG A 2218 22.31 11.72 -17.76
CA ARG A 2218 21.78 11.37 -19.07
C ARG A 2218 20.82 10.18 -18.97
N ARG A 2219 21.11 9.24 -18.08
CA ARG A 2219 20.31 8.01 -18.02
C ARG A 2219 18.87 8.31 -17.68
N VAL A 2220 18.63 9.17 -16.69
CA VAL A 2220 17.26 9.51 -16.35
C VAL A 2220 16.59 10.29 -17.46
N SER A 2221 17.30 11.25 -18.08
CA SER A 2221 16.71 12.05 -19.13
C SER A 2221 16.23 11.18 -20.27
N GLU A 2222 17.00 10.15 -20.61
CA GLU A 2222 16.56 9.18 -21.60
C GLU A 2222 15.30 8.47 -21.15
N LYS A 2223 15.27 8.04 -19.89
CA LYS A 2223 14.13 7.27 -19.40
C LYS A 2223 12.84 8.08 -19.47
N VAL A 2224 12.91 9.37 -19.14
CA VAL A 2224 11.74 10.22 -19.25
C VAL A 2224 11.20 10.19 -20.66
N SER A 2225 12.09 10.24 -21.65
CA SER A 2225 11.66 10.13 -23.04
C SER A 2225 10.91 8.83 -23.27
N HIS A 2226 11.34 7.74 -22.64
CA HIS A 2226 10.59 6.49 -22.75
C HIS A 2226 9.21 6.63 -22.14
N VAL A 2227 9.14 7.10 -20.89
CA VAL A 2227 7.83 7.18 -20.24
C VAL A 2227 6.95 8.21 -20.93
N LEU A 2228 7.56 9.23 -21.52
CA LEU A 2228 6.79 10.12 -22.37
C LEU A 2228 6.27 9.36 -23.59
N ALA A 2229 7.11 8.48 -24.15
CA ALA A 2229 6.70 7.73 -25.33
C ALA A 2229 5.52 6.82 -25.02
N ALA A 2230 5.57 6.10 -23.90
CA ALA A 2230 4.43 5.28 -23.55
C ALA A 2230 3.20 6.13 -23.29
N LEU A 2231 3.39 7.36 -22.82
CA LEU A 2231 2.24 8.26 -22.71
C LEU A 2231 1.71 8.65 -24.09
N GLN A 2232 2.54 8.52 -25.13
CA GLN A 2232 2.05 8.81 -26.47
C GLN A 2232 1.29 7.63 -27.05
N ALA A 2233 1.26 6.52 -26.34
CA ALA A 2233 0.45 5.40 -26.80
C ALA A 2233 -0.97 5.54 -26.41
N GLY A 2234 -1.41 6.72 -26.00
CA GLY A 2234 -2.82 6.94 -25.75
C GLY A 2234 -3.54 7.51 -26.95
N ASN A 2235 -4.20 6.65 -27.73
CA ASN A 2235 -4.94 7.12 -28.90
C ASN A 2235 -6.03 8.09 -28.48
N ARG A 2236 -6.71 7.79 -27.38
CA ARG A 2236 -7.54 8.79 -26.73
C ARG A 2236 -6.67 9.97 -26.32
N GLY A 2237 -7.08 11.17 -26.71
CA GLY A 2237 -6.16 12.28 -26.59
C GLY A 2237 -4.95 12.06 -27.47
N THR A 2238 -4.09 13.08 -27.56
CA THR A 2238 -2.90 12.92 -28.37
C THR A 2238 -1.83 13.93 -27.99
N GLN A 2239 -0.56 13.53 -28.04
CA GLN A 2239 0.52 14.50 -27.91
C GLN A 2239 0.36 15.60 -28.95
N ALA A 2240 -0.23 15.28 -30.10
CA ALA A 2240 -0.64 16.31 -31.03
C ALA A 2240 -1.60 17.29 -30.37
N CYS A 2241 -2.50 16.79 -29.54
CA CYS A 2241 -3.36 17.70 -28.78
C CYS A 2241 -2.54 18.52 -27.80
N ILE A 2242 -1.69 17.87 -27.00
CA ILE A 2242 -0.94 18.59 -25.98
C ILE A 2242 0.12 19.48 -26.62
N THR A 2243 1.06 18.87 -27.36
CA THR A 2243 2.23 19.60 -27.84
C THR A 2243 1.81 20.84 -28.63
N ALA A 2244 0.76 20.72 -29.43
CA ALA A 2244 0.26 21.89 -30.15
C ALA A 2244 -0.08 23.01 -29.19
N ALA A 2245 -0.87 22.71 -28.15
CA ALA A 2245 -1.23 23.73 -27.18
C ALA A 2245 0.00 24.35 -26.55
N SER A 2246 0.97 23.52 -26.16
CA SER A 2246 2.23 24.04 -25.68
C SER A 2246 2.93 24.87 -26.75
N ALA A 2247 2.97 24.36 -27.98
CA ALA A 2247 3.66 25.09 -29.05
C ALA A 2247 2.98 26.41 -29.34
N VAL A 2248 1.66 26.39 -29.55
CA VAL A 2248 0.95 27.61 -29.89
C VAL A 2248 1.06 28.62 -28.75
N SER A 2249 1.14 28.13 -27.51
CA SER A 2249 1.39 29.08 -26.39
C SER A 2249 2.82 29.59 -26.51
N GLY A 2250 3.75 28.74 -26.95
CA GLY A 2250 5.14 29.19 -27.24
C GLY A 2250 5.13 30.19 -28.37
N ILE A 2251 4.29 29.98 -29.39
CA ILE A 2251 4.14 30.96 -30.51
C ILE A 2251 3.59 32.25 -29.92
N ILE A 2252 2.64 32.15 -28.98
CA ILE A 2252 2.13 33.38 -28.28
C ILE A 2252 3.30 34.02 -27.53
N ALA A 2253 4.16 33.22 -26.88
CA ALA A 2253 5.36 33.77 -26.22
C ALA A 2253 6.30 34.40 -27.25
N ASP A 2254 6.47 33.77 -28.41
CA ASP A 2254 7.29 34.36 -29.50
C ASP A 2254 6.63 35.66 -29.95
N LEU A 2255 5.30 35.67 -30.05
CA LEU A 2255 4.54 36.91 -30.38
C LEU A 2255 4.76 37.91 -29.26
N ASP A 2256 4.79 37.46 -28.00
CA ASP A 2256 5.08 38.37 -26.85
C ASP A 2256 6.48 38.94 -27.02
N THR A 2257 7.46 38.14 -27.47
CA THR A 2257 8.81 38.68 -27.73
C THR A 2257 8.72 39.73 -28.86
N THR A 2258 7.93 39.45 -29.91
CA THR A 2258 7.70 40.49 -30.97
C THR A 2258 6.98 41.67 -30.32
N ILE A 2259 6.03 41.41 -29.41
CA ILE A 2259 5.27 42.49 -28.70
C ILE A 2259 6.27 43.31 -27.88
N MET A 2260 7.24 42.66 -27.22
CA MET A 2260 8.28 43.39 -26.44
C MET A 2260 9.03 44.35 -27.38
N PHE A 2261 9.41 43.90 -28.57
CA PHE A 2261 10.08 44.72 -29.57
C PHE A 2261 9.12 45.75 -30.15
N ALA A 2262 7.88 45.34 -30.41
CA ALA A 2262 6.86 46.31 -30.84
C ALA A 2262 6.65 47.37 -29.76
N THR A 2263 6.60 46.96 -28.50
CA THR A 2263 6.56 47.93 -27.41
C THR A 2263 7.84 48.75 -27.37
N ALA A 2264 8.99 48.10 -27.55
CA ALA A 2264 10.26 48.81 -27.53
C ALA A 2264 10.52 49.62 -28.79
N GLY A 2265 9.77 49.37 -29.86
CA GLY A 2265 10.00 50.08 -31.10
C GLY A 2265 11.25 49.68 -31.85
N THR A 2266 11.89 48.59 -31.44
CA THR A 2266 13.11 48.15 -32.13
C THR A 2266 12.77 47.45 -33.45
N LEU A 2267 11.60 46.81 -33.54
CA LEU A 2267 11.26 46.02 -34.70
C LEU A 2267 10.97 46.94 -35.88
N ASN A 2268 11.98 47.21 -36.70
CA ASN A 2268 11.91 48.20 -37.76
C ASN A 2268 11.88 47.51 -39.12
N ARG A 2269 11.48 48.28 -40.12
CA ARG A 2269 11.37 47.77 -41.48
C ARG A 2269 12.74 47.57 -42.10
N GLU A 2270 12.83 46.56 -42.97
CA GLU A 2270 14.06 46.26 -43.69
C GLU A 2270 13.85 46.51 -45.17
N GLY A 2271 14.58 47.47 -45.72
CA GLY A 2271 14.47 47.79 -47.14
C GLY A 2271 13.12 48.40 -47.48
N ALA A 2272 12.59 47.99 -48.63
CA ALA A 2272 11.34 48.48 -49.16
C ALA A 2272 10.35 47.34 -49.39
N GLU A 2273 10.24 46.45 -48.41
CA GLU A 2273 9.32 45.33 -48.51
C GLU A 2273 7.89 45.82 -48.70
N THR A 2274 7.20 45.27 -49.70
CA THR A 2274 5.81 45.60 -49.92
C THR A 2274 4.93 44.85 -48.92
N PHE A 2275 3.62 44.93 -49.13
CA PHE A 2275 2.66 44.39 -48.19
C PHE A 2275 1.77 43.30 -48.78
N ALA A 2276 1.43 43.43 -50.07
CA ALA A 2276 0.60 42.41 -50.71
C ALA A 2276 1.27 41.04 -50.65
N ASP A 2277 2.60 41.02 -50.70
CA ASP A 2277 3.34 39.78 -50.48
C ASP A 2277 2.96 39.15 -49.15
N HIS A 2278 2.92 39.94 -48.09
CA HIS A 2278 2.52 39.42 -46.79
C HIS A 2278 1.03 39.09 -46.76
N ARG A 2279 0.19 39.99 -47.25
CA ARG A 2279 -1.25 39.76 -47.23
C ARG A 2279 -1.60 38.48 -47.97
N GLU A 2280 -1.15 38.35 -49.21
CA GLU A 2280 -1.48 37.18 -50.01
C GLU A 2280 -0.91 35.91 -49.37
N GLY A 2281 0.34 35.96 -48.90
CA GLY A 2281 0.87 34.84 -48.15
C GLY A 2281 0.02 34.50 -46.94
N ILE A 2282 -0.45 35.52 -46.24
CA ILE A 2282 -1.42 35.31 -45.17
C ILE A 2282 -2.71 34.72 -45.74
N LEU A 2283 -3.15 35.22 -46.90
CA LEU A 2283 -4.42 34.78 -47.45
C LEU A 2283 -4.44 33.28 -47.69
N LYS A 2284 -3.38 32.73 -48.29
CA LYS A 2284 -3.31 31.28 -48.43
C LYS A 2284 -3.36 30.61 -47.07
N THR A 2285 -2.41 30.96 -46.20
CA THR A 2285 -2.32 30.32 -44.89
C THR A 2285 -3.64 30.40 -44.15
N ALA A 2286 -4.25 31.60 -44.13
CA ALA A 2286 -5.52 31.76 -43.44
C ALA A 2286 -6.57 30.80 -43.97
N LYS A 2287 -6.74 30.75 -45.30
CA LYS A 2287 -7.71 29.81 -45.85
C LYS A 2287 -7.19 28.38 -45.77
N VAL A 2288 -5.86 28.20 -45.80
CA VAL A 2288 -5.31 26.90 -45.48
C VAL A 2288 -5.64 26.53 -44.04
N LEU A 2289 -5.54 27.51 -43.14
CA LEU A 2289 -5.84 27.26 -41.73
C LEU A 2289 -7.28 26.81 -41.54
N VAL A 2290 -8.23 27.47 -42.22
CA VAL A 2290 -9.63 27.11 -42.03
C VAL A 2290 -9.92 25.74 -42.63
N GLU A 2291 -9.35 25.44 -43.80
CA GLU A 2291 -9.47 24.08 -44.33
C GLU A 2291 -8.77 23.09 -43.41
N ASP A 2292 -7.58 23.45 -42.91
CA ASP A 2292 -6.94 22.62 -41.90
C ASP A 2292 -7.79 22.55 -40.65
N THR A 2293 -8.48 23.64 -40.31
CA THR A 2293 -9.42 23.58 -39.21
C THR A 2293 -10.54 22.60 -39.49
N LYS A 2294 -11.08 22.62 -40.72
CA LYS A 2294 -12.18 21.72 -41.05
C LYS A 2294 -11.76 20.26 -40.92
N VAL A 2295 -10.60 19.90 -41.50
CA VAL A 2295 -10.13 18.53 -41.35
C VAL A 2295 -9.79 18.26 -39.88
N LEU A 2296 -9.35 19.29 -39.16
CA LEU A 2296 -9.13 19.13 -37.72
C LEU A 2296 -10.44 18.84 -37.00
N VAL A 2297 -11.46 19.68 -37.22
CA VAL A 2297 -12.69 19.54 -36.47
C VAL A 2297 -13.43 18.27 -36.87
N GLN A 2298 -13.39 17.91 -38.15
CA GLN A 2298 -14.08 16.70 -38.59
C GLN A 2298 -13.41 15.44 -38.07
N ASN A 2299 -12.18 15.55 -37.58
CA ASN A 2299 -11.45 14.39 -37.09
C ASN A 2299 -11.62 14.16 -35.60
N ALA A 2300 -12.54 14.89 -34.95
CA ALA A 2300 -12.74 14.70 -33.52
C ALA A 2300 -13.15 13.26 -33.19
N ALA A 2301 -13.67 12.54 -34.16
CA ALA A 2301 -13.89 11.10 -34.05
C ALA A 2301 -13.12 10.45 -35.19
N GLY A 2302 -12.17 9.60 -34.86
CA GLY A 2302 -11.39 8.92 -35.87
C GLY A 2302 -10.08 8.42 -35.29
N SER A 2303 -9.29 7.79 -36.16
CA SER A 2303 -7.98 7.32 -35.76
C SER A 2303 -7.10 8.48 -35.37
N GLN A 2304 -6.22 8.23 -34.39
CA GLN A 2304 -5.33 9.28 -33.91
C GLN A 2304 -4.49 9.86 -35.03
N GLU A 2305 -4.16 9.05 -36.02
CA GLU A 2305 -3.19 9.47 -37.03
C GLU A 2305 -3.64 10.74 -37.74
N LYS A 2306 -4.84 10.72 -38.31
CA LYS A 2306 -5.29 11.85 -39.12
C LYS A 2306 -5.39 13.12 -38.29
N LEU A 2307 -5.98 13.03 -37.10
CA LEU A 2307 -6.04 14.20 -36.23
C LEU A 2307 -4.65 14.63 -35.80
N ALA A 2308 -3.70 13.69 -35.76
CA ALA A 2308 -2.33 14.07 -35.45
C ALA A 2308 -1.75 14.98 -36.53
N GLN A 2309 -1.86 14.58 -37.80
CA GLN A 2309 -1.47 15.48 -38.87
C GLN A 2309 -2.31 16.75 -38.83
N ALA A 2310 -3.61 16.61 -38.55
CA ALA A 2310 -4.47 17.77 -38.43
C ALA A 2310 -3.89 18.78 -37.45
N ALA A 2311 -3.53 18.31 -36.26
CA ALA A 2311 -2.83 19.19 -35.32
C ALA A 2311 -1.47 19.60 -35.86
N GLN A 2312 -0.71 18.64 -36.39
CA GLN A 2312 0.58 18.97 -36.97
C GLN A 2312 0.42 19.94 -38.13
N SER A 2313 -0.68 19.80 -38.88
CA SER A 2313 -1.01 20.82 -39.88
C SER A 2313 -1.30 22.15 -39.20
N SER A 2314 -2.03 22.11 -38.09
CA SER A 2314 -2.36 23.35 -37.39
C SER A 2314 -1.11 24.05 -36.90
N VAL A 2315 -0.19 23.30 -36.28
CA VAL A 2315 1.04 23.92 -35.79
C VAL A 2315 1.88 24.41 -36.97
N ALA A 2316 1.86 23.68 -38.08
CA ALA A 2316 2.52 24.18 -39.28
C ALA A 2316 1.88 25.49 -39.75
N THR A 2317 0.55 25.50 -39.85
CA THR A 2317 -0.12 26.70 -40.37
C THR A 2317 0.19 27.93 -39.53
N ILE A 2318 0.18 27.77 -38.21
CA ILE A 2318 0.40 28.93 -37.35
C ILE A 2318 1.83 29.41 -37.44
N THR A 2319 2.81 28.50 -37.46
CA THR A 2319 4.19 28.94 -37.51
C THR A 2319 4.54 29.56 -38.85
N ARG A 2320 4.03 28.99 -39.95
CA ARG A 2320 4.18 29.65 -41.25
C ARG A 2320 3.49 31.00 -41.23
N LEU A 2321 2.30 31.06 -40.65
CA LEU A 2321 1.65 32.35 -40.44
C LEU A 2321 2.50 33.23 -39.52
N ALA A 2322 3.02 32.66 -38.45
CA ALA A 2322 3.87 33.42 -37.53
C ALA A 2322 5.08 33.98 -38.24
N ASP A 2323 5.60 33.26 -39.23
CA ASP A 2323 6.72 33.75 -40.00
C ASP A 2323 6.34 35.00 -40.79
N VAL A 2324 5.24 34.91 -41.55
CA VAL A 2324 4.89 36.01 -42.45
C VAL A 2324 4.37 37.22 -41.70
N VAL A 2325 3.65 37.02 -40.59
CA VAL A 2325 3.05 38.16 -39.89
C VAL A 2325 4.13 39.09 -39.35
N LYS A 2326 5.18 38.52 -38.75
CA LYS A 2326 6.26 39.38 -38.26
C LYS A 2326 6.98 40.06 -39.42
N LEU A 2327 7.12 39.36 -40.54
CA LEU A 2327 7.59 40.02 -41.76
C LEU A 2327 6.59 41.07 -42.22
N GLY A 2328 5.29 40.74 -42.16
CA GLY A 2328 4.28 41.71 -42.51
C GLY A 2328 4.23 42.87 -41.54
N ALA A 2329 4.34 42.59 -40.24
CA ALA A 2329 4.34 43.66 -39.25
C ALA A 2329 5.56 44.55 -39.42
N ALA A 2330 6.72 43.96 -39.69
CA ALA A 2330 7.93 44.75 -39.93
C ALA A 2330 7.78 45.61 -41.18
N SER A 2331 6.93 45.19 -42.12
CA SER A 2331 6.76 45.93 -43.36
C SER A 2331 6.25 47.35 -43.14
N LEU A 2332 5.60 47.62 -42.01
CA LEU A 2332 5.26 48.98 -41.64
C LEU A 2332 6.37 49.67 -40.85
N GLY A 2333 7.23 48.91 -40.18
CA GLY A 2333 8.25 49.49 -39.33
C GLY A 2333 7.70 49.88 -37.98
N ALA A 2334 8.56 50.02 -36.98
CA ALA A 2334 8.12 50.44 -35.67
C ALA A 2334 7.84 51.94 -35.59
N GLU A 2335 7.94 52.66 -36.71
CA GLU A 2335 7.53 54.06 -36.73
C GLU A 2335 6.02 54.21 -36.52
N ASP A 2336 5.25 53.15 -36.78
CA ASP A 2336 3.82 53.11 -36.47
C ASP A 2336 3.54 51.85 -35.68
N PRO A 2337 4.05 51.76 -34.46
CA PRO A 2337 3.93 50.51 -33.69
C PRO A 2337 2.49 50.11 -33.39
N GLU A 2338 1.62 51.08 -33.10
CA GLU A 2338 0.24 50.76 -32.74
C GLU A 2338 -0.49 50.06 -33.88
N THR A 2339 -0.18 50.40 -35.13
CA THR A 2339 -0.69 49.62 -36.25
C THR A 2339 -0.18 48.19 -36.17
N GLN A 2340 1.11 48.01 -35.89
CA GLN A 2340 1.67 46.69 -35.74
C GLN A 2340 1.05 45.95 -34.56
N VAL A 2341 0.80 46.67 -33.47
CA VAL A 2341 0.32 46.04 -32.23
C VAL A 2341 -0.95 45.23 -32.50
N VAL A 2342 -2.01 45.89 -32.97
CA VAL A 2342 -3.27 45.18 -33.17
C VAL A 2342 -3.10 44.05 -34.15
N LEU A 2343 -2.28 44.25 -35.19
CA LEU A 2343 -2.04 43.19 -36.16
C LEU A 2343 -1.38 41.99 -35.50
N ILE A 2344 -0.29 42.20 -34.78
CA ILE A 2344 0.33 41.10 -34.06
C ILE A 2344 -0.56 40.63 -32.93
N ASN A 2345 -1.37 41.54 -32.37
CA ASN A 2345 -2.35 41.13 -31.37
C ASN A 2345 -3.47 40.31 -32.00
N ALA A 2346 -3.75 40.54 -33.28
CA ALA A 2346 -4.79 39.78 -33.95
C ALA A 2346 -4.44 38.30 -34.00
N VAL A 2347 -3.29 37.97 -34.61
CA VAL A 2347 -2.83 36.59 -34.61
C VAL A 2347 -2.59 36.12 -33.18
N LYS A 2348 -2.08 37.00 -32.31
CA LYS A 2348 -1.98 36.68 -30.89
C LYS A 2348 -3.30 36.19 -30.34
N ASP A 2349 -4.40 36.82 -30.74
CA ASP A 2349 -5.71 36.31 -30.35
C ASP A 2349 -6.11 35.09 -31.17
N VAL A 2350 -5.78 35.08 -32.46
CA VAL A 2350 -6.16 33.97 -33.31
C VAL A 2350 -5.48 32.68 -32.84
N ALA A 2351 -4.17 32.73 -32.66
CA ALA A 2351 -3.45 31.55 -32.17
C ALA A 2351 -4.03 31.07 -30.85
N LYS A 2352 -4.37 32.01 -29.96
CA LYS A 2352 -5.05 31.64 -28.72
C LYS A 2352 -6.31 30.84 -29.00
N ALA A 2353 -7.13 31.31 -29.95
CA ALA A 2353 -8.34 30.58 -30.31
C ALA A 2353 -7.99 29.18 -30.82
N LEU A 2354 -6.91 29.08 -31.59
CA LEU A 2354 -6.49 27.76 -32.05
C LEU A 2354 -6.23 26.85 -30.86
N GLY A 2355 -5.45 27.32 -29.88
CA GLY A 2355 -5.22 26.52 -28.69
C GLY A 2355 -6.51 26.15 -27.99
N ASP A 2356 -7.41 27.11 -27.85
CA ASP A 2356 -8.71 26.80 -27.29
C ASP A 2356 -9.44 25.76 -28.13
N LEU A 2357 -9.37 25.91 -29.46
CA LEU A 2357 -9.86 24.85 -30.33
C LEU A 2357 -9.13 23.54 -30.05
N ILE A 2358 -7.81 23.59 -29.95
CA ILE A 2358 -7.04 22.39 -29.64
C ILE A 2358 -7.49 21.82 -28.30
N SER A 2359 -7.55 22.67 -27.28
CA SER A 2359 -7.96 22.19 -25.96
C SER A 2359 -9.37 21.61 -26.01
N ALA A 2360 -10.28 22.28 -26.72
CA ALA A 2360 -11.59 21.70 -26.95
C ALA A 2360 -11.48 20.41 -27.76
N THR A 2361 -10.61 20.40 -28.77
CA THR A 2361 -10.42 19.19 -29.56
C THR A 2361 -9.93 18.04 -28.70
N LYS A 2362 -8.98 18.32 -27.81
CA LYS A 2362 -8.52 17.31 -26.86
C LYS A 2362 -9.68 16.76 -26.05
N ALA A 2363 -10.51 17.66 -25.52
CA ALA A 2363 -11.68 17.21 -24.77
C ALA A 2363 -12.71 16.55 -25.67
N ALA A 2364 -12.67 16.80 -26.97
CA ALA A 2364 -13.65 16.25 -27.92
C ALA A 2364 -12.93 15.24 -28.79
N ALA A 2365 -12.82 14.02 -28.30
CA ALA A 2365 -12.18 12.92 -29.01
C ALA A 2365 -12.70 11.62 -28.41
N GLY A 2366 -12.95 10.64 -29.27
CA GLY A 2366 -13.59 9.43 -28.80
C GLY A 2366 -14.95 9.74 -28.19
N LYS A 2367 -15.65 10.69 -28.80
CA LYS A 2367 -16.92 11.19 -28.30
C LYS A 2367 -18.08 10.71 -29.16
N VAL A 2368 -19.28 10.78 -28.58
CA VAL A 2368 -20.51 10.46 -29.30
C VAL A 2368 -20.88 11.65 -30.17
N GLY A 2369 -21.83 11.45 -31.09
CA GLY A 2369 -22.22 12.52 -31.98
C GLY A 2369 -22.90 13.68 -31.29
N ASP A 2370 -23.49 13.46 -30.11
CA ASP A 2370 -24.22 14.50 -29.40
C ASP A 2370 -23.60 14.80 -28.04
N ASP A 2371 -22.29 14.67 -27.91
CA ASP A 2371 -21.62 14.98 -26.65
C ASP A 2371 -21.70 16.48 -26.38
N PRO A 2372 -21.81 16.88 -25.11
CA PRO A 2372 -21.87 18.33 -24.81
C PRO A 2372 -20.68 19.11 -25.35
N ALA A 2373 -19.55 18.46 -25.58
CA ALA A 2373 -18.37 19.17 -26.06
C ALA A 2373 -18.40 19.38 -27.57
N VAL A 2374 -19.14 18.54 -28.29
CA VAL A 2374 -19.06 18.60 -29.75
C VAL A 2374 -19.57 19.94 -30.26
N TRP A 2375 -20.69 20.43 -29.71
CA TRP A 2375 -21.12 21.78 -30.08
C TRP A 2375 -20.11 22.81 -29.60
N GLN A 2376 -19.53 22.58 -28.42
CA GLN A 2376 -18.43 23.42 -27.97
C GLN A 2376 -17.31 23.43 -29.00
N LEU A 2377 -17.11 22.30 -29.69
CA LEU A 2377 -16.11 22.25 -30.74
C LEU A 2377 -16.48 23.17 -31.90
N LYS A 2378 -17.71 23.03 -32.42
CA LYS A 2378 -18.10 23.90 -33.53
C LYS A 2378 -18.06 25.37 -33.15
N ASN A 2379 -18.51 25.72 -31.95
CA ASN A 2379 -18.36 27.09 -31.47
C ASN A 2379 -16.90 27.51 -31.54
N SER A 2380 -16.02 26.70 -30.98
CA SER A 2380 -14.59 26.98 -31.09
C SER A 2380 -14.13 26.96 -32.54
N ALA A 2381 -14.64 26.01 -33.32
CA ALA A 2381 -14.36 26.00 -34.75
C ALA A 2381 -14.79 27.31 -35.38
N LYS A 2382 -16.01 27.75 -35.09
CA LYS A 2382 -16.47 29.05 -35.57
C LYS A 2382 -15.63 30.18 -34.99
N VAL A 2383 -15.21 30.03 -33.73
CA VAL A 2383 -14.32 31.02 -33.13
C VAL A 2383 -13.08 31.20 -33.99
N MET A 2384 -12.46 30.11 -34.40
CA MET A 2384 -11.39 30.19 -35.38
C MET A 2384 -11.87 30.82 -36.67
N VAL A 2385 -13.04 30.40 -37.16
CA VAL A 2385 -13.54 30.94 -38.41
C VAL A 2385 -13.78 32.44 -38.30
N THR A 2386 -14.41 32.88 -37.21
CA THR A 2386 -14.72 34.31 -37.08
C THR A 2386 -13.45 35.11 -36.82
N ASN A 2387 -12.51 34.56 -36.04
CA ASN A 2387 -11.29 35.30 -35.75
C ASN A 2387 -10.45 35.50 -37.01
N VAL A 2388 -10.35 34.45 -37.84
CA VAL A 2388 -9.52 34.57 -39.04
C VAL A 2388 -10.15 35.55 -40.03
N THR A 2389 -11.48 35.53 -40.16
CA THR A 2389 -12.13 36.55 -40.98
C THR A 2389 -11.94 37.94 -40.40
N SER A 2390 -12.08 38.05 -39.07
CA SER A 2390 -11.74 39.30 -38.41
C SER A 2390 -10.27 39.64 -38.64
N LEU A 2391 -9.41 38.62 -38.61
CA LEU A 2391 -8.01 38.82 -38.96
C LEU A 2391 -7.87 39.32 -40.39
N LEU A 2392 -8.59 38.68 -41.32
CA LEU A 2392 -8.46 39.04 -42.74
C LEU A 2392 -8.85 40.50 -42.96
N LYS A 2393 -9.98 40.91 -42.39
CA LYS A 2393 -10.39 42.31 -42.50
C LYS A 2393 -9.37 43.22 -41.81
N THR A 2394 -8.83 42.77 -40.67
CA THR A 2394 -7.93 43.61 -39.89
C THR A 2394 -6.73 44.04 -40.73
N VAL A 2395 -6.04 43.09 -41.36
CA VAL A 2395 -4.95 43.44 -42.25
C VAL A 2395 -5.48 44.17 -43.48
N LYS A 2396 -6.70 43.83 -43.91
CA LYS A 2396 -7.25 44.44 -45.11
C LYS A 2396 -7.53 45.92 -44.90
N ALA A 2397 -7.66 46.35 -43.65
CA ALA A 2397 -7.97 47.73 -43.33
C ALA A 2397 -6.75 48.53 -42.88
N VAL A 2398 -5.66 47.87 -42.50
CA VAL A 2398 -4.45 48.58 -42.12
C VAL A 2398 -3.55 48.86 -43.32
N GLU A 2399 -3.90 48.32 -44.50
CA GLU A 2399 -3.13 48.58 -45.70
C GLU A 2399 -3.02 50.08 -45.98
N ASP A 2400 -4.03 50.84 -45.58
CA ASP A 2400 -4.00 52.29 -45.63
C ASP A 2400 -3.80 52.82 -44.22
N GLU A 2401 -3.78 54.14 -44.09
CA GLU A 2401 -3.63 54.78 -42.79
C GLU A 2401 -4.84 54.55 -41.89
#